data_5QHQ
# 
_entry.id   5QHQ 
# 
_audit_conform.dict_name       mmcif_pdbx.dic 
_audit_conform.dict_version    5.397 
_audit_conform.dict_location   http://mmcif.pdb.org/dictionaries/ascii/mmcif_pdbx.dic 
# 
loop_
_database_2.database_id 
_database_2.database_code 
_database_2.pdbx_database_accession 
_database_2.pdbx_DOI 
PDB   5QHQ         pdb_00005qhq 10.2210/pdb5qhq/pdb 
WWPDB D_1001401963 ?            ?                   
# 
loop_
_pdbx_audit_revision_history.ordinal 
_pdbx_audit_revision_history.data_content_type 
_pdbx_audit_revision_history.major_revision 
_pdbx_audit_revision_history.minor_revision 
_pdbx_audit_revision_history.revision_date 
1 'Structure model' 1 0 2018-12-19 
2 'Structure model' 1 1 2024-10-09 
# 
_pdbx_audit_revision_details.ordinal             1 
_pdbx_audit_revision_details.revision_ordinal    1 
_pdbx_audit_revision_details.data_content_type   'Structure model' 
_pdbx_audit_revision_details.provider            repository 
_pdbx_audit_revision_details.type                'Initial release' 
_pdbx_audit_revision_details.description         ? 
_pdbx_audit_revision_details.details             ? 
# 
loop_
_pdbx_audit_revision_group.ordinal 
_pdbx_audit_revision_group.revision_ordinal 
_pdbx_audit_revision_group.data_content_type 
_pdbx_audit_revision_group.group 
1 2 'Structure model' 'Data collection'     
2 2 'Structure model' 'Database references' 
3 2 'Structure model' 'Structure summary'   
# 
loop_
_pdbx_audit_revision_category.ordinal 
_pdbx_audit_revision_category.revision_ordinal 
_pdbx_audit_revision_category.data_content_type 
_pdbx_audit_revision_category.category 
1 2 'Structure model' chem_comp_atom            
2 2 'Structure model' chem_comp_bond            
3 2 'Structure model' database_2                
4 2 'Structure model' pdbx_entry_details        
5 2 'Structure model' pdbx_modification_feature 
# 
loop_
_pdbx_audit_revision_item.ordinal 
_pdbx_audit_revision_item.revision_ordinal 
_pdbx_audit_revision_item.data_content_type 
_pdbx_audit_revision_item.item 
1 2 'Structure model' '_database_2.pdbx_DOI'                
2 2 'Structure model' '_database_2.pdbx_database_accession' 
# 
_pdbx_database_status.entry_id                        5QHQ 
_pdbx_database_status.status_code                     REL 
_pdbx_database_status.status_code_sf                  REL 
_pdbx_database_status.status_code_mr                  ? 
_pdbx_database_status.status_code_cs                  ? 
_pdbx_database_status.recvd_initial_deposition_date   2018-05-18 
_pdbx_database_status.deposit_site                    RCSB 
_pdbx_database_status.process_site                    RCSB 
_pdbx_database_status.SG_entry                        ? 
_pdbx_database_status.pdb_format_compatible           Y 
_pdbx_database_status.methods_development_category    ? 
_pdbx_database_status.status_code_nmr_data            ? 
# 
loop_
_audit_author.name 
_audit_author.pdbx_ordinal 
_audit_author.identifier_ORCID 
'Pinkas, D.M.'     1  ? 
'Bufton, J.C.'     2  ? 
'Fox, A.E.'        3  ? 
'Talon, R.'        4  ? 
'Krojer, T.'       5  ? 
'Douangamath, A.'  6  ? 
'Collins, P.'      7  ? 
'Zhang, R.'        8  ? 
'von Delft, F.'    9  ? 
'Bountra, C.'      10 ? 
'Arrowsmith, C.H.' 11 ? 
'Edwards, A.'      12 ? 
'Bullock, A.N.'    13 ? 
# 
_citation.id                        primary 
_citation.title                     'PanDDA analysis group deposition of models with modelled events (e.g. bound ligands)' 
_citation.journal_abbrev            'To Be Published' 
_citation.journal_volume            ? 
_citation.page_first                ? 
_citation.page_last                 ? 
_citation.year                      ? 
_citation.journal_id_ASTM           ? 
_citation.country                   ? 
_citation.journal_id_ISSN           ? 
_citation.journal_id_CSD            0353 
_citation.book_publisher            ? 
_citation.pdbx_database_id_PubMed   ? 
_citation.pdbx_database_id_DOI      ? 
# 
loop_
_citation_author.citation_id 
_citation_author.name 
_citation_author.ordinal 
_citation_author.identifier_ORCID 
primary 'Pinkas, D.M.'     1  ? 
primary 'Bufton, J.C.'     2  ? 
primary 'Fox, A.E.'        3  ? 
primary 'Talon, R.'        4  ? 
primary 'Krojer, T.'       5  ? 
primary 'Douangamath, A.'  6  ? 
primary 'Collins, P.'      7  ? 
primary 'Zhang, R.'        8  ? 
primary 'von Delft, F.'    9  ? 
primary 'Bountra, C.'      10 ? 
primary 'Arrowsmith, C.H.' 11 ? 
primary 'Edwards, A.'      12 ? 
primary 'Bullock, A.N.'    13 ? 
# 
loop_
_entity.id 
_entity.type 
_entity.src_method 
_entity.pdbx_description 
_entity.formula_weight 
_entity.pdbx_number_of_molecules 
_entity.pdbx_ec 
_entity.pdbx_mutation 
_entity.pdbx_fragment 
_entity.details 
1 polymer     man 'Protein FAM83B'                          20783.109 1  ? ? ? ? 
2 non-polymer syn 1,2-ETHANEDIOL                            62.068    2  ? ? ? ? 
3 non-polymer syn '1-[(4-fluorophenyl)methyl]benzimidazole' 226.249   2  ? ? ? ? 
4 water       nat water                                     18.015    88 ? ? ? ? 
# 
_entity_poly.entity_id                      1 
_entity_poly.type                           'polypeptide(L)' 
_entity_poly.nstd_linkage                   no 
_entity_poly.nstd_monomer                   no 
_entity_poly.pdbx_seq_one_letter_code       
;SMGGTHIDLLFHPPRAHLLTIKETIRKMIKEARKVIALVMDIFTDVDIFKEIVEASTRGVSVYILLDESNFNHFLNMTEK
QGCSVQRLRNIRVRTVKGQDYLSKTGAKFHGKMEQKFLLVDCQKVMYGSYSYMWSFEKAHLSMVQIITGQLVESFDEEFR
TLYARSCVPSSFAQEESARV
;
_entity_poly.pdbx_seq_one_letter_code_can   
;SMGGTHIDLLFHPPRAHLLTIKETIRKMIKEARKVIALVMDIFTDVDIFKEIVEASTRGVSVYILLDESNFNHFLNMTEK
QGCSVQRLRNIRVRTVKGQDYLSKTGAKFHGKMEQKFLLVDCQKVMYGSYSYMWSFEKAHLSMVQIITGQLVESFDEEFR
TLYARSCVPSSFAQEESARV
;
_entity_poly.pdbx_strand_id                 A 
_entity_poly.pdbx_target_identifier         ? 
# 
loop_
_pdbx_entity_nonpoly.entity_id 
_pdbx_entity_nonpoly.name 
_pdbx_entity_nonpoly.comp_id 
2 1,2-ETHANEDIOL                            EDO 
3 '1-[(4-fluorophenyl)methyl]benzimidazole' GQP 
4 water                                     HOH 
# 
loop_
_entity_poly_seq.entity_id 
_entity_poly_seq.num 
_entity_poly_seq.mon_id 
_entity_poly_seq.hetero 
1 1   SER n 
1 2   MET n 
1 3   GLY n 
1 4   GLY n 
1 5   THR n 
1 6   HIS n 
1 7   ILE n 
1 8   ASP n 
1 9   LEU n 
1 10  LEU n 
1 11  PHE n 
1 12  HIS n 
1 13  PRO n 
1 14  PRO n 
1 15  ARG n 
1 16  ALA n 
1 17  HIS n 
1 18  LEU n 
1 19  LEU n 
1 20  THR n 
1 21  ILE n 
1 22  LYS n 
1 23  GLU n 
1 24  THR n 
1 25  ILE n 
1 26  ARG n 
1 27  LYS n 
1 28  MET n 
1 29  ILE n 
1 30  LYS n 
1 31  GLU n 
1 32  ALA n 
1 33  ARG n 
1 34  LYS n 
1 35  VAL n 
1 36  ILE n 
1 37  ALA n 
1 38  LEU n 
1 39  VAL n 
1 40  MET n 
1 41  ASP n 
1 42  ILE n 
1 43  PHE n 
1 44  THR n 
1 45  ASP n 
1 46  VAL n 
1 47  ASP n 
1 48  ILE n 
1 49  PHE n 
1 50  LYS n 
1 51  GLU n 
1 52  ILE n 
1 53  VAL n 
1 54  GLU n 
1 55  ALA n 
1 56  SER n 
1 57  THR n 
1 58  ARG n 
1 59  GLY n 
1 60  VAL n 
1 61  SER n 
1 62  VAL n 
1 63  TYR n 
1 64  ILE n 
1 65  LEU n 
1 66  LEU n 
1 67  ASP n 
1 68  GLU n 
1 69  SER n 
1 70  ASN n 
1 71  PHE n 
1 72  ASN n 
1 73  HIS n 
1 74  PHE n 
1 75  LEU n 
1 76  ASN n 
1 77  MET n 
1 78  THR n 
1 79  GLU n 
1 80  LYS n 
1 81  GLN n 
1 82  GLY n 
1 83  CYS n 
1 84  SER n 
1 85  VAL n 
1 86  GLN n 
1 87  ARG n 
1 88  LEU n 
1 89  ARG n 
1 90  ASN n 
1 91  ILE n 
1 92  ARG n 
1 93  VAL n 
1 94  ARG n 
1 95  THR n 
1 96  VAL n 
1 97  LYS n 
1 98  GLY n 
1 99  GLN n 
1 100 ASP n 
1 101 TYR n 
1 102 LEU n 
1 103 SER n 
1 104 LYS n 
1 105 THR n 
1 106 GLY n 
1 107 ALA n 
1 108 LYS n 
1 109 PHE n 
1 110 HIS n 
1 111 GLY n 
1 112 LYS n 
1 113 MET n 
1 114 GLU n 
1 115 GLN n 
1 116 LYS n 
1 117 PHE n 
1 118 LEU n 
1 119 LEU n 
1 120 VAL n 
1 121 ASP n 
1 122 CYS n 
1 123 GLN n 
1 124 LYS n 
1 125 VAL n 
1 126 MET n 
1 127 TYR n 
1 128 GLY n 
1 129 SER n 
1 130 TYR n 
1 131 SER n 
1 132 TYR n 
1 133 MET n 
1 134 TRP n 
1 135 SER n 
1 136 PHE n 
1 137 GLU n 
1 138 LYS n 
1 139 ALA n 
1 140 HIS n 
1 141 LEU n 
1 142 SER n 
1 143 MET n 
1 144 VAL n 
1 145 GLN n 
1 146 ILE n 
1 147 ILE n 
1 148 THR n 
1 149 GLY n 
1 150 GLN n 
1 151 LEU n 
1 152 VAL n 
1 153 GLU n 
1 154 SER n 
1 155 PHE n 
1 156 ASP n 
1 157 GLU n 
1 158 GLU n 
1 159 PHE n 
1 160 ARG n 
1 161 THR n 
1 162 LEU n 
1 163 TYR n 
1 164 ALA n 
1 165 ARG n 
1 166 SER n 
1 167 CYS n 
1 168 VAL n 
1 169 PRO n 
1 170 SER n 
1 171 SER n 
1 172 PHE n 
1 173 ALA n 
1 174 GLN n 
1 175 GLU n 
1 176 GLU n 
1 177 SER n 
1 178 ALA n 
1 179 ARG n 
1 180 VAL n 
# 
_entity_src_gen.entity_id                          1 
_entity_src_gen.pdbx_src_id                        1 
_entity_src_gen.pdbx_alt_source_flag               sample 
_entity_src_gen.pdbx_seq_type                      'Biological sequence' 
_entity_src_gen.pdbx_beg_seq_num                   1 
_entity_src_gen.pdbx_end_seq_num                   180 
_entity_src_gen.gene_src_common_name               Human 
_entity_src_gen.gene_src_genus                     ? 
_entity_src_gen.pdbx_gene_src_gene                 'FAM83B, C6orf143' 
_entity_src_gen.gene_src_species                   ? 
_entity_src_gen.gene_src_strain                    ? 
_entity_src_gen.gene_src_tissue                    ? 
_entity_src_gen.gene_src_tissue_fraction           ? 
_entity_src_gen.gene_src_details                   ? 
_entity_src_gen.pdbx_gene_src_fragment             ? 
_entity_src_gen.pdbx_gene_src_scientific_name      'Homo sapiens' 
_entity_src_gen.pdbx_gene_src_ncbi_taxonomy_id     9606 
_entity_src_gen.pdbx_gene_src_variant              ? 
_entity_src_gen.pdbx_gene_src_cell_line            ? 
_entity_src_gen.pdbx_gene_src_atcc                 ? 
_entity_src_gen.pdbx_gene_src_organ                ? 
_entity_src_gen.pdbx_gene_src_organelle            ? 
_entity_src_gen.pdbx_gene_src_cell                 ? 
_entity_src_gen.pdbx_gene_src_cellular_location    ? 
_entity_src_gen.host_org_common_name               ? 
_entity_src_gen.pdbx_host_org_scientific_name      'Escherichia coli' 
_entity_src_gen.pdbx_host_org_ncbi_taxonomy_id     562 
_entity_src_gen.host_org_genus                     ? 
_entity_src_gen.pdbx_host_org_gene                 ? 
_entity_src_gen.pdbx_host_org_organ                ? 
_entity_src_gen.host_org_species                   ? 
_entity_src_gen.pdbx_host_org_tissue               ? 
_entity_src_gen.pdbx_host_org_tissue_fraction      ? 
_entity_src_gen.pdbx_host_org_strain               ? 
_entity_src_gen.pdbx_host_org_variant              ? 
_entity_src_gen.pdbx_host_org_cell_line            ? 
_entity_src_gen.pdbx_host_org_atcc                 ? 
_entity_src_gen.pdbx_host_org_culture_collection   ? 
_entity_src_gen.pdbx_host_org_cell                 ? 
_entity_src_gen.pdbx_host_org_organelle            ? 
_entity_src_gen.pdbx_host_org_cellular_location    ? 
_entity_src_gen.pdbx_host_org_vector_type          ? 
_entity_src_gen.pdbx_host_org_vector               ? 
_entity_src_gen.host_org_details                   ? 
_entity_src_gen.expression_system_id               ? 
_entity_src_gen.plasmid_name                       ? 
_entity_src_gen.plasmid_details                    ? 
_entity_src_gen.pdbx_description                   ? 
# 
loop_
_chem_comp.id 
_chem_comp.type 
_chem_comp.mon_nstd_flag 
_chem_comp.name 
_chem_comp.pdbx_synonyms 
_chem_comp.formula 
_chem_comp.formula_weight 
ALA 'L-peptide linking' y ALANINE                                   ?                 'C3 H7 N O2'     89.093  
ARG 'L-peptide linking' y ARGININE                                  ?                 'C6 H15 N4 O2 1' 175.209 
ASN 'L-peptide linking' y ASPARAGINE                                ?                 'C4 H8 N2 O3'    132.118 
ASP 'L-peptide linking' y 'ASPARTIC ACID'                           ?                 'C4 H7 N O4'     133.103 
CYS 'L-peptide linking' y CYSTEINE                                  ?                 'C3 H7 N O2 S'   121.158 
EDO non-polymer         . 1,2-ETHANEDIOL                            'ETHYLENE GLYCOL' 'C2 H6 O2'       62.068  
GLN 'L-peptide linking' y GLUTAMINE                                 ?                 'C5 H10 N2 O3'   146.144 
GLU 'L-peptide linking' y 'GLUTAMIC ACID'                           ?                 'C5 H9 N O4'     147.129 
GLY 'peptide linking'   y GLYCINE                                   ?                 'C2 H5 N O2'     75.067  
GQP non-polymer         . '1-[(4-fluorophenyl)methyl]benzimidazole' ?                 'C14 H11 F N2'   226.249 
HIS 'L-peptide linking' y HISTIDINE                                 ?                 'C6 H10 N3 O2 1' 156.162 
HOH non-polymer         . WATER                                     ?                 'H2 O'           18.015  
ILE 'L-peptide linking' y ISOLEUCINE                                ?                 'C6 H13 N O2'    131.173 
LEU 'L-peptide linking' y LEUCINE                                   ?                 'C6 H13 N O2'    131.173 
LYS 'L-peptide linking' y LYSINE                                    ?                 'C6 H15 N2 O2 1' 147.195 
MET 'L-peptide linking' y METHIONINE                                ?                 'C5 H11 N O2 S'  149.211 
PHE 'L-peptide linking' y PHENYLALANINE                             ?                 'C9 H11 N O2'    165.189 
PRO 'L-peptide linking' y PROLINE                                   ?                 'C5 H9 N O2'     115.130 
SER 'L-peptide linking' y SERINE                                    ?                 'C3 H7 N O3'     105.093 
THR 'L-peptide linking' y THREONINE                                 ?                 'C4 H9 N O3'     119.119 
TRP 'L-peptide linking' y TRYPTOPHAN                                ?                 'C11 H12 N2 O2'  204.225 
TYR 'L-peptide linking' y TYROSINE                                  ?                 'C9 H11 N O3'    181.189 
VAL 'L-peptide linking' y VALINE                                    ?                 'C5 H11 N O2'    117.146 
# 
loop_
_pdbx_poly_seq_scheme.asym_id 
_pdbx_poly_seq_scheme.entity_id 
_pdbx_poly_seq_scheme.seq_id 
_pdbx_poly_seq_scheme.mon_id 
_pdbx_poly_seq_scheme.ndb_seq_num 
_pdbx_poly_seq_scheme.pdb_seq_num 
_pdbx_poly_seq_scheme.auth_seq_num 
_pdbx_poly_seq_scheme.pdb_mon_id 
_pdbx_poly_seq_scheme.auth_mon_id 
_pdbx_poly_seq_scheme.pdb_strand_id 
_pdbx_poly_seq_scheme.pdb_ins_code 
_pdbx_poly_seq_scheme.hetero 
A 1 1   SER 1   1   ?   ?   ?   A . n 
A 1 2   MET 2   2   ?   ?   ?   A . n 
A 1 3   GLY 3   3   3   GLY GLY A . n 
A 1 4   GLY 4   4   4   GLY GLY A . n 
A 1 5   THR 5   5   5   THR THR A . n 
A 1 6   HIS 6   6   6   HIS HIS A . n 
A 1 7   ILE 7   7   7   ILE ILE A . n 
A 1 8   ASP 8   8   8   ASP ASP A . n 
A 1 9   LEU 9   9   9   LEU LEU A . n 
A 1 10  LEU 10  10  10  LEU LEU A . n 
A 1 11  PHE 11  11  11  PHE PHE A . n 
A 1 12  HIS 12  12  12  HIS HIS A . n 
A 1 13  PRO 13  13  13  PRO PRO A . n 
A 1 14  PRO 14  14  14  PRO PRO A . n 
A 1 15  ARG 15  15  15  ARG ARG A . n 
A 1 16  ALA 16  16  16  ALA ALA A . n 
A 1 17  HIS 17  17  17  HIS HIS A . n 
A 1 18  LEU 18  18  18  LEU LEU A . n 
A 1 19  LEU 19  19  19  LEU LEU A . n 
A 1 20  THR 20  20  20  THR THR A . n 
A 1 21  ILE 21  21  21  ILE ILE A . n 
A 1 22  LYS 22  22  22  LYS LYS A . n 
A 1 23  GLU 23  23  23  GLU GLU A . n 
A 1 24  THR 24  24  24  THR THR A . n 
A 1 25  ILE 25  25  25  ILE ILE A . n 
A 1 26  ARG 26  26  26  ARG ARG A . n 
A 1 27  LYS 27  27  27  LYS LYS A . n 
A 1 28  MET 28  28  28  MET MET A . n 
A 1 29  ILE 29  29  29  ILE ILE A . n 
A 1 30  LYS 30  30  30  LYS LYS A . n 
A 1 31  GLU 31  31  31  GLU GLU A . n 
A 1 32  ALA 32  32  32  ALA ALA A . n 
A 1 33  ARG 33  33  33  ARG ARG A . n 
A 1 34  LYS 34  34  34  LYS LYS A . n 
A 1 35  VAL 35  35  35  VAL VAL A . n 
A 1 36  ILE 36  36  36  ILE ILE A . n 
A 1 37  ALA 37  37  37  ALA ALA A . n 
A 1 38  LEU 38  38  38  LEU LEU A . n 
A 1 39  VAL 39  39  39  VAL VAL A . n 
A 1 40  MET 40  40  40  MET MET A . n 
A 1 41  ASP 41  41  41  ASP ASP A . n 
A 1 42  ILE 42  42  42  ILE ILE A . n 
A 1 43  PHE 43  43  43  PHE PHE A . n 
A 1 44  THR 44  44  44  THR THR A . n 
A 1 45  ASP 45  45  45  ASP ASP A . n 
A 1 46  VAL 46  46  46  VAL VAL A . n 
A 1 47  ASP 47  47  47  ASP ASP A . n 
A 1 48  ILE 48  48  48  ILE ILE A . n 
A 1 49  PHE 49  49  49  PHE PHE A . n 
A 1 50  LYS 50  50  50  LYS LYS A . n 
A 1 51  GLU 51  51  51  GLU GLU A . n 
A 1 52  ILE 52  52  52  ILE ILE A . n 
A 1 53  VAL 53  53  53  VAL VAL A . n 
A 1 54  GLU 54  54  54  GLU GLU A . n 
A 1 55  ALA 55  55  55  ALA ALA A . n 
A 1 56  SER 56  56  56  SER SER A . n 
A 1 57  THR 57  57  57  THR THR A . n 
A 1 58  ARG 58  58  58  ARG ARG A . n 
A 1 59  GLY 59  59  59  GLY GLY A . n 
A 1 60  VAL 60  60  60  VAL VAL A . n 
A 1 61  SER 61  61  61  SER SER A . n 
A 1 62  VAL 62  62  62  VAL VAL A . n 
A 1 63  TYR 63  63  63  TYR TYR A . n 
A 1 64  ILE 64  64  64  ILE ILE A . n 
A 1 65  LEU 65  65  65  LEU LEU A . n 
A 1 66  LEU 66  66  66  LEU LEU A . n 
A 1 67  ASP 67  67  67  ASP ASP A . n 
A 1 68  GLU 68  68  68  GLU GLU A . n 
A 1 69  SER 69  69  69  SER SER A . n 
A 1 70  ASN 70  70  70  ASN ASN A . n 
A 1 71  PHE 71  71  71  PHE PHE A . n 
A 1 72  ASN 72  72  72  ASN ASN A . n 
A 1 73  HIS 73  73  73  HIS HIS A . n 
A 1 74  PHE 74  74  74  PHE PHE A . n 
A 1 75  LEU 75  75  75  LEU LEU A . n 
A 1 76  ASN 76  76  76  ASN ASN A . n 
A 1 77  MET 77  77  77  MET MET A . n 
A 1 78  THR 78  78  78  THR THR A . n 
A 1 79  GLU 79  79  79  GLU GLU A . n 
A 1 80  LYS 80  80  80  LYS LYS A . n 
A 1 81  GLN 81  81  81  GLN GLN A . n 
A 1 82  GLY 82  82  82  GLY GLY A . n 
A 1 83  CYS 83  83  83  CYS CYS A . n 
A 1 84  SER 84  84  84  SER SER A . n 
A 1 85  VAL 85  85  85  VAL VAL A . n 
A 1 86  GLN 86  86  86  GLN GLN A . n 
A 1 87  ARG 87  87  87  ARG ARG A . n 
A 1 88  LEU 88  88  88  LEU LEU A . n 
A 1 89  ARG 89  89  89  ARG ARG A . n 
A 1 90  ASN 90  90  90  ASN ASN A . n 
A 1 91  ILE 91  91  91  ILE ILE A . n 
A 1 92  ARG 92  92  92  ARG ARG A . n 
A 1 93  VAL 93  93  93  VAL VAL A . n 
A 1 94  ARG 94  94  94  ARG ARG A . n 
A 1 95  THR 95  95  95  THR THR A . n 
A 1 96  VAL 96  96  96  VAL VAL A . n 
A 1 97  LYS 97  97  97  LYS LYS A . n 
A 1 98  GLY 98  98  98  GLY GLY A . n 
A 1 99  GLN 99  99  99  GLN GLN A . n 
A 1 100 ASP 100 100 100 ASP ASP A . n 
A 1 101 TYR 101 101 101 TYR TYR A . n 
A 1 102 LEU 102 102 ?   ?   ?   A . n 
A 1 103 SER 103 103 ?   ?   ?   A . n 
A 1 104 LYS 104 104 ?   ?   ?   A . n 
A 1 105 THR 105 105 ?   ?   ?   A . n 
A 1 106 GLY 106 106 ?   ?   ?   A . n 
A 1 107 ALA 107 107 ?   ?   ?   A . n 
A 1 108 LYS 108 108 ?   ?   ?   A . n 
A 1 109 PHE 109 109 109 PHE PHE A . n 
A 1 110 HIS 110 110 110 HIS HIS A . n 
A 1 111 GLY 111 111 111 GLY GLY A . n 
A 1 112 LYS 112 112 112 LYS LYS A . n 
A 1 113 MET 113 113 113 MET MET A . n 
A 1 114 GLU 114 114 114 GLU GLU A . n 
A 1 115 GLN 115 115 115 GLN GLN A . n 
A 1 116 LYS 116 116 116 LYS LYS A . n 
A 1 117 PHE 117 117 117 PHE PHE A . n 
A 1 118 LEU 118 118 118 LEU LEU A . n 
A 1 119 LEU 119 119 119 LEU LEU A . n 
A 1 120 VAL 120 120 120 VAL VAL A . n 
A 1 121 ASP 121 121 121 ASP ASP A . n 
A 1 122 CYS 122 122 122 CYS CYS A . n 
A 1 123 GLN 123 123 123 GLN GLN A . n 
A 1 124 LYS 124 124 124 LYS LYS A . n 
A 1 125 VAL 125 125 125 VAL VAL A . n 
A 1 126 MET 126 126 126 MET MET A . n 
A 1 127 TYR 127 127 127 TYR TYR A . n 
A 1 128 GLY 128 128 128 GLY GLY A . n 
A 1 129 SER 129 129 129 SER SER A . n 
A 1 130 TYR 130 130 130 TYR TYR A . n 
A 1 131 SER 131 131 131 SER SER A . n 
A 1 132 TYR 132 132 132 TYR TYR A . n 
A 1 133 MET 133 133 133 MET MET A . n 
A 1 134 TRP 134 134 134 TRP TRP A . n 
A 1 135 SER 135 135 135 SER SER A . n 
A 1 136 PHE 136 136 136 PHE PHE A . n 
A 1 137 GLU 137 137 137 GLU GLU A . n 
A 1 138 LYS 138 138 138 LYS LYS A . n 
A 1 139 ALA 139 139 139 ALA ALA A . n 
A 1 140 HIS 140 140 140 HIS HIS A . n 
A 1 141 LEU 141 141 141 LEU LEU A . n 
A 1 142 SER 142 142 142 SER SER A . n 
A 1 143 MET 143 143 143 MET MET A . n 
A 1 144 VAL 144 144 144 VAL VAL A . n 
A 1 145 GLN 145 145 145 GLN GLN A . n 
A 1 146 ILE 146 146 146 ILE ILE A . n 
A 1 147 ILE 147 147 147 ILE ILE A . n 
A 1 148 THR 148 148 148 THR THR A . n 
A 1 149 GLY 149 149 149 GLY GLY A . n 
A 1 150 GLN 150 150 150 GLN GLN A . n 
A 1 151 LEU 151 151 151 LEU LEU A . n 
A 1 152 VAL 152 152 152 VAL VAL A . n 
A 1 153 GLU 153 153 153 GLU GLU A . n 
A 1 154 SER 154 154 154 SER SER A . n 
A 1 155 PHE 155 155 155 PHE PHE A . n 
A 1 156 ASP 156 156 156 ASP ASP A . n 
A 1 157 GLU 157 157 157 GLU GLU A . n 
A 1 158 GLU 158 158 158 GLU GLU A . n 
A 1 159 PHE 159 159 159 PHE PHE A . n 
A 1 160 ARG 160 160 160 ARG ARG A . n 
A 1 161 THR 161 161 161 THR THR A . n 
A 1 162 LEU 162 162 162 LEU LEU A . n 
A 1 163 TYR 163 163 163 TYR TYR A . n 
A 1 164 ALA 164 164 164 ALA ALA A . n 
A 1 165 ARG 165 165 165 ARG ARG A . n 
A 1 166 SER 166 166 166 SER SER A . n 
A 1 167 CYS 167 167 167 CYS CYS A . n 
A 1 168 VAL 168 168 168 VAL VAL A . n 
A 1 169 PRO 169 169 169 PRO PRO A . n 
A 1 170 SER 170 170 170 SER SER A . n 
A 1 171 SER 171 171 171 SER SER A . n 
A 1 172 PHE 172 172 172 PHE PHE A . n 
A 1 173 ALA 173 173 173 ALA ALA A . n 
A 1 174 GLN 174 174 ?   ?   ?   A . n 
A 1 175 GLU 175 175 ?   ?   ?   A . n 
A 1 176 GLU 176 176 ?   ?   ?   A . n 
A 1 177 SER 177 177 ?   ?   ?   A . n 
A 1 178 ALA 178 178 ?   ?   ?   A . n 
A 1 179 ARG 179 179 ?   ?   ?   A . n 
A 1 180 VAL 180 180 ?   ?   ?   A . n 
# 
loop_
_pdbx_nonpoly_scheme.asym_id 
_pdbx_nonpoly_scheme.entity_id 
_pdbx_nonpoly_scheme.mon_id 
_pdbx_nonpoly_scheme.ndb_seq_num 
_pdbx_nonpoly_scheme.pdb_seq_num 
_pdbx_nonpoly_scheme.auth_seq_num 
_pdbx_nonpoly_scheme.pdb_mon_id 
_pdbx_nonpoly_scheme.auth_mon_id 
_pdbx_nonpoly_scheme.pdb_strand_id 
_pdbx_nonpoly_scheme.pdb_ins_code 
B 2 EDO 1  201 1  EDO EDO A . 
C 2 EDO 1  202 2  EDO EDO A . 
D 3 GQP 1  203 1  GQP LIG A . 
E 3 GQP 1  204 2  GQP LIG A . 
F 4 HOH 1  301 18 HOH HOH A . 
F 4 HOH 2  302 56 HOH HOH A . 
F 4 HOH 3  303 42 HOH HOH A . 
F 4 HOH 4  304 61 HOH HOH A . 
F 4 HOH 5  305 35 HOH HOH A . 
F 4 HOH 6  306 79 HOH HOH A . 
F 4 HOH 7  307 59 HOH HOH A . 
F 4 HOH 8  308 58 HOH HOH A . 
F 4 HOH 9  309 29 HOH HOH A . 
F 4 HOH 10 310 39 HOH HOH A . 
F 4 HOH 11 311 68 HOH HOH A . 
F 4 HOH 12 312 30 HOH HOH A . 
F 4 HOH 13 313 3  HOH HOH A . 
F 4 HOH 14 314 91 HOH HOH A . 
F 4 HOH 15 315 37 HOH HOH A . 
F 4 HOH 16 316 34 HOH HOH A . 
F 4 HOH 17 317 1  HOH HOH A . 
F 4 HOH 18 318 19 HOH HOH A . 
F 4 HOH 19 319 26 HOH HOH A . 
F 4 HOH 20 320 86 HOH HOH A . 
F 4 HOH 21 321 12 HOH HOH A . 
F 4 HOH 22 322 10 HOH HOH A . 
F 4 HOH 23 323 2  HOH HOH A . 
F 4 HOH 24 324 49 HOH HOH A . 
F 4 HOH 25 325 70 HOH HOH A . 
F 4 HOH 26 326 36 HOH HOH A . 
F 4 HOH 27 327 13 HOH HOH A . 
F 4 HOH 28 328 51 HOH HOH A . 
F 4 HOH 29 329 48 HOH HOH A . 
F 4 HOH 30 330 6  HOH HOH A . 
F 4 HOH 31 331 87 HOH HOH A . 
F 4 HOH 32 332 73 HOH HOH A . 
F 4 HOH 33 333 22 HOH HOH A . 
F 4 HOH 34 334 9  HOH HOH A . 
F 4 HOH 35 335 7  HOH HOH A . 
F 4 HOH 36 336 4  HOH HOH A . 
F 4 HOH 37 337 66 HOH HOH A . 
F 4 HOH 38 338 8  HOH HOH A . 
F 4 HOH 39 339 96 HOH HOH A . 
F 4 HOH 40 340 67 HOH HOH A . 
F 4 HOH 41 341 88 HOH HOH A . 
F 4 HOH 42 342 95 HOH HOH A . 
F 4 HOH 43 343 84 HOH HOH A . 
F 4 HOH 44 344 17 HOH HOH A . 
F 4 HOH 45 345 46 HOH HOH A . 
F 4 HOH 46 346 45 HOH HOH A . 
F 4 HOH 47 347 55 HOH HOH A . 
F 4 HOH 48 348 94 HOH HOH A . 
F 4 HOH 49 349 23 HOH HOH A . 
F 4 HOH 50 350 40 HOH HOH A . 
F 4 HOH 51 351 82 HOH HOH A . 
F 4 HOH 52 352 24 HOH HOH A . 
F 4 HOH 53 353 72 HOH HOH A . 
F 4 HOH 54 354 44 HOH HOH A . 
F 4 HOH 55 355 15 HOH HOH A . 
F 4 HOH 56 356 33 HOH HOH A . 
F 4 HOH 57 357 20 HOH HOH A . 
F 4 HOH 58 358 11 HOH HOH A . 
F 4 HOH 59 359 93 HOH HOH A . 
F 4 HOH 60 360 90 HOH HOH A . 
F 4 HOH 61 361 63 HOH HOH A . 
F 4 HOH 62 362 77 HOH HOH A . 
F 4 HOH 63 363 5  HOH HOH A . 
F 4 HOH 64 364 80 HOH HOH A . 
F 4 HOH 65 365 62 HOH HOH A . 
F 4 HOH 66 366 78 HOH HOH A . 
F 4 HOH 67 367 31 HOH HOH A . 
F 4 HOH 68 368 83 HOH HOH A . 
F 4 HOH 69 369 65 HOH HOH A . 
F 4 HOH 70 370 21 HOH HOH A . 
F 4 HOH 71 371 28 HOH HOH A . 
F 4 HOH 72 372 64 HOH HOH A . 
F 4 HOH 73 373 16 HOH HOH A . 
F 4 HOH 74 374 53 HOH HOH A . 
F 4 HOH 75 375 14 HOH HOH A . 
F 4 HOH 76 376 25 HOH HOH A . 
F 4 HOH 77 377 74 HOH HOH A . 
F 4 HOH 78 378 60 HOH HOH A . 
F 4 HOH 79 379 41 HOH HOH A . 
F 4 HOH 80 380 81 HOH HOH A . 
F 4 HOH 81 381 69 HOH HOH A . 
F 4 HOH 82 382 32 HOH HOH A . 
F 4 HOH 83 383 71 HOH HOH A . 
F 4 HOH 84 384 85 HOH HOH A . 
F 4 HOH 85 385 89 HOH HOH A . 
F 4 HOH 86 386 38 HOH HOH A . 
F 4 HOH 87 387 92 HOH HOH A . 
F 4 HOH 88 388 52 HOH HOH A . 
# 
loop_
_pdbx_unobs_or_zero_occ_atoms.id 
_pdbx_unobs_or_zero_occ_atoms.PDB_model_num 
_pdbx_unobs_or_zero_occ_atoms.polymer_flag 
_pdbx_unobs_or_zero_occ_atoms.occupancy_flag 
_pdbx_unobs_or_zero_occ_atoms.auth_asym_id 
_pdbx_unobs_or_zero_occ_atoms.auth_comp_id 
_pdbx_unobs_or_zero_occ_atoms.auth_seq_id 
_pdbx_unobs_or_zero_occ_atoms.PDB_ins_code 
_pdbx_unobs_or_zero_occ_atoms.auth_atom_id 
_pdbx_unobs_or_zero_occ_atoms.label_alt_id 
_pdbx_unobs_or_zero_occ_atoms.label_asym_id 
_pdbx_unobs_or_zero_occ_atoms.label_comp_id 
_pdbx_unobs_or_zero_occ_atoms.label_seq_id 
_pdbx_unobs_or_zero_occ_atoms.label_atom_id 
1 1 Y 1 A ARG 89 ? CG  ? A ARG 89 CG  
2 1 Y 1 A ARG 89 ? CD  ? A ARG 89 CD  
3 1 Y 1 A ARG 89 ? NE  ? A ARG 89 NE  
4 1 Y 1 A ARG 89 ? CZ  ? A ARG 89 CZ  
5 1 Y 1 A ARG 89 ? NH1 ? A ARG 89 NH1 
6 1 Y 1 A ARG 89 ? NH2 ? A ARG 89 NH2 
# 
loop_
_software.pdbx_ordinal 
_software.name 
_software.version 
_software.date 
_software.type 
_software.contact_author 
_software.contact_author_email 
_software.classification 
_software.location 
_software.language 
_software.citation_id 
1 REFMAC      5.8.0189 ?               program 'Garib N. Murshudov' garib@ysbl.york.ac.uk    refinement        
http://www.ccp4.ac.uk/dist/html/refmac5.html        Fortran_77 ? 
2 Aimless     0.5.32   29/03/17        program 'Phil Evans'         ?                        'data scaling'    
http://www.mrc-lmb.cam.ac.uk/harry/pre/aimless.html ?          ? 
3 PDB_EXTRACT 3.23     'SEP. 23, 2016' package PDB                  deposit@deposit.rcsb.org 'data extraction' 
http://sw-tools.pdb.org/apps/PDB_EXTRACT/           C++        ? 
4 XDS         .        ?               program ?                    ?                        'data reduction'  ? ?          ? 
5 REFMAC      .        ?               program ?                    ?                        phasing           ? ?          ? 
# 
_cell.entry_id           5QHQ 
_cell.length_a           50.484 
_cell.length_b           50.484 
_cell.length_c           154.218 
_cell.angle_alpha        90.000 
_cell.angle_beta         90.000 
_cell.angle_gamma        90.000 
_cell.Z_PDB              8 
_cell.pdbx_unique_axis   ? 
# 
_symmetry.entry_id                         5QHQ 
_symmetry.Int_Tables_number                91 
_symmetry.space_group_name_H-M             'P 41 2 2' 
_symmetry.pdbx_full_space_group_name_H-M   ? 
_symmetry.cell_setting                     ? 
# 
_exptl.crystals_number   1 
_exptl.entry_id          5QHQ 
_exptl.method            'X-RAY DIFFRACTION' 
# 
_exptl_crystal.id                    1 
_exptl_crystal.pdbx_mosaicity        0.000 
_exptl_crystal.pdbx_mosaicity_esd    ? 
_exptl_crystal.density_Matthews      2.36 
_exptl_crystal.density_diffrn        ? 
_exptl_crystal.density_meas          ? 
_exptl_crystal.density_meas_temp     ? 
_exptl_crystal.density_percent_sol   47.97 
_exptl_crystal.size_max              ? 
_exptl_crystal.size_mid              ? 
_exptl_crystal.size_min              ? 
_exptl_crystal.size_rad              ? 
_exptl_crystal.description           ? 
_exptl_crystal.preparation           ? 
# 
_exptl_crystal_grow.crystal_id      1 
_exptl_crystal_grow.method          'VAPOR DIFFUSION, SITTING DROP' 
_exptl_crystal_grow.pH              7.0 
_exptl_crystal_grow.temp            293 
_exptl_crystal_grow.pdbx_details    '27.3% Tacsimate pH 7.0, 0.15 M NaCl' 
_exptl_crystal_grow.temp_details    ? 
_exptl_crystal_grow.pdbx_pH_range   ? 
# 
_diffrn.id                     1 
_diffrn.ambient_temp           100 
_diffrn.crystal_id             1 
_diffrn.ambient_temp_details   ? 
# 
_diffrn_detector.detector               PIXEL 
_diffrn_detector.type                   'DECTRIS PILATUS 6M' 
_diffrn_detector.pdbx_collection_date   2017-08-04 
_diffrn_detector.diffrn_id              1 
_diffrn_detector.details                ? 
# 
_diffrn_radiation.diffrn_id                        1 
_diffrn_radiation.wavelength_id                    1 
_diffrn_radiation.pdbx_diffrn_protocol             'SINGLE WAVELENGTH' 
_diffrn_radiation.pdbx_monochromatic_or_laue_m_l   ? 
_diffrn_radiation.monochromator                    ? 
_diffrn_radiation.pdbx_scattering_type             x-ray 
# 
_diffrn_radiation_wavelength.id           1 
_diffrn_radiation_wavelength.wavelength   0.91587 
_diffrn_radiation_wavelength.wt           1.0 
# 
_diffrn_source.diffrn_id                   1 
_diffrn_source.source                      SYNCHROTRON 
_diffrn_source.type                        'DIAMOND BEAMLINE I04-1' 
_diffrn_source.pdbx_wavelength_list        0.91587 
_diffrn_source.pdbx_synchrotron_site       Diamond 
_diffrn_source.pdbx_synchrotron_beamline   I04-1 
_diffrn_source.pdbx_wavelength             ? 
# 
_reflns.entry_id                     5QHQ 
_reflns.pdbx_diffrn_id               1 
_reflns.pdbx_ordinal                 1 
_reflns.observed_criterion_sigma_I   ? 
_reflns.observed_criterion_sigma_F   ? 
_reflns.d_resolution_low             51.400 
_reflns.d_resolution_high            1.960 
_reflns.number_obs                   15208 
_reflns.number_all                   ? 
_reflns.percent_possible_obs         100.000 
_reflns.pdbx_Rmerge_I_obs            0.115 
_reflns.pdbx_Rsym_value              ? 
_reflns.pdbx_netI_over_sigmaI        10.100 
_reflns.B_iso_Wilson_estimate        ? 
_reflns.pdbx_redundancy              8.000 
_reflns.pdbx_Rrim_I_all              0.123 
_reflns.pdbx_Rpim_I_all              0.043 
_reflns.pdbx_CC_half                 0.999 
_reflns.pdbx_netI_over_av_sigmaI     ? 
_reflns.pdbx_number_measured_all     122070 
_reflns.pdbx_scaling_rejects         29 
_reflns.pdbx_chi_squared             ? 
_reflns.Rmerge_F_all                 ? 
_reflns.Rmerge_F_obs                 ? 
_reflns.observed_criterion_F_max     ? 
_reflns.observed_criterion_F_min     ? 
_reflns.observed_criterion_I_max     ? 
_reflns.observed_criterion_I_min     ? 
_reflns.pdbx_d_res_high_opt          ? 
_reflns.pdbx_d_res_low_opt           ? 
_reflns.details                      ? 
# 
loop_
_reflns_shell.pdbx_diffrn_id 
_reflns_shell.pdbx_ordinal 
_reflns_shell.d_res_high 
_reflns_shell.d_res_low 
_reflns_shell.number_measured_obs 
_reflns_shell.number_measured_all 
_reflns_shell.number_unique_obs 
_reflns_shell.pdbx_rejects 
_reflns_shell.Rmerge_I_obs 
_reflns_shell.meanI_over_sigI_obs 
_reflns_shell.pdbx_Rsym_value 
_reflns_shell.pdbx_chi_squared 
_reflns_shell.pdbx_redundancy 
_reflns_shell.percent_possible_obs 
_reflns_shell.pdbx_netI_over_sigmaI_obs 
_reflns_shell.number_possible 
_reflns_shell.number_unique_all 
_reflns_shell.Rmerge_F_all 
_reflns_shell.Rmerge_F_obs 
_reflns_shell.Rmerge_I_all 
_reflns_shell.meanI_over_sigI_all 
_reflns_shell.percent_possible_all 
_reflns_shell.pdbx_Rrim_I_all 
_reflns_shell.pdbx_Rpim_I_all 
_reflns_shell.pdbx_CC_half 
1 1 1.960 2.010  ? 9164 ? ? 2.175 ? ? ? 8.400 ? 1.200  ? 1096 ? ? ? ? 100.000 2.320 0.799 0.551 
1 2 8.770 51.400 ? 1538 ? ? 0.024 ? ? ? 6.600 ? 43.400 ? 234  ? ? ? ? 99.900  0.026 0.010 1.000 
# 
_refine.entry_id                                 5QHQ 
_refine.pdbx_refine_id                           'X-RAY DIFFRACTION' 
_refine.ls_d_res_high                            1.9600 
_refine.ls_d_res_low                             50.4800 
_refine.pdbx_ls_sigma_F                          0.000 
_refine.pdbx_data_cutoff_high_absF               ? 
_refine.pdbx_data_cutoff_low_absF                ? 
_refine.ls_percent_reflns_obs                    98.7100 
_refine.ls_number_reflns_obs                     14170 
_refine.ls_number_reflns_all                     ? 
_refine.pdbx_ls_cross_valid_method               THROUGHOUT 
_refine.ls_matrix_type                           ? 
_refine.pdbx_R_Free_selection_details            RANDOM 
_refine.details                                  
'HYDROGENS HAVE BEEN ADDED IN THE RIDING POSITIONS U VALUES      : REFINED INDIVIDUALLY' 
_refine.ls_R_factor_all                          ? 
_refine.ls_R_factor_obs                          0.2108 
_refine.ls_R_factor_R_work                       0.2083 
_refine.ls_wR_factor_R_work                      ? 
_refine.ls_R_factor_R_free                       0.2546 
_refine.ls_wR_factor_R_free                      ? 
_refine.ls_percent_reflns_R_free                 5.3000 
_refine.ls_number_reflns_R_free                  794 
_refine.ls_number_reflns_R_work                  ? 
_refine.ls_R_factor_R_free_error                 ? 
_refine.B_iso_mean                               35.8940 
_refine.solvent_model_param_bsol                 ? 
_refine.solvent_model_param_ksol                 ? 
_refine.pdbx_isotropic_thermal_model             ? 
_refine.aniso_B[1][1]                            0.7500 
_refine.aniso_B[2][2]                            0.7500 
_refine.aniso_B[3][3]                            -1.5100 
_refine.aniso_B[1][2]                            -0.0000 
_refine.aniso_B[1][3]                            -0.0000 
_refine.aniso_B[2][3]                            -0.0000 
_refine.correlation_coeff_Fo_to_Fc               0.9560 
_refine.correlation_coeff_Fo_to_Fc_free          0.9300 
_refine.overall_SU_R_Cruickshank_DPI             ? 
_refine.pdbx_overall_SU_R_free_Cruickshank_DPI   ? 
_refine.pdbx_overall_SU_R_Blow_DPI               ? 
_refine.pdbx_overall_SU_R_free_Blow_DPI          ? 
_refine.overall_SU_R_free                        ? 
_refine.pdbx_overall_ESU_R                       0.1760 
_refine.pdbx_overall_ESU_R_Free                  0.1650 
_refine.overall_SU_ML                            0.1460 
_refine.overall_SU_B                             5.5820 
_refine.solvent_model_details                    MASK 
_refine.pdbx_solvent_vdw_probe_radii             1.2000 
_refine.pdbx_solvent_ion_probe_radii             0.8000 
_refine.pdbx_solvent_shrinkage_radii             0.8000 
_refine.ls_number_parameters                     ? 
_refine.ls_number_restraints                     ? 
_refine.pdbx_starting_model                      5LZK 
_refine.pdbx_method_to_determine_struct          'FOURIER SYNTHESIS' 
_refine.pdbx_stereochemistry_target_values       'MAXIMUM LIKELIHOOD' 
_refine.pdbx_stereochem_target_val_spec_case     ? 
_refine.overall_FOM_work_R_set                   ? 
_refine.B_iso_max                                134.900 
_refine.B_iso_min                                18.950 
_refine.pdbx_overall_phase_error                 ? 
_refine.occupancy_max                            ? 
_refine.occupancy_min                            ? 
_refine.pdbx_diffrn_id                           1 
_refine.pdbx_TLS_residual_ADP_flag               ? 
_refine.pdbx_ls_sigma_I                          ? 
_refine.pdbx_data_cutoff_high_rms_absF           ? 
_refine.ls_R_factor_R_free_error_details         ? 
# 
_refine_hist.cycle_id                         final 
_refine_hist.pdbx_refine_id                   'X-RAY DIFFRACTION' 
_refine_hist.d_res_high                       1.9600 
_refine_hist.d_res_low                        50.4800 
_refine_hist.pdbx_number_atoms_ligand         42 
_refine_hist.number_atoms_solvent             88 
_refine_hist.number_atoms_total               1461 
_refine_hist.pdbx_number_residues_total       164 
_refine_hist.pdbx_B_iso_mean_ligand           41.97 
_refine_hist.pdbx_B_iso_mean_solvent          45.53 
_refine_hist.pdbx_number_atoms_protein        1331 
_refine_hist.pdbx_number_atoms_nucleic_acid   0 
# 
loop_
_refine_ls_restr.pdbx_refine_id 
_refine_ls_restr.type 
_refine_ls_restr.number 
_refine_ls_restr.dev_ideal 
_refine_ls_restr.dev_ideal_target 
_refine_ls_restr.weight 
_refine_ls_restr.pdbx_restraint_function 
'X-RAY DIFFRACTION' r_bond_refined_d       1415 0.018  0.019  ? ? 
'X-RAY DIFFRACTION' r_bond_other_d         1323 0.002  0.020  ? ? 
'X-RAY DIFFRACTION' r_angle_refined_deg    1901 1.794  1.938  ? ? 
'X-RAY DIFFRACTION' r_angle_other_deg      3053 1.034  2.977  ? ? 
'X-RAY DIFFRACTION' r_dihedral_angle_1_deg 164  7.248  5.000  ? ? 
'X-RAY DIFFRACTION' r_dihedral_angle_2_deg 64   39.549 23.281 ? ? 
'X-RAY DIFFRACTION' r_dihedral_angle_3_deg 255  16.152 15.000 ? ? 
'X-RAY DIFFRACTION' r_dihedral_angle_4_deg 9    18.915 15.000 ? ? 
'X-RAY DIFFRACTION' r_chiral_restr         206  0.111  0.200  ? ? 
'X-RAY DIFFRACTION' r_gen_planes_refined   1543 0.009  0.020  ? ? 
'X-RAY DIFFRACTION' r_gen_planes_other     316  0.003  0.020  ? ? 
'X-RAY DIFFRACTION' r_mcbond_it            659  3.302  3.251  ? ? 
'X-RAY DIFFRACTION' r_mcbond_other         658  3.277  3.246  ? ? 
'X-RAY DIFFRACTION' r_mcangle_it           822  4.841  4.845  ? ? 
# 
_refine_ls_shell.d_res_high                       1.9590 
_refine_ls_shell.d_res_low                        2.0100 
_refine_ls_shell.pdbx_total_number_of_bins_used   20 
_refine_ls_shell.percent_reflns_obs               97.2300 
_refine_ls_shell.number_reflns_R_work             997 
_refine_ls_shell.R_factor_all                     ? 
_refine_ls_shell.R_factor_R_work                  0.3610 
_refine_ls_shell.R_factor_R_free                  0.3930 
_refine_ls_shell.percent_reflns_R_free            ? 
_refine_ls_shell.number_reflns_R_free             57 
_refine_ls_shell.R_factor_R_free_error            ? 
_refine_ls_shell.number_reflns_all                1054 
_refine_ls_shell.number_reflns_obs                ? 
_refine_ls_shell.pdbx_refine_id                   'X-RAY DIFFRACTION' 
_refine_ls_shell.R_factor_obs                     ? 
# 
_struct.entry_id                  5QHQ 
_struct.title                     
;PanDDA analysis group deposition of models with modelled events (e.g. bound ligands) -- Crystal Structure of human FAM83B in complex with FMOPL000574a
;
_struct.pdbx_model_details        ? 
_struct.pdbx_CASP_flag            ? 
_struct.pdbx_model_type_details   ? 
# 
_struct_keywords.entry_id        5QHQ 
_struct_keywords.text            'PanDDA, SGC - Diamond I04-1 fragment screening, DUF1669 domain, XChemExplorer, PROTEIN BINDING' 
_struct_keywords.pdbx_keywords   'PROTEIN BINDING' 
# 
loop_
_struct_asym.id 
_struct_asym.pdbx_blank_PDB_chainid_flag 
_struct_asym.pdbx_modified 
_struct_asym.entity_id 
_struct_asym.details 
A N N 1 ? 
B N N 2 ? 
C N N 2 ? 
D N N 3 ? 
E N N 3 ? 
F N N 4 ? 
# 
_struct_ref.id                         1 
_struct_ref.db_name                    UNP 
_struct_ref.db_code                    FA83B_HUMAN 
_struct_ref.pdbx_db_accession          Q5T0W9 
_struct_ref.pdbx_db_isoform            ? 
_struct_ref.entity_id                  1 
_struct_ref.pdbx_seq_one_letter_code   
;GGTHIDLLFHPPRAHLLTIKETIRKMIKEARKVIALVMDIFTDVDIFKEIVEASTRGVSVYILLDESNFNHFLNMTEKQG
CSVQRLRNIRVRTVKGQDYLSKTGAKFHGKMEQKFLLVDCQKVMYGSYSYMWSFEKAHLSMVQIITGQLVESFDEEFRTL
YARSCVPSSFAQEESARV
;
_struct_ref.pdbx_align_begin           117 
# 
_struct_ref_seq.align_id                      1 
_struct_ref_seq.ref_id                        1 
_struct_ref_seq.pdbx_PDB_id_code              5QHQ 
_struct_ref_seq.pdbx_strand_id                A 
_struct_ref_seq.seq_align_beg                 3 
_struct_ref_seq.pdbx_seq_align_beg_ins_code   ? 
_struct_ref_seq.seq_align_end                 180 
_struct_ref_seq.pdbx_seq_align_end_ins_code   ? 
_struct_ref_seq.pdbx_db_accession             Q5T0W9 
_struct_ref_seq.db_align_beg                  117 
_struct_ref_seq.pdbx_db_align_beg_ins_code    ? 
_struct_ref_seq.db_align_end                  294 
_struct_ref_seq.pdbx_db_align_end_ins_code    ? 
_struct_ref_seq.pdbx_auth_seq_align_beg       3 
_struct_ref_seq.pdbx_auth_seq_align_end       180 
# 
loop_
_struct_ref_seq_dif.align_id 
_struct_ref_seq_dif.pdbx_pdb_id_code 
_struct_ref_seq_dif.mon_id 
_struct_ref_seq_dif.pdbx_pdb_strand_id 
_struct_ref_seq_dif.seq_num 
_struct_ref_seq_dif.pdbx_pdb_ins_code 
_struct_ref_seq_dif.pdbx_seq_db_name 
_struct_ref_seq_dif.pdbx_seq_db_accession_code 
_struct_ref_seq_dif.db_mon_id 
_struct_ref_seq_dif.pdbx_seq_db_seq_num 
_struct_ref_seq_dif.details 
_struct_ref_seq_dif.pdbx_auth_seq_num 
_struct_ref_seq_dif.pdbx_ordinal 
1 5QHQ SER A 1 ? UNP Q5T0W9 ? ? 'expression tag' 1 1 
1 5QHQ MET A 2 ? UNP Q5T0W9 ? ? 'expression tag' 2 2 
# 
_pdbx_struct_assembly.id                   1 
_pdbx_struct_assembly.details              author_and_software_defined_assembly 
_pdbx_struct_assembly.method_details       PISA 
_pdbx_struct_assembly.oligomeric_details   dimeric 
_pdbx_struct_assembly.oligomeric_count     2 
# 
loop_
_pdbx_struct_assembly_prop.biol_id 
_pdbx_struct_assembly_prop.type 
_pdbx_struct_assembly_prop.value 
_pdbx_struct_assembly_prop.details 
1 'ABSA (A^2)' 4000  ? 
1 MORE         -8    ? 
1 'SSA (A^2)'  14730 ? 
# 
_pdbx_struct_assembly_gen.assembly_id       1 
_pdbx_struct_assembly_gen.oper_expression   1,2 
_pdbx_struct_assembly_gen.asym_id_list      A,B,C,D,E,F 
# 
loop_
_pdbx_struct_oper_list.id 
_pdbx_struct_oper_list.type 
_pdbx_struct_oper_list.name 
_pdbx_struct_oper_list.symmetry_operation 
_pdbx_struct_oper_list.matrix[1][1] 
_pdbx_struct_oper_list.matrix[1][2] 
_pdbx_struct_oper_list.matrix[1][3] 
_pdbx_struct_oper_list.vector[1] 
_pdbx_struct_oper_list.matrix[2][1] 
_pdbx_struct_oper_list.matrix[2][2] 
_pdbx_struct_oper_list.matrix[2][3] 
_pdbx_struct_oper_list.vector[2] 
_pdbx_struct_oper_list.matrix[3][1] 
_pdbx_struct_oper_list.matrix[3][2] 
_pdbx_struct_oper_list.matrix[3][3] 
_pdbx_struct_oper_list.vector[3] 
1 'identity operation'         1_555 x,y,z          1.0000000000  0.0000000000  0.0000000000  0.0000000000 0.0000000000  1.0000000000  0.0000000000 0.0000000000   0.0000000000  0.0000000000 1.0000000000 0.0000000000  
2 'crystal symmetry operation' 7_465 y-1,x+1,-z+3/4 -0.9059076030 -0.1722166079 -0.3868757615 4.0470921156 -0.1722166079 -0.6847932355 0.7080958018 -22.4820323935 -0.3868757615 0.7080958018 0.5907008385 10.9921074882 
# 
loop_
_struct_conf.conf_type_id 
_struct_conf.id 
_struct_conf.pdbx_PDB_helix_id 
_struct_conf.beg_label_comp_id 
_struct_conf.beg_label_asym_id 
_struct_conf.beg_label_seq_id 
_struct_conf.pdbx_beg_PDB_ins_code 
_struct_conf.end_label_comp_id 
_struct_conf.end_label_asym_id 
_struct_conf.end_label_seq_id 
_struct_conf.pdbx_end_PDB_ins_code 
_struct_conf.beg_auth_comp_id 
_struct_conf.beg_auth_asym_id 
_struct_conf.beg_auth_seq_id 
_struct_conf.end_auth_comp_id 
_struct_conf.end_auth_asym_id 
_struct_conf.end_auth_seq_id 
_struct_conf.pdbx_PDB_helix_class 
_struct_conf.details 
_struct_conf.pdbx_PDB_helix_length 
HELX_P HELX_P1 AA1 THR A 20  ? GLU A 31  ? THR A 20  GLU A 31  1 ? 12 
HELX_P HELX_P2 AA2 ASP A 45  ? ARG A 58  ? ASP A 45  ARG A 58  1 ? 14 
HELX_P HELX_P3 AA3 ASN A 70  ? GLN A 81  ? ASN A 70  GLN A 81  1 ? 12 
HELX_P HELX_P4 AA4 SER A 84  ? LEU A 88  ? SER A 84  LEU A 88  5 ? 5  
HELX_P HELX_P5 AA5 MET A 133 ? ALA A 139 ? MET A 133 ALA A 139 1 ? 7  
HELX_P HELX_P6 AA6 GLN A 150 ? ARG A 165 ? GLN A 150 ARG A 165 1 ? 16 
# 
_struct_conf_type.id          HELX_P 
_struct_conf_type.criteria    ? 
_struct_conf_type.reference   ? 
# 
_struct_conn.id                            disulf1 
_struct_conn.conn_type_id                  disulf 
_struct_conn.pdbx_leaving_atom_flag        ? 
_struct_conn.pdbx_PDB_id                   ? 
_struct_conn.ptnr1_label_asym_id           A 
_struct_conn.ptnr1_label_comp_id           CYS 
_struct_conn.ptnr1_label_seq_id            167 
_struct_conn.ptnr1_label_atom_id           SG 
_struct_conn.pdbx_ptnr1_label_alt_id       ? 
_struct_conn.pdbx_ptnr1_PDB_ins_code       ? 
_struct_conn.pdbx_ptnr1_standard_comp_id   ? 
_struct_conn.ptnr1_symmetry                1_555 
_struct_conn.ptnr2_label_asym_id           A 
_struct_conn.ptnr2_label_comp_id           CYS 
_struct_conn.ptnr2_label_seq_id            167 
_struct_conn.ptnr2_label_atom_id           SG 
_struct_conn.pdbx_ptnr2_label_alt_id       ? 
_struct_conn.pdbx_ptnr2_PDB_ins_code       ? 
_struct_conn.ptnr1_auth_asym_id            A 
_struct_conn.ptnr1_auth_comp_id            CYS 
_struct_conn.ptnr1_auth_seq_id             167 
_struct_conn.ptnr2_auth_asym_id            A 
_struct_conn.ptnr2_auth_comp_id            CYS 
_struct_conn.ptnr2_auth_seq_id             167 
_struct_conn.ptnr2_symmetry                5_556 
_struct_conn.pdbx_ptnr3_label_atom_id      ? 
_struct_conn.pdbx_ptnr3_label_seq_id       ? 
_struct_conn.pdbx_ptnr3_label_comp_id      ? 
_struct_conn.pdbx_ptnr3_label_asym_id      ? 
_struct_conn.pdbx_ptnr3_label_alt_id       ? 
_struct_conn.pdbx_ptnr3_PDB_ins_code       ? 
_struct_conn.details                       ? 
_struct_conn.pdbx_dist_value               2.160 
_struct_conn.pdbx_value_order              ? 
_struct_conn.pdbx_role                     ? 
# 
_struct_conn_type.id          disulf 
_struct_conn_type.criteria    ? 
_struct_conn_type.reference   ? 
# 
_pdbx_modification_feature.ordinal                            1 
_pdbx_modification_feature.label_comp_id                      CYS 
_pdbx_modification_feature.label_asym_id                      A 
_pdbx_modification_feature.label_seq_id                       167 
_pdbx_modification_feature.label_alt_id                       ? 
_pdbx_modification_feature.modified_residue_label_comp_id     CYS 
_pdbx_modification_feature.modified_residue_label_asym_id     A 
_pdbx_modification_feature.modified_residue_label_seq_id      167 
_pdbx_modification_feature.modified_residue_label_alt_id      ? 
_pdbx_modification_feature.auth_comp_id                       CYS 
_pdbx_modification_feature.auth_asym_id                       A 
_pdbx_modification_feature.auth_seq_id                        167 
_pdbx_modification_feature.PDB_ins_code                       ? 
_pdbx_modification_feature.symmetry                           1_555 
_pdbx_modification_feature.modified_residue_auth_comp_id      CYS 
_pdbx_modification_feature.modified_residue_auth_asym_id      A 
_pdbx_modification_feature.modified_residue_auth_seq_id       167 
_pdbx_modification_feature.modified_residue_PDB_ins_code      ? 
_pdbx_modification_feature.modified_residue_symmetry          5_556 
_pdbx_modification_feature.comp_id_linking_atom               SG 
_pdbx_modification_feature.modified_residue_id_linking_atom   SG 
_pdbx_modification_feature.modified_residue_id                . 
_pdbx_modification_feature.ref_pcm_id                         . 
_pdbx_modification_feature.ref_comp_id                        . 
_pdbx_modification_feature.type                               None 
_pdbx_modification_feature.category                           'Disulfide bridge' 
# 
_struct_mon_prot_cis.pdbx_id                1 
_struct_mon_prot_cis.label_comp_id          HIS 
_struct_mon_prot_cis.label_seq_id           12 
_struct_mon_prot_cis.label_asym_id          A 
_struct_mon_prot_cis.label_alt_id           . 
_struct_mon_prot_cis.pdbx_PDB_ins_code      ? 
_struct_mon_prot_cis.auth_comp_id           HIS 
_struct_mon_prot_cis.auth_seq_id            12 
_struct_mon_prot_cis.auth_asym_id           A 
_struct_mon_prot_cis.pdbx_label_comp_id_2   PRO 
_struct_mon_prot_cis.pdbx_label_seq_id_2    13 
_struct_mon_prot_cis.pdbx_label_asym_id_2   A 
_struct_mon_prot_cis.pdbx_PDB_ins_code_2    ? 
_struct_mon_prot_cis.pdbx_auth_comp_id_2    PRO 
_struct_mon_prot_cis.pdbx_auth_seq_id_2     13 
_struct_mon_prot_cis.pdbx_auth_asym_id_2    A 
_struct_mon_prot_cis.pdbx_PDB_model_num     1 
_struct_mon_prot_cis.pdbx_omega_angle       -0.37 
# 
_struct_sheet.id               AA1 
_struct_sheet.type             ? 
_struct_sheet.number_strands   7 
_struct_sheet.details          ? 
# 
loop_
_struct_sheet_order.sheet_id 
_struct_sheet_order.range_id_1 
_struct_sheet_order.range_id_2 
_struct_sheet_order.offset 
_struct_sheet_order.sense 
AA1 1 2 ? anti-parallel 
AA1 2 3 ? anti-parallel 
AA1 3 4 ? anti-parallel 
AA1 4 5 ? anti-parallel 
AA1 5 6 ? parallel      
AA1 6 7 ? parallel      
# 
loop_
_struct_sheet_range.sheet_id 
_struct_sheet_range.id 
_struct_sheet_range.beg_label_comp_id 
_struct_sheet_range.beg_label_asym_id 
_struct_sheet_range.beg_label_seq_id 
_struct_sheet_range.pdbx_beg_PDB_ins_code 
_struct_sheet_range.end_label_comp_id 
_struct_sheet_range.end_label_asym_id 
_struct_sheet_range.end_label_seq_id 
_struct_sheet_range.pdbx_end_PDB_ins_code 
_struct_sheet_range.beg_auth_comp_id 
_struct_sheet_range.beg_auth_asym_id 
_struct_sheet_range.beg_auth_seq_id 
_struct_sheet_range.end_auth_comp_id 
_struct_sheet_range.end_auth_asym_id 
_struct_sheet_range.end_auth_seq_id 
AA1 1 THR A 5   ? HIS A 12  ? THR A 5   HIS A 12  
AA1 2 SER A 142 ? GLY A 149 ? SER A 142 GLY A 149 
AA1 3 LYS A 124 ? GLY A 128 ? LYS A 124 GLY A 128 
AA1 4 PHE A 117 ? VAL A 120 ? PHE A 117 VAL A 120 
AA1 5 VAL A 35  ? MET A 40  ? VAL A 35  MET A 40  
AA1 6 SER A 61  ? ASP A 67  ? SER A 61  ASP A 67  
AA1 7 ILE A 91  ? VAL A 96  ? ILE A 91  VAL A 96  
# 
loop_
_pdbx_struct_sheet_hbond.sheet_id 
_pdbx_struct_sheet_hbond.range_id_1 
_pdbx_struct_sheet_hbond.range_id_2 
_pdbx_struct_sheet_hbond.range_1_label_atom_id 
_pdbx_struct_sheet_hbond.range_1_label_comp_id 
_pdbx_struct_sheet_hbond.range_1_label_asym_id 
_pdbx_struct_sheet_hbond.range_1_label_seq_id 
_pdbx_struct_sheet_hbond.range_1_PDB_ins_code 
_pdbx_struct_sheet_hbond.range_1_auth_atom_id 
_pdbx_struct_sheet_hbond.range_1_auth_comp_id 
_pdbx_struct_sheet_hbond.range_1_auth_asym_id 
_pdbx_struct_sheet_hbond.range_1_auth_seq_id 
_pdbx_struct_sheet_hbond.range_2_label_atom_id 
_pdbx_struct_sheet_hbond.range_2_label_comp_id 
_pdbx_struct_sheet_hbond.range_2_label_asym_id 
_pdbx_struct_sheet_hbond.range_2_label_seq_id 
_pdbx_struct_sheet_hbond.range_2_PDB_ins_code 
_pdbx_struct_sheet_hbond.range_2_auth_atom_id 
_pdbx_struct_sheet_hbond.range_2_auth_comp_id 
_pdbx_struct_sheet_hbond.range_2_auth_asym_id 
_pdbx_struct_sheet_hbond.range_2_auth_seq_id 
AA1 1 2 N LEU A 10  ? N LEU A 10  O VAL A 144 ? O VAL A 144 
AA1 2 3 O ILE A 147 ? O ILE A 147 N VAL A 125 ? N VAL A 125 
AA1 3 4 O MET A 126 ? O MET A 126 N LEU A 118 ? N LEU A 118 
AA1 4 5 O LEU A 119 ? O LEU A 119 N ALA A 37  ? N ALA A 37  
AA1 5 6 N ILE A 36  ? N ILE A 36  O TYR A 63  ? O TYR A 63  
AA1 6 7 N ILE A 64  ? N ILE A 64  O ARG A 92  ? O ARG A 92  
# 
loop_
_struct_site.id 
_struct_site.pdbx_evidence_code 
_struct_site.pdbx_auth_asym_id 
_struct_site.pdbx_auth_comp_id 
_struct_site.pdbx_auth_seq_id 
_struct_site.pdbx_auth_ins_code 
_struct_site.pdbx_num_residues 
_struct_site.details 
AC1 Software A EDO 201 ? 5  'binding site for residue EDO A 201' 
AC2 Software A EDO 202 ? 5  'binding site for residue EDO A 202' 
AC3 Software A GQP 203 ? 8  'binding site for residue GQP A 203' 
AC4 Software A GQP 204 ? 15 'binding site for residue GQP A 204' 
# 
loop_
_struct_site_gen.id 
_struct_site_gen.site_id 
_struct_site_gen.pdbx_num_res 
_struct_site_gen.label_comp_id 
_struct_site_gen.label_asym_id 
_struct_site_gen.label_seq_id 
_struct_site_gen.pdbx_auth_ins_code 
_struct_site_gen.auth_comp_id 
_struct_site_gen.auth_asym_id 
_struct_site_gen.auth_seq_id 
_struct_site_gen.label_atom_id 
_struct_site_gen.label_alt_id 
_struct_site_gen.symmetry 
_struct_site_gen.details 
1  AC1 5  ILE A 7   ? ILE A 7   . ? 1_555 ? 
2  AC1 5  ASP A 8   ? ASP A 8   . ? 1_555 ? 
3  AC1 5  LEU A 9   ? LEU A 9   . ? 1_555 ? 
4  AC1 5  LEU A 151 ? LEU A 151 . ? 7_465 ? 
5  AC1 5  SER A 154 ? SER A 154 . ? 7_465 ? 
6  AC2 5  THR A 24  ? THR A 24  . ? 1_555 ? 
7  AC2 5  LYS A 27  ? LYS A 27  . ? 1_555 ? 
8  AC2 5  LYS A 124 ? LYS A 124 . ? 1_555 ? 
9  AC2 5  HOH F .   ? HOH A 324 . ? 1_555 ? 
10 AC2 5  HOH F .   ? HOH A 329 . ? 1_555 ? 
11 AC3 8  TYR A 63  ? TYR A 63  . ? 1_555 ? 
12 AC3 8  ILE A 64  ? ILE A 64  . ? 1_555 ? 
13 AC3 8  LEU A 65  ? LEU A 65  . ? 1_555 ? 
14 AC3 8  ARG A 92  ? ARG A 92  . ? 1_555 ? 
15 AC3 8  ARG A 94  ? ARG A 94  . ? 1_555 ? 
16 AC3 8  PHE A 159 ? PHE A 159 . ? 1_555 ? 
17 AC3 8  ARG A 160 ? ARG A 160 . ? 1_555 ? 
18 AC3 8  TYR A 163 ? TYR A 163 . ? 1_555 ? 
19 AC4 15 HIS A 12  ? HIS A 12  . ? 1_555 ? 
20 AC4 15 PRO A 13  ? PRO A 13  . ? 1_555 ? 
21 AC4 15 PRO A 14  ? PRO A 14  . ? 1_555 ? 
22 AC4 15 THR A 20  ? THR A 20  . ? 1_555 ? 
23 AC4 15 GLN A 99  ? GLN A 99  . ? 7_465 ? 
24 AC4 15 GLU A 137 ? GLU A 137 . ? 1_555 ? 
25 AC4 15 LYS A 138 ? LYS A 138 . ? 1_555 ? 
26 AC4 15 HIS A 140 ? HIS A 140 . ? 1_555 ? 
27 AC4 15 LEU A 141 ? LEU A 141 . ? 1_555 ? 
28 AC4 15 GLU A 157 ? GLU A 157 . ? 4_464 ? 
29 AC4 15 THR A 161 ? THR A 161 . ? 4_464 ? 
30 AC4 15 HOH F .   ? HOH A 301 . ? 1_555 ? 
31 AC4 15 HOH F .   ? HOH A 305 . ? 1_555 ? 
32 AC4 15 HOH F .   ? HOH A 348 . ? 7_465 ? 
33 AC4 15 HOH F .   ? HOH A 378 . ? 1_555 ? 
# 
_pdbx_entry_details.entry_id                   5QHQ 
_pdbx_entry_details.compound_details           ? 
_pdbx_entry_details.source_details             ? 
_pdbx_entry_details.nonpolymer_details         ? 
_pdbx_entry_details.sequence_details           ? 
_pdbx_entry_details.has_ligand_of_interest     ? 
_pdbx_entry_details.has_protein_modification   Y 
# 
loop_
_pdbx_validate_close_contact.id 
_pdbx_validate_close_contact.PDB_model_num 
_pdbx_validate_close_contact.auth_atom_id_1 
_pdbx_validate_close_contact.auth_asym_id_1 
_pdbx_validate_close_contact.auth_comp_id_1 
_pdbx_validate_close_contact.auth_seq_id_1 
_pdbx_validate_close_contact.PDB_ins_code_1 
_pdbx_validate_close_contact.label_alt_id_1 
_pdbx_validate_close_contact.auth_atom_id_2 
_pdbx_validate_close_contact.auth_asym_id_2 
_pdbx_validate_close_contact.auth_comp_id_2 
_pdbx_validate_close_contact.auth_seq_id_2 
_pdbx_validate_close_contact.PDB_ins_code_2 
_pdbx_validate_close_contact.label_alt_id_2 
_pdbx_validate_close_contact.dist 
1 1 N1 A GQP 204 ? ? O A HOH 301 ? ? 1.41 
2 1 O  A HOH 325 ? ? O A HOH 381 ? ? 1.91 
3 1 C1 A GQP 204 ? ? O A HOH 305 ? ? 1.98 
4 1 C2 A GQP 204 ? ? O A HOH 305 ? ? 2.14 
5 1 O  A HOH 332 ? ? O A HOH 379 ? ? 2.18 
6 1 C5 A GQP 204 ? ? O A HOH 301 ? ? 2.18 
7 1 O  A HOH 324 ? ? O A HOH 388 ? ? 2.19 
# 
loop_
_pdbx_validate_symm_contact.id 
_pdbx_validate_symm_contact.PDB_model_num 
_pdbx_validate_symm_contact.auth_atom_id_1 
_pdbx_validate_symm_contact.auth_asym_id_1 
_pdbx_validate_symm_contact.auth_comp_id_1 
_pdbx_validate_symm_contact.auth_seq_id_1 
_pdbx_validate_symm_contact.PDB_ins_code_1 
_pdbx_validate_symm_contact.label_alt_id_1 
_pdbx_validate_symm_contact.site_symmetry_1 
_pdbx_validate_symm_contact.auth_atom_id_2 
_pdbx_validate_symm_contact.auth_asym_id_2 
_pdbx_validate_symm_contact.auth_comp_id_2 
_pdbx_validate_symm_contact.auth_seq_id_2 
_pdbx_validate_symm_contact.PDB_ins_code_2 
_pdbx_validate_symm_contact.label_alt_id_2 
_pdbx_validate_symm_contact.site_symmetry_2 
_pdbx_validate_symm_contact.dist 
1 1 O   A HOH 377 ? ? 1_555 O A HOH 377 ? ? 7_465 0.81 
2 1 CE1 A TYR 163 ? ? 1_555 O A HOH 353 ? ? 5_556 1.90 
3 1 O   A HOH 301 ? ? 1_555 O A HOH 348 ? ? 7_465 2.09 
# 
loop_
_pdbx_validate_rmsd_angle.id 
_pdbx_validate_rmsd_angle.PDB_model_num 
_pdbx_validate_rmsd_angle.auth_atom_id_1 
_pdbx_validate_rmsd_angle.auth_asym_id_1 
_pdbx_validate_rmsd_angle.auth_comp_id_1 
_pdbx_validate_rmsd_angle.auth_seq_id_1 
_pdbx_validate_rmsd_angle.PDB_ins_code_1 
_pdbx_validate_rmsd_angle.label_alt_id_1 
_pdbx_validate_rmsd_angle.auth_atom_id_2 
_pdbx_validate_rmsd_angle.auth_asym_id_2 
_pdbx_validate_rmsd_angle.auth_comp_id_2 
_pdbx_validate_rmsd_angle.auth_seq_id_2 
_pdbx_validate_rmsd_angle.PDB_ins_code_2 
_pdbx_validate_rmsd_angle.label_alt_id_2 
_pdbx_validate_rmsd_angle.auth_atom_id_3 
_pdbx_validate_rmsd_angle.auth_asym_id_3 
_pdbx_validate_rmsd_angle.auth_comp_id_3 
_pdbx_validate_rmsd_angle.auth_seq_id_3 
_pdbx_validate_rmsd_angle.PDB_ins_code_3 
_pdbx_validate_rmsd_angle.label_alt_id_3 
_pdbx_validate_rmsd_angle.angle_value 
_pdbx_validate_rmsd_angle.angle_target_value 
_pdbx_validate_rmsd_angle.angle_deviation 
_pdbx_validate_rmsd_angle.angle_standard_deviation 
_pdbx_validate_rmsd_angle.linker_flag 
1 1 NE A ARG 160 ? ? CZ A ARG 160 ? ? NH2 A ARG 160 ? ? 123.42 120.30 3.12  0.50 N 
2 1 NE A ARG 165 ? ? CZ A ARG 165 ? ? NH1 A ARG 165 ? ? 126.13 120.30 5.83  0.50 N 
3 1 NE A ARG 165 ? ? CZ A ARG 165 ? ? NH2 A ARG 165 ? ? 115.98 120.30 -4.32 0.50 N 
# 
loop_
_pdbx_validate_torsion.id 
_pdbx_validate_torsion.PDB_model_num 
_pdbx_validate_torsion.auth_comp_id 
_pdbx_validate_torsion.auth_asym_id 
_pdbx_validate_torsion.auth_seq_id 
_pdbx_validate_torsion.PDB_ins_code 
_pdbx_validate_torsion.label_alt_id 
_pdbx_validate_torsion.phi 
_pdbx_validate_torsion.psi 
1 1 LYS A 34  ? ? -129.81 -60.28 
2 1 GLU A 114 ? ? -101.90 73.63  
3 1 SER A 171 ? ? -27.34  -50.07 
# 
_phasing.method   MR 
# 
loop_
_pdbx_unobs_or_zero_occ_residues.id 
_pdbx_unobs_or_zero_occ_residues.PDB_model_num 
_pdbx_unobs_or_zero_occ_residues.polymer_flag 
_pdbx_unobs_or_zero_occ_residues.occupancy_flag 
_pdbx_unobs_or_zero_occ_residues.auth_asym_id 
_pdbx_unobs_or_zero_occ_residues.auth_comp_id 
_pdbx_unobs_or_zero_occ_residues.auth_seq_id 
_pdbx_unobs_or_zero_occ_residues.PDB_ins_code 
_pdbx_unobs_or_zero_occ_residues.label_asym_id 
_pdbx_unobs_or_zero_occ_residues.label_comp_id 
_pdbx_unobs_or_zero_occ_residues.label_seq_id 
1  1 Y 1 A SER 1   ? A SER 1   
2  1 Y 1 A MET 2   ? A MET 2   
3  1 Y 1 A LEU 102 ? A LEU 102 
4  1 Y 1 A SER 103 ? A SER 103 
5  1 Y 1 A LYS 104 ? A LYS 104 
6  1 Y 1 A THR 105 ? A THR 105 
7  1 Y 1 A GLY 106 ? A GLY 106 
8  1 Y 1 A ALA 107 ? A ALA 107 
9  1 Y 1 A LYS 108 ? A LYS 108 
10 1 Y 1 A GLN 174 ? A GLN 174 
11 1 Y 1 A GLU 175 ? A GLU 175 
12 1 Y 1 A GLU 176 ? A GLU 176 
13 1 Y 1 A SER 177 ? A SER 177 
14 1 Y 1 A ALA 178 ? A ALA 178 
15 1 Y 1 A ARG 179 ? A ARG 179 
16 1 Y 1 A VAL 180 ? A VAL 180 
# 
loop_
_chem_comp_atom.comp_id 
_chem_comp_atom.atom_id 
_chem_comp_atom.type_symbol 
_chem_comp_atom.pdbx_aromatic_flag 
_chem_comp_atom.pdbx_stereo_config 
_chem_comp_atom.pdbx_ordinal 
ALA N    N N N 1   
ALA CA   C N S 2   
ALA C    C N N 3   
ALA O    O N N 4   
ALA CB   C N N 5   
ALA OXT  O N N 6   
ALA H    H N N 7   
ALA H2   H N N 8   
ALA HA   H N N 9   
ALA HB1  H N N 10  
ALA HB2  H N N 11  
ALA HB3  H N N 12  
ALA HXT  H N N 13  
ARG N    N N N 14  
ARG CA   C N S 15  
ARG C    C N N 16  
ARG O    O N N 17  
ARG CB   C N N 18  
ARG CG   C N N 19  
ARG CD   C N N 20  
ARG NE   N N N 21  
ARG CZ   C N N 22  
ARG NH1  N N N 23  
ARG NH2  N N N 24  
ARG OXT  O N N 25  
ARG H    H N N 26  
ARG H2   H N N 27  
ARG HA   H N N 28  
ARG HB2  H N N 29  
ARG HB3  H N N 30  
ARG HG2  H N N 31  
ARG HG3  H N N 32  
ARG HD2  H N N 33  
ARG HD3  H N N 34  
ARG HE   H N N 35  
ARG HH11 H N N 36  
ARG HH12 H N N 37  
ARG HH21 H N N 38  
ARG HH22 H N N 39  
ARG HXT  H N N 40  
ASN N    N N N 41  
ASN CA   C N S 42  
ASN C    C N N 43  
ASN O    O N N 44  
ASN CB   C N N 45  
ASN CG   C N N 46  
ASN OD1  O N N 47  
ASN ND2  N N N 48  
ASN OXT  O N N 49  
ASN H    H N N 50  
ASN H2   H N N 51  
ASN HA   H N N 52  
ASN HB2  H N N 53  
ASN HB3  H N N 54  
ASN HD21 H N N 55  
ASN HD22 H N N 56  
ASN HXT  H N N 57  
ASP N    N N N 58  
ASP CA   C N S 59  
ASP C    C N N 60  
ASP O    O N N 61  
ASP CB   C N N 62  
ASP CG   C N N 63  
ASP OD1  O N N 64  
ASP OD2  O N N 65  
ASP OXT  O N N 66  
ASP H    H N N 67  
ASP H2   H N N 68  
ASP HA   H N N 69  
ASP HB2  H N N 70  
ASP HB3  H N N 71  
ASP HD2  H N N 72  
ASP HXT  H N N 73  
CYS N    N N N 74  
CYS CA   C N R 75  
CYS C    C N N 76  
CYS O    O N N 77  
CYS CB   C N N 78  
CYS SG   S N N 79  
CYS OXT  O N N 80  
CYS H    H N N 81  
CYS H2   H N N 82  
CYS HA   H N N 83  
CYS HB2  H N N 84  
CYS HB3  H N N 85  
CYS HG   H N N 86  
CYS HXT  H N N 87  
EDO C1   C N N 88  
EDO O1   O N N 89  
EDO C2   C N N 90  
EDO O2   O N N 91  
EDO H11  H N N 92  
EDO H12  H N N 93  
EDO HO1  H N N 94  
EDO H21  H N N 95  
EDO H22  H N N 96  
EDO HO2  H N N 97  
GLN N    N N N 98  
GLN CA   C N S 99  
GLN C    C N N 100 
GLN O    O N N 101 
GLN CB   C N N 102 
GLN CG   C N N 103 
GLN CD   C N N 104 
GLN OE1  O N N 105 
GLN NE2  N N N 106 
GLN OXT  O N N 107 
GLN H    H N N 108 
GLN H2   H N N 109 
GLN HA   H N N 110 
GLN HB2  H N N 111 
GLN HB3  H N N 112 
GLN HG2  H N N 113 
GLN HG3  H N N 114 
GLN HE21 H N N 115 
GLN HE22 H N N 116 
GLN HXT  H N N 117 
GLU N    N N N 118 
GLU CA   C N S 119 
GLU C    C N N 120 
GLU O    O N N 121 
GLU CB   C N N 122 
GLU CG   C N N 123 
GLU CD   C N N 124 
GLU OE1  O N N 125 
GLU OE2  O N N 126 
GLU OXT  O N N 127 
GLU H    H N N 128 
GLU H2   H N N 129 
GLU HA   H N N 130 
GLU HB2  H N N 131 
GLU HB3  H N N 132 
GLU HG2  H N N 133 
GLU HG3  H N N 134 
GLU HE2  H N N 135 
GLU HXT  H N N 136 
GLY N    N N N 137 
GLY CA   C N N 138 
GLY C    C N N 139 
GLY O    O N N 140 
GLY OXT  O N N 141 
GLY H    H N N 142 
GLY H2   H N N 143 
GLY HA2  H N N 144 
GLY HA3  H N N 145 
GLY HXT  H N N 146 
GQP N1   N Y N 147 
GQP C4   C Y N 148 
GQP C5   C Y N 149 
GQP C6   C Y N 150 
GQP C7   C Y N 151 
GQP C8   C N N 152 
GQP C10  C Y N 153 
GQP C13  C Y N 154 
GQP C1   C Y N 155 
GQP C11  C Y N 156 
GQP C12  C Y N 157 
GQP C14  C Y N 158 
GQP C2   C Y N 159 
GQP C3   C Y N 160 
GQP C9   C Y N 161 
GQP F1   F N N 162 
GQP N2   N Y N 163 
GQP H1   H N N 164 
GQP H2   H N N 165 
GQP H3   H N N 166 
GQP H4   H N N 167 
GQP H5   H N N 168 
GQP H6   H N N 169 
GQP H7   H N N 170 
GQP H8   H N N 171 
GQP H9   H N N 172 
GQP H10  H N N 173 
GQP H11  H N N 174 
HIS N    N N N 175 
HIS CA   C N S 176 
HIS C    C N N 177 
HIS O    O N N 178 
HIS CB   C N N 179 
HIS CG   C Y N 180 
HIS ND1  N Y N 181 
HIS CD2  C Y N 182 
HIS CE1  C Y N 183 
HIS NE2  N Y N 184 
HIS OXT  O N N 185 
HIS H    H N N 186 
HIS H2   H N N 187 
HIS HA   H N N 188 
HIS HB2  H N N 189 
HIS HB3  H N N 190 
HIS HD1  H N N 191 
HIS HD2  H N N 192 
HIS HE1  H N N 193 
HIS HE2  H N N 194 
HIS HXT  H N N 195 
HOH O    O N N 196 
HOH H1   H N N 197 
HOH H2   H N N 198 
ILE N    N N N 199 
ILE CA   C N S 200 
ILE C    C N N 201 
ILE O    O N N 202 
ILE CB   C N S 203 
ILE CG1  C N N 204 
ILE CG2  C N N 205 
ILE CD1  C N N 206 
ILE OXT  O N N 207 
ILE H    H N N 208 
ILE H2   H N N 209 
ILE HA   H N N 210 
ILE HB   H N N 211 
ILE HG12 H N N 212 
ILE HG13 H N N 213 
ILE HG21 H N N 214 
ILE HG22 H N N 215 
ILE HG23 H N N 216 
ILE HD11 H N N 217 
ILE HD12 H N N 218 
ILE HD13 H N N 219 
ILE HXT  H N N 220 
LEU N    N N N 221 
LEU CA   C N S 222 
LEU C    C N N 223 
LEU O    O N N 224 
LEU CB   C N N 225 
LEU CG   C N N 226 
LEU CD1  C N N 227 
LEU CD2  C N N 228 
LEU OXT  O N N 229 
LEU H    H N N 230 
LEU H2   H N N 231 
LEU HA   H N N 232 
LEU HB2  H N N 233 
LEU HB3  H N N 234 
LEU HG   H N N 235 
LEU HD11 H N N 236 
LEU HD12 H N N 237 
LEU HD13 H N N 238 
LEU HD21 H N N 239 
LEU HD22 H N N 240 
LEU HD23 H N N 241 
LEU HXT  H N N 242 
LYS N    N N N 243 
LYS CA   C N S 244 
LYS C    C N N 245 
LYS O    O N N 246 
LYS CB   C N N 247 
LYS CG   C N N 248 
LYS CD   C N N 249 
LYS CE   C N N 250 
LYS NZ   N N N 251 
LYS OXT  O N N 252 
LYS H    H N N 253 
LYS H2   H N N 254 
LYS HA   H N N 255 
LYS HB2  H N N 256 
LYS HB3  H N N 257 
LYS HG2  H N N 258 
LYS HG3  H N N 259 
LYS HD2  H N N 260 
LYS HD3  H N N 261 
LYS HE2  H N N 262 
LYS HE3  H N N 263 
LYS HZ1  H N N 264 
LYS HZ2  H N N 265 
LYS HZ3  H N N 266 
LYS HXT  H N N 267 
MET N    N N N 268 
MET CA   C N S 269 
MET C    C N N 270 
MET O    O N N 271 
MET CB   C N N 272 
MET CG   C N N 273 
MET SD   S N N 274 
MET CE   C N N 275 
MET OXT  O N N 276 
MET H    H N N 277 
MET H2   H N N 278 
MET HA   H N N 279 
MET HB2  H N N 280 
MET HB3  H N N 281 
MET HG2  H N N 282 
MET HG3  H N N 283 
MET HE1  H N N 284 
MET HE2  H N N 285 
MET HE3  H N N 286 
MET HXT  H N N 287 
PHE N    N N N 288 
PHE CA   C N S 289 
PHE C    C N N 290 
PHE O    O N N 291 
PHE CB   C N N 292 
PHE CG   C Y N 293 
PHE CD1  C Y N 294 
PHE CD2  C Y N 295 
PHE CE1  C Y N 296 
PHE CE2  C Y N 297 
PHE CZ   C Y N 298 
PHE OXT  O N N 299 
PHE H    H N N 300 
PHE H2   H N N 301 
PHE HA   H N N 302 
PHE HB2  H N N 303 
PHE HB3  H N N 304 
PHE HD1  H N N 305 
PHE HD2  H N N 306 
PHE HE1  H N N 307 
PHE HE2  H N N 308 
PHE HZ   H N N 309 
PHE HXT  H N N 310 
PRO N    N N N 311 
PRO CA   C N S 312 
PRO C    C N N 313 
PRO O    O N N 314 
PRO CB   C N N 315 
PRO CG   C N N 316 
PRO CD   C N N 317 
PRO OXT  O N N 318 
PRO H    H N N 319 
PRO HA   H N N 320 
PRO HB2  H N N 321 
PRO HB3  H N N 322 
PRO HG2  H N N 323 
PRO HG3  H N N 324 
PRO HD2  H N N 325 
PRO HD3  H N N 326 
PRO HXT  H N N 327 
SER N    N N N 328 
SER CA   C N S 329 
SER C    C N N 330 
SER O    O N N 331 
SER CB   C N N 332 
SER OG   O N N 333 
SER OXT  O N N 334 
SER H    H N N 335 
SER H2   H N N 336 
SER HA   H N N 337 
SER HB2  H N N 338 
SER HB3  H N N 339 
SER HG   H N N 340 
SER HXT  H N N 341 
THR N    N N N 342 
THR CA   C N S 343 
THR C    C N N 344 
THR O    O N N 345 
THR CB   C N R 346 
THR OG1  O N N 347 
THR CG2  C N N 348 
THR OXT  O N N 349 
THR H    H N N 350 
THR H2   H N N 351 
THR HA   H N N 352 
THR HB   H N N 353 
THR HG1  H N N 354 
THR HG21 H N N 355 
THR HG22 H N N 356 
THR HG23 H N N 357 
THR HXT  H N N 358 
TRP N    N N N 359 
TRP CA   C N S 360 
TRP C    C N N 361 
TRP O    O N N 362 
TRP CB   C N N 363 
TRP CG   C Y N 364 
TRP CD1  C Y N 365 
TRP CD2  C Y N 366 
TRP NE1  N Y N 367 
TRP CE2  C Y N 368 
TRP CE3  C Y N 369 
TRP CZ2  C Y N 370 
TRP CZ3  C Y N 371 
TRP CH2  C Y N 372 
TRP OXT  O N N 373 
TRP H    H N N 374 
TRP H2   H N N 375 
TRP HA   H N N 376 
TRP HB2  H N N 377 
TRP HB3  H N N 378 
TRP HD1  H N N 379 
TRP HE1  H N N 380 
TRP HE3  H N N 381 
TRP HZ2  H N N 382 
TRP HZ3  H N N 383 
TRP HH2  H N N 384 
TRP HXT  H N N 385 
TYR N    N N N 386 
TYR CA   C N S 387 
TYR C    C N N 388 
TYR O    O N N 389 
TYR CB   C N N 390 
TYR CG   C Y N 391 
TYR CD1  C Y N 392 
TYR CD2  C Y N 393 
TYR CE1  C Y N 394 
TYR CE2  C Y N 395 
TYR CZ   C Y N 396 
TYR OH   O N N 397 
TYR OXT  O N N 398 
TYR H    H N N 399 
TYR H2   H N N 400 
TYR HA   H N N 401 
TYR HB2  H N N 402 
TYR HB3  H N N 403 
TYR HD1  H N N 404 
TYR HD2  H N N 405 
TYR HE1  H N N 406 
TYR HE2  H N N 407 
TYR HH   H N N 408 
TYR HXT  H N N 409 
VAL N    N N N 410 
VAL CA   C N S 411 
VAL C    C N N 412 
VAL O    O N N 413 
VAL CB   C N N 414 
VAL CG1  C N N 415 
VAL CG2  C N N 416 
VAL OXT  O N N 417 
VAL H    H N N 418 
VAL H2   H N N 419 
VAL HA   H N N 420 
VAL HB   H N N 421 
VAL HG11 H N N 422 
VAL HG12 H N N 423 
VAL HG13 H N N 424 
VAL HG21 H N N 425 
VAL HG22 H N N 426 
VAL HG23 H N N 427 
VAL HXT  H N N 428 
# 
loop_
_chem_comp_bond.comp_id 
_chem_comp_bond.atom_id_1 
_chem_comp_bond.atom_id_2 
_chem_comp_bond.value_order 
_chem_comp_bond.pdbx_aromatic_flag 
_chem_comp_bond.pdbx_stereo_config 
_chem_comp_bond.pdbx_ordinal 
ALA N   CA   sing N N 1   
ALA N   H    sing N N 2   
ALA N   H2   sing N N 3   
ALA CA  C    sing N N 4   
ALA CA  CB   sing N N 5   
ALA CA  HA   sing N N 6   
ALA C   O    doub N N 7   
ALA C   OXT  sing N N 8   
ALA CB  HB1  sing N N 9   
ALA CB  HB2  sing N N 10  
ALA CB  HB3  sing N N 11  
ALA OXT HXT  sing N N 12  
ARG N   CA   sing N N 13  
ARG N   H    sing N N 14  
ARG N   H2   sing N N 15  
ARG CA  C    sing N N 16  
ARG CA  CB   sing N N 17  
ARG CA  HA   sing N N 18  
ARG C   O    doub N N 19  
ARG C   OXT  sing N N 20  
ARG CB  CG   sing N N 21  
ARG CB  HB2  sing N N 22  
ARG CB  HB3  sing N N 23  
ARG CG  CD   sing N N 24  
ARG CG  HG2  sing N N 25  
ARG CG  HG3  sing N N 26  
ARG CD  NE   sing N N 27  
ARG CD  HD2  sing N N 28  
ARG CD  HD3  sing N N 29  
ARG NE  CZ   sing N N 30  
ARG NE  HE   sing N N 31  
ARG CZ  NH1  sing N N 32  
ARG CZ  NH2  doub N N 33  
ARG NH1 HH11 sing N N 34  
ARG NH1 HH12 sing N N 35  
ARG NH2 HH21 sing N N 36  
ARG NH2 HH22 sing N N 37  
ARG OXT HXT  sing N N 38  
ASN N   CA   sing N N 39  
ASN N   H    sing N N 40  
ASN N   H2   sing N N 41  
ASN CA  C    sing N N 42  
ASN CA  CB   sing N N 43  
ASN CA  HA   sing N N 44  
ASN C   O    doub N N 45  
ASN C   OXT  sing N N 46  
ASN CB  CG   sing N N 47  
ASN CB  HB2  sing N N 48  
ASN CB  HB3  sing N N 49  
ASN CG  OD1  doub N N 50  
ASN CG  ND2  sing N N 51  
ASN ND2 HD21 sing N N 52  
ASN ND2 HD22 sing N N 53  
ASN OXT HXT  sing N N 54  
ASP N   CA   sing N N 55  
ASP N   H    sing N N 56  
ASP N   H2   sing N N 57  
ASP CA  C    sing N N 58  
ASP CA  CB   sing N N 59  
ASP CA  HA   sing N N 60  
ASP C   O    doub N N 61  
ASP C   OXT  sing N N 62  
ASP CB  CG   sing N N 63  
ASP CB  HB2  sing N N 64  
ASP CB  HB3  sing N N 65  
ASP CG  OD1  doub N N 66  
ASP CG  OD2  sing N N 67  
ASP OD2 HD2  sing N N 68  
ASP OXT HXT  sing N N 69  
CYS N   CA   sing N N 70  
CYS N   H    sing N N 71  
CYS N   H2   sing N N 72  
CYS CA  C    sing N N 73  
CYS CA  CB   sing N N 74  
CYS CA  HA   sing N N 75  
CYS C   O    doub N N 76  
CYS C   OXT  sing N N 77  
CYS CB  SG   sing N N 78  
CYS CB  HB2  sing N N 79  
CYS CB  HB3  sing N N 80  
CYS SG  HG   sing N N 81  
CYS OXT HXT  sing N N 82  
EDO C1  O1   sing N N 83  
EDO C1  C2   sing N N 84  
EDO C1  H11  sing N N 85  
EDO C1  H12  sing N N 86  
EDO O1  HO1  sing N N 87  
EDO C2  O2   sing N N 88  
EDO C2  H21  sing N N 89  
EDO C2  H22  sing N N 90  
EDO O2  HO2  sing N N 91  
GLN N   CA   sing N N 92  
GLN N   H    sing N N 93  
GLN N   H2   sing N N 94  
GLN CA  C    sing N N 95  
GLN CA  CB   sing N N 96  
GLN CA  HA   sing N N 97  
GLN C   O    doub N N 98  
GLN C   OXT  sing N N 99  
GLN CB  CG   sing N N 100 
GLN CB  HB2  sing N N 101 
GLN CB  HB3  sing N N 102 
GLN CG  CD   sing N N 103 
GLN CG  HG2  sing N N 104 
GLN CG  HG3  sing N N 105 
GLN CD  OE1  doub N N 106 
GLN CD  NE2  sing N N 107 
GLN NE2 HE21 sing N N 108 
GLN NE2 HE22 sing N N 109 
GLN OXT HXT  sing N N 110 
GLU N   CA   sing N N 111 
GLU N   H    sing N N 112 
GLU N   H2   sing N N 113 
GLU CA  C    sing N N 114 
GLU CA  CB   sing N N 115 
GLU CA  HA   sing N N 116 
GLU C   O    doub N N 117 
GLU C   OXT  sing N N 118 
GLU CB  CG   sing N N 119 
GLU CB  HB2  sing N N 120 
GLU CB  HB3  sing N N 121 
GLU CG  CD   sing N N 122 
GLU CG  HG2  sing N N 123 
GLU CG  HG3  sing N N 124 
GLU CD  OE1  doub N N 125 
GLU CD  OE2  sing N N 126 
GLU OE2 HE2  sing N N 127 
GLU OXT HXT  sing N N 128 
GLY N   CA   sing N N 129 
GLY N   H    sing N N 130 
GLY N   H2   sing N N 131 
GLY CA  C    sing N N 132 
GLY CA  HA2  sing N N 133 
GLY CA  HA3  sing N N 134 
GLY C   O    doub N N 135 
GLY C   OXT  sing N N 136 
GLY OXT HXT  sing N N 137 
GQP C1  C6   doub Y N 138 
GQP C1  C2   sing Y N 139 
GQP C6  C5   sing Y N 140 
GQP C2  C3   doub Y N 141 
GQP C5  C4   doub Y N 142 
GQP C5  N1   sing Y N 143 
GQP C3  C4   sing Y N 144 
GQP C4  N2   sing Y N 145 
GQP C11 C10  doub Y N 146 
GQP C11 C12  sing Y N 147 
GQP N1  C7   doub Y N 148 
GQP C10 C9   sing Y N 149 
GQP F1  C12  sing N N 150 
GQP C12 C13  doub Y N 151 
GQP N2  C7   sing Y N 152 
GQP N2  C8   sing N N 153 
GQP C9  C8   sing N N 154 
GQP C9  C14  doub Y N 155 
GQP C13 C14  sing Y N 156 
GQP C6  H1   sing N N 157 
GQP C7  H2   sing N N 158 
GQP C8  H3   sing N N 159 
GQP C8  H4   sing N N 160 
GQP C10 H5   sing N N 161 
GQP C13 H6   sing N N 162 
GQP C1  H7   sing N N 163 
GQP C11 H8   sing N N 164 
GQP C14 H9   sing N N 165 
GQP C2  H10  sing N N 166 
GQP C3  H11  sing N N 167 
HIS N   CA   sing N N 168 
HIS N   H    sing N N 169 
HIS N   H2   sing N N 170 
HIS CA  C    sing N N 171 
HIS CA  CB   sing N N 172 
HIS CA  HA   sing N N 173 
HIS C   O    doub N N 174 
HIS C   OXT  sing N N 175 
HIS CB  CG   sing N N 176 
HIS CB  HB2  sing N N 177 
HIS CB  HB3  sing N N 178 
HIS CG  ND1  sing Y N 179 
HIS CG  CD2  doub Y N 180 
HIS ND1 CE1  doub Y N 181 
HIS ND1 HD1  sing N N 182 
HIS CD2 NE2  sing Y N 183 
HIS CD2 HD2  sing N N 184 
HIS CE1 NE2  sing Y N 185 
HIS CE1 HE1  sing N N 186 
HIS NE2 HE2  sing N N 187 
HIS OXT HXT  sing N N 188 
HOH O   H1   sing N N 189 
HOH O   H2   sing N N 190 
ILE N   CA   sing N N 191 
ILE N   H    sing N N 192 
ILE N   H2   sing N N 193 
ILE CA  C    sing N N 194 
ILE CA  CB   sing N N 195 
ILE CA  HA   sing N N 196 
ILE C   O    doub N N 197 
ILE C   OXT  sing N N 198 
ILE CB  CG1  sing N N 199 
ILE CB  CG2  sing N N 200 
ILE CB  HB   sing N N 201 
ILE CG1 CD1  sing N N 202 
ILE CG1 HG12 sing N N 203 
ILE CG1 HG13 sing N N 204 
ILE CG2 HG21 sing N N 205 
ILE CG2 HG22 sing N N 206 
ILE CG2 HG23 sing N N 207 
ILE CD1 HD11 sing N N 208 
ILE CD1 HD12 sing N N 209 
ILE CD1 HD13 sing N N 210 
ILE OXT HXT  sing N N 211 
LEU N   CA   sing N N 212 
LEU N   H    sing N N 213 
LEU N   H2   sing N N 214 
LEU CA  C    sing N N 215 
LEU CA  CB   sing N N 216 
LEU CA  HA   sing N N 217 
LEU C   O    doub N N 218 
LEU C   OXT  sing N N 219 
LEU CB  CG   sing N N 220 
LEU CB  HB2  sing N N 221 
LEU CB  HB3  sing N N 222 
LEU CG  CD1  sing N N 223 
LEU CG  CD2  sing N N 224 
LEU CG  HG   sing N N 225 
LEU CD1 HD11 sing N N 226 
LEU CD1 HD12 sing N N 227 
LEU CD1 HD13 sing N N 228 
LEU CD2 HD21 sing N N 229 
LEU CD2 HD22 sing N N 230 
LEU CD2 HD23 sing N N 231 
LEU OXT HXT  sing N N 232 
LYS N   CA   sing N N 233 
LYS N   H    sing N N 234 
LYS N   H2   sing N N 235 
LYS CA  C    sing N N 236 
LYS CA  CB   sing N N 237 
LYS CA  HA   sing N N 238 
LYS C   O    doub N N 239 
LYS C   OXT  sing N N 240 
LYS CB  CG   sing N N 241 
LYS CB  HB2  sing N N 242 
LYS CB  HB3  sing N N 243 
LYS CG  CD   sing N N 244 
LYS CG  HG2  sing N N 245 
LYS CG  HG3  sing N N 246 
LYS CD  CE   sing N N 247 
LYS CD  HD2  sing N N 248 
LYS CD  HD3  sing N N 249 
LYS CE  NZ   sing N N 250 
LYS CE  HE2  sing N N 251 
LYS CE  HE3  sing N N 252 
LYS NZ  HZ1  sing N N 253 
LYS NZ  HZ2  sing N N 254 
LYS NZ  HZ3  sing N N 255 
LYS OXT HXT  sing N N 256 
MET N   CA   sing N N 257 
MET N   H    sing N N 258 
MET N   H2   sing N N 259 
MET CA  C    sing N N 260 
MET CA  CB   sing N N 261 
MET CA  HA   sing N N 262 
MET C   O    doub N N 263 
MET C   OXT  sing N N 264 
MET CB  CG   sing N N 265 
MET CB  HB2  sing N N 266 
MET CB  HB3  sing N N 267 
MET CG  SD   sing N N 268 
MET CG  HG2  sing N N 269 
MET CG  HG3  sing N N 270 
MET SD  CE   sing N N 271 
MET CE  HE1  sing N N 272 
MET CE  HE2  sing N N 273 
MET CE  HE3  sing N N 274 
MET OXT HXT  sing N N 275 
PHE N   CA   sing N N 276 
PHE N   H    sing N N 277 
PHE N   H2   sing N N 278 
PHE CA  C    sing N N 279 
PHE CA  CB   sing N N 280 
PHE CA  HA   sing N N 281 
PHE C   O    doub N N 282 
PHE C   OXT  sing N N 283 
PHE CB  CG   sing N N 284 
PHE CB  HB2  sing N N 285 
PHE CB  HB3  sing N N 286 
PHE CG  CD1  doub Y N 287 
PHE CG  CD2  sing Y N 288 
PHE CD1 CE1  sing Y N 289 
PHE CD1 HD1  sing N N 290 
PHE CD2 CE2  doub Y N 291 
PHE CD2 HD2  sing N N 292 
PHE CE1 CZ   doub Y N 293 
PHE CE1 HE1  sing N N 294 
PHE CE2 CZ   sing Y N 295 
PHE CE2 HE2  sing N N 296 
PHE CZ  HZ   sing N N 297 
PHE OXT HXT  sing N N 298 
PRO N   CA   sing N N 299 
PRO N   CD   sing N N 300 
PRO N   H    sing N N 301 
PRO CA  C    sing N N 302 
PRO CA  CB   sing N N 303 
PRO CA  HA   sing N N 304 
PRO C   O    doub N N 305 
PRO C   OXT  sing N N 306 
PRO CB  CG   sing N N 307 
PRO CB  HB2  sing N N 308 
PRO CB  HB3  sing N N 309 
PRO CG  CD   sing N N 310 
PRO CG  HG2  sing N N 311 
PRO CG  HG3  sing N N 312 
PRO CD  HD2  sing N N 313 
PRO CD  HD3  sing N N 314 
PRO OXT HXT  sing N N 315 
SER N   CA   sing N N 316 
SER N   H    sing N N 317 
SER N   H2   sing N N 318 
SER CA  C    sing N N 319 
SER CA  CB   sing N N 320 
SER CA  HA   sing N N 321 
SER C   O    doub N N 322 
SER C   OXT  sing N N 323 
SER CB  OG   sing N N 324 
SER CB  HB2  sing N N 325 
SER CB  HB3  sing N N 326 
SER OG  HG   sing N N 327 
SER OXT HXT  sing N N 328 
THR N   CA   sing N N 329 
THR N   H    sing N N 330 
THR N   H2   sing N N 331 
THR CA  C    sing N N 332 
THR CA  CB   sing N N 333 
THR CA  HA   sing N N 334 
THR C   O    doub N N 335 
THR C   OXT  sing N N 336 
THR CB  OG1  sing N N 337 
THR CB  CG2  sing N N 338 
THR CB  HB   sing N N 339 
THR OG1 HG1  sing N N 340 
THR CG2 HG21 sing N N 341 
THR CG2 HG22 sing N N 342 
THR CG2 HG23 sing N N 343 
THR OXT HXT  sing N N 344 
TRP N   CA   sing N N 345 
TRP N   H    sing N N 346 
TRP N   H2   sing N N 347 
TRP CA  C    sing N N 348 
TRP CA  CB   sing N N 349 
TRP CA  HA   sing N N 350 
TRP C   O    doub N N 351 
TRP C   OXT  sing N N 352 
TRP CB  CG   sing N N 353 
TRP CB  HB2  sing N N 354 
TRP CB  HB3  sing N N 355 
TRP CG  CD1  doub Y N 356 
TRP CG  CD2  sing Y N 357 
TRP CD1 NE1  sing Y N 358 
TRP CD1 HD1  sing N N 359 
TRP CD2 CE2  doub Y N 360 
TRP CD2 CE3  sing Y N 361 
TRP NE1 CE2  sing Y N 362 
TRP NE1 HE1  sing N N 363 
TRP CE2 CZ2  sing Y N 364 
TRP CE3 CZ3  doub Y N 365 
TRP CE3 HE3  sing N N 366 
TRP CZ2 CH2  doub Y N 367 
TRP CZ2 HZ2  sing N N 368 
TRP CZ3 CH2  sing Y N 369 
TRP CZ3 HZ3  sing N N 370 
TRP CH2 HH2  sing N N 371 
TRP OXT HXT  sing N N 372 
TYR N   CA   sing N N 373 
TYR N   H    sing N N 374 
TYR N   H2   sing N N 375 
TYR CA  C    sing N N 376 
TYR CA  CB   sing N N 377 
TYR CA  HA   sing N N 378 
TYR C   O    doub N N 379 
TYR C   OXT  sing N N 380 
TYR CB  CG   sing N N 381 
TYR CB  HB2  sing N N 382 
TYR CB  HB3  sing N N 383 
TYR CG  CD1  doub Y N 384 
TYR CG  CD2  sing Y N 385 
TYR CD1 CE1  sing Y N 386 
TYR CD1 HD1  sing N N 387 
TYR CD2 CE2  doub Y N 388 
TYR CD2 HD2  sing N N 389 
TYR CE1 CZ   doub Y N 390 
TYR CE1 HE1  sing N N 391 
TYR CE2 CZ   sing Y N 392 
TYR CE2 HE2  sing N N 393 
TYR CZ  OH   sing N N 394 
TYR OH  HH   sing N N 395 
TYR OXT HXT  sing N N 396 
VAL N   CA   sing N N 397 
VAL N   H    sing N N 398 
VAL N   H2   sing N N 399 
VAL CA  C    sing N N 400 
VAL CA  CB   sing N N 401 
VAL CA  HA   sing N N 402 
VAL C   O    doub N N 403 
VAL C   OXT  sing N N 404 
VAL CB  CG1  sing N N 405 
VAL CB  CG2  sing N N 406 
VAL CB  HB   sing N N 407 
VAL CG1 HG11 sing N N 408 
VAL CG1 HG12 sing N N 409 
VAL CG1 HG13 sing N N 410 
VAL CG2 HG21 sing N N 411 
VAL CG2 HG22 sing N N 412 
VAL CG2 HG23 sing N N 413 
VAL OXT HXT  sing N N 414 
# 
_pdbx_deposit_group.group_id            G_1002046 
_pdbx_deposit_group.group_description   
;Human FAM83B DUF1669 domain screened against DSPL and OxXChem Libraries by X-ray Crystallography at the XChem facility of Diamond Light Source beamline I04-1
;
_pdbx_deposit_group.group_title         'PanDDA analysis group deposition of models with modelled events (e.g. bound ligands)' 
_pdbx_deposit_group.group_type          'changed state' 
# 
_pdbx_related_exp_data_set.ordinal              1 
_pdbx_related_exp_data_set.data_reference       . 
_pdbx_related_exp_data_set.metadata_reference   10.5281/zenodo.1247291 
_pdbx_related_exp_data_set.data_set_type        'other data' 
_pdbx_related_exp_data_set.details              'Complete PanDDA analysis' 
# 
_atom_sites.entry_id                    5QHQ 
_atom_sites.fract_transf_matrix[1][1]   0.00269940 
_atom_sites.fract_transf_matrix[1][2]   0.00720089 
_atom_sites.fract_transf_matrix[1][3]   -0.01825424 
_atom_sites.fract_transf_matrix[2][1]   0.00337660 
_atom_sites.fract_transf_matrix[2][2]   -0.01832176 
_atom_sites.fract_transf_matrix[2][3]   -0.00672820 
_atom_sites.fract_transf_matrix[3][1]   -0.00632770 
_atom_sites.fract_transf_matrix[3][2]   -0.00071846 
_atom_sites.fract_transf_matrix[3][3]   -0.00121914 
_atom_sites.fract_transf_vector[1]      0.130937 
_atom_sites.fract_transf_vector[2]      0.779306 
_atom_sites.fract_transf_vector[3]      0.386410 
# 
loop_
_atom_type.symbol 
C 
F 
N 
O 
S 
# 
loop_
_atom_site.group_PDB 
_atom_site.id 
_atom_site.type_symbol 
_atom_site.label_atom_id 
_atom_site.label_alt_id 
_atom_site.label_comp_id 
_atom_site.label_asym_id 
_atom_site.label_entity_id 
_atom_site.label_seq_id 
_atom_site.pdbx_PDB_ins_code 
_atom_site.Cartn_x 
_atom_site.Cartn_y 
_atom_site.Cartn_z 
_atom_site.occupancy 
_atom_site.B_iso_or_equiv 
_atom_site.pdbx_formal_charge 
_atom_site.auth_seq_id 
_atom_site.auth_comp_id 
_atom_site.auth_asym_id 
_atom_site.auth_atom_id 
_atom_site.pdbx_PDB_model_num 
ATOM   1    N N   . GLY A 1 3   ? 3.507   -16.644 -21.409 1.00 61.75  ? 3   GLY A N   1 
ATOM   2    C CA  . GLY A 1 3   ? 3.109   -15.647 -20.360 1.00 64.31  ? 3   GLY A CA  1 
ATOM   3    C C   . GLY A 1 3   ? 3.001   -16.228 -18.946 1.00 65.40  ? 3   GLY A C   1 
ATOM   4    O O   . GLY A 1 3   ? 1.888   -16.457 -18.435 1.00 74.16  ? 3   GLY A O   1 
ATOM   5    N N   . GLY A 1 4   ? 4.159   -16.476 -18.327 1.00 49.57  ? 4   GLY A N   1 
ATOM   6    C CA  . GLY A 1 4   ? 4.244   -16.961 -16.952 1.00 49.74  ? 4   GLY A CA  1 
ATOM   7    C C   . GLY A 1 4   ? 4.489   -15.858 -15.902 1.00 43.94  ? 4   GLY A C   1 
ATOM   8    O O   . GLY A 1 4   ? 4.158   -14.692 -16.103 1.00 36.83  ? 4   GLY A O   1 
ATOM   9    N N   . THR A 1 5   ? 5.036   -16.266 -14.764 1.00 38.17  ? 5   THR A N   1 
ATOM   10   C CA  . THR A 1 5   ? 5.200   -15.397 -13.602 1.00 38.58  ? 5   THR A CA  1 
ATOM   11   C C   . THR A 1 5   ? 6.656   -15.372 -13.170 1.00 34.49  ? 5   THR A C   1 
ATOM   12   O O   . THR A 1 5   ? 7.337   -16.388 -13.206 1.00 37.91  ? 5   THR A O   1 
ATOM   13   C CB  . THR A 1 5   ? 4.272   -15.834 -12.452 1.00 33.47  ? 5   THR A CB  1 
ATOM   14   O OG1 . THR A 1 5   ? 2.956   -15.605 -12.884 1.00 32.27  ? 5   THR A OG1 1 
ATOM   15   C CG2 . THR A 1 5   ? 4.484   -15.008 -11.196 1.00 36.05  ? 5   THR A CG2 1 
ATOM   16   N N   . HIS A 1 6   ? 7.152   -14.193 -12.835 1.00 31.52  ? 6   HIS A N   1 
ATOM   17   C CA  . HIS A 1 6   ? 8.474   -14.100 -12.251 1.00 31.98  ? 6   HIS A CA  1 
ATOM   18   C C   . HIS A 1 6   ? 8.377   -13.538 -10.832 1.00 30.28  ? 6   HIS A C   1 
ATOM   19   O O   . HIS A 1 6   ? 7.642   -12.592 -10.601 1.00 29.80  ? 6   HIS A O   1 
ATOM   20   C CB  . HIS A 1 6   ? 9.399   -13.228 -13.098 1.00 35.70  ? 6   HIS A CB  1 
ATOM   21   C CG  . HIS A 1 6   ? 10.813  -13.230 -12.593 1.00 41.22  ? 6   HIS A CG  1 
ATOM   22   N ND1 . HIS A 1 6   ? 11.649  -14.315 -12.749 1.00 49.33  ? 6   HIS A ND1 1 
ATOM   23   C CD2 . HIS A 1 6   ? 11.503  -12.330 -11.853 1.00 44.41  ? 6   HIS A CD2 1 
ATOM   24   C CE1 . HIS A 1 6   ? 12.818  -14.056 -12.190 1.00 48.41  ? 6   HIS A CE1 1 
ATOM   25   N NE2 . HIS A 1 6   ? 12.753  -12.859 -11.634 1.00 51.94  ? 6   HIS A NE2 1 
ATOM   26   N N   . ILE A 1 7   ? 9.141   -14.112 -9.916  1.00 29.00  ? 7   ILE A N   1 
ATOM   27   C CA  . ILE A 1 7   ? 9.225   -13.666 -8.499  1.00 29.61  ? 7   ILE A CA  1 
ATOM   28   C C   . ILE A 1 7   ? 10.657  -13.556 -7.990  1.00 28.24  ? 7   ILE A C   1 
ATOM   29   O O   . ILE A 1 7   ? 11.403  -14.510 -8.118  1.00 28.19  ? 7   ILE A O   1 
ATOM   30   C CB  . ILE A 1 7   ? 8.447   -14.628 -7.597  1.00 28.26  ? 7   ILE A CB  1 
ATOM   31   C CG1 . ILE A 1 7   ? 7.008   -14.641 -8.066  1.00 30.47  ? 7   ILE A CG1 1 
ATOM   32   C CG2 . ILE A 1 7   ? 8.522   -14.153 -6.131  1.00 31.09  ? 7   ILE A CG2 1 
ATOM   33   C CD1 . ILE A 1 7   ? 6.040   -15.440 -7.250  1.00 31.87  ? 7   ILE A CD1 1 
ATOM   34   N N   . ASP A 1 8   ? 11.014  -12.400 -7.434  1.00 28.07  ? 8   ASP A N   1 
ATOM   35   C CA  . ASP A 1 8   ? 12.218  -12.206 -6.643  1.00 30.18  ? 8   ASP A CA  1 
ATOM   36   C C   . ASP A 1 8   ? 11.846  -11.904 -5.185  1.00 30.87  ? 8   ASP A C   1 
ATOM   37   O O   . ASP A 1 8   ? 10.792  -11.354 -4.900  1.00 27.14  ? 8   ASP A O   1 
ATOM   38   C CB  . ASP A 1 8   ? 12.996  -11.036 -7.194  1.00 36.30  ? 8   ASP A CB  1 
ATOM   39   C CG  . ASP A 1 8   ? 13.539  -11.305 -8.586  1.00 42.47  ? 8   ASP A CG  1 
ATOM   40   O OD1 . ASP A 1 8   ? 14.099  -12.400 -8.807  1.00 46.00  ? 8   ASP A OD1 1 
ATOM   41   O OD2 . ASP A 1 8   ? 13.366  -10.442 -9.454  1.00 47.62  ? 8   ASP A OD2 1 
ATOM   42   N N   . LEU A 1 9   ? 12.695  -12.333 -4.264  1.00 28.00  ? 9   LEU A N   1 
ATOM   43   C CA  . LEU A 1 9   ? 12.513  -12.075 -2.861  1.00 28.28  ? 9   LEU A CA  1 
ATOM   44   C C   . LEU A 1 9   ? 13.410  -10.952 -2.385  1.00 26.63  ? 9   LEU A C   1 
ATOM   45   O O   . LEU A 1 9   ? 14.573  -10.830 -2.781  1.00 26.53  ? 9   LEU A O   1 
ATOM   46   C CB  . LEU A 1 9   ? 12.752  -13.341 -2.060  1.00 30.84  ? 9   LEU A CB  1 
ATOM   47   C CG  . LEU A 1 9   ? 11.855  -14.496 -2.543  1.00 29.85  ? 9   LEU A CG  1 
ATOM   48   C CD1 . LEU A 1 9   ? 12.313  -15.801 -1.964  1.00 32.70  ? 9   LEU A CD1 1 
ATOM   49   C CD2 . LEU A 1 9   ? 10.386  -14.217 -2.223  1.00 31.62  ? 9   LEU A CD2 1 
ATOM   50   N N   . LEU A 1 10  ? 12.847  -10.064 -1.575  1.00 23.84  ? 10  LEU A N   1 
ATOM   51   C CA  . LEU A 1 10  ? 13.664  -9.083  -0.846  1.00 23.37  ? 10  LEU A CA  1 
ATOM   52   C C   . LEU A 1 10  ? 13.442  -9.275  0.667   1.00 27.12  ? 10  LEU A C   1 
ATOM   53   O O   . LEU A 1 10  ? 12.401  -9.766  1.105   1.00 23.41  ? 10  LEU A O   1 
ATOM   54   C CB  . LEU A 1 10  ? 13.237  -7.719  -1.289  1.00 26.64  ? 10  LEU A CB  1 
ATOM   55   C CG  . LEU A 1 10  ? 13.255  -7.383  -2.787  1.00 24.54  ? 10  LEU A CG  1 
ATOM   56   C CD1 . LEU A 1 10  ? 12.701  -5.977  -2.928  1.00 27.22  ? 10  LEU A CD1 1 
ATOM   57   C CD2 . LEU A 1 10  ? 14.681  -7.382  -3.281  1.00 24.54  ? 10  LEU A CD2 1 
ATOM   58   N N   . PHE A 1 11  ? 14.424  -8.858  1.451   1.00 26.39  ? 11  PHE A N   1 
ATOM   59   C CA  . PHE A 1 11  ? 14.454  -9.061  2.864   1.00 24.13  ? 11  PHE A CA  1 
ATOM   60   C C   . PHE A 1 11  ? 14.740  -7.786  3.576   1.00 22.81  ? 11  PHE A C   1 
ATOM   61   O O   . PHE A 1 11  ? 15.327  -6.868  3.020   1.00 21.99  ? 11  PHE A O   1 
ATOM   62   C CB  . PHE A 1 11  ? 15.526  -10.098 3.176   1.00 26.36  ? 11  PHE A CB  1 
ATOM   63   C CG  . PHE A 1 11  ? 15.228  -11.394 2.566   1.00 22.90  ? 11  PHE A CG  1 
ATOM   64   C CD1 . PHE A 1 11  ? 15.746  -11.715 1.371   1.00 26.12  ? 11  PHE A CD1 1 
ATOM   65   C CD2 . PHE A 1 11  ? 14.370  -12.256 3.171   1.00 27.36  ? 11  PHE A CD2 1 
ATOM   66   C CE1 . PHE A 1 11  ? 15.454  -12.927 0.775   1.00 25.26  ? 11  PHE A CE1 1 
ATOM   67   C CE2 . PHE A 1 11  ? 14.034  -13.467 2.583   1.00 26.23  ? 11  PHE A CE2 1 
ATOM   68   C CZ  . PHE A 1 11  ? 14.552  -13.773 1.340   1.00 23.43  ? 11  PHE A CZ  1 
ATOM   69   N N   . HIS A 1 12  ? 14.274  -7.733  4.813   1.00 22.38  ? 12  HIS A N   1 
ATOM   70   C CA  . HIS A 1 12  ? 14.692  -6.707  5.724   1.00 25.41  ? 12  HIS A CA  1 
ATOM   71   C C   . HIS A 1 12  ? 15.136  -7.361  7.009   1.00 25.81  ? 12  HIS A C   1 
ATOM   72   O O   . HIS A 1 12  ? 14.392  -8.052  7.615   1.00 25.43  ? 12  HIS A O   1 
ATOM   73   C CB  . HIS A 1 12  ? 13.627  -5.604  5.994   1.00 25.68  ? 12  HIS A CB  1 
ATOM   74   C CG  . HIS A 1 12  ? 14.216  -4.382  6.614   1.00 26.28  ? 12  HIS A CG  1 
ATOM   75   N ND1 . HIS A 1 12  ? 14.871  -3.424  5.877   1.00 33.39  ? 12  HIS A ND1 1 
ATOM   76   C CD2 . HIS A 1 12  ? 14.314  -3.988  7.898   1.00 29.62  ? 12  HIS A CD2 1 
ATOM   77   C CE1 . HIS A 1 12  ? 15.318  -2.480  6.680   1.00 30.49  ? 12  HIS A CE1 1 
ATOM   78   N NE2 . HIS A 1 12  ? 14.942  -2.772  7.902   1.00 26.03  ? 12  HIS A NE2 1 
ATOM   79   N N   . PRO A 1 13  ? 16.415  -7.165  7.411   1.00 29.35  ? 13  PRO A N   1 
ATOM   80   C CA  . PRO A 1 13  ? 17.432  -6.362  6.689   1.00 27.85  ? 13  PRO A CA  1 
ATOM   81   C C   . PRO A 1 13  ? 17.819  -7.052  5.392   1.00 24.47  ? 13  PRO A C   1 
ATOM   82   O O   . PRO A 1 13  ? 17.513  -8.231  5.220   1.00 23.40  ? 13  PRO A O   1 
ATOM   83   C CB  . PRO A 1 13  ? 18.606  -6.245  7.687   1.00 31.09  ? 13  PRO A CB  1 
ATOM   84   C CG  . PRO A 1 13  ? 18.349  -7.239  8.700   1.00 32.68  ? 13  PRO A CG  1 
ATOM   85   C CD  . PRO A 1 13  ? 16.893  -7.652  8.693   1.00 27.82  ? 13  PRO A CD  1 
ATOM   86   N N   . PRO A 1 14  ? 18.393  -6.296  4.449   1.00 26.30  ? 14  PRO A N   1 
ATOM   87   C CA  . PRO A 1 14  ? 18.623  -6.802  3.081   1.00 26.45  ? 14  PRO A CA  1 
ATOM   88   C C   . PRO A 1 14  ? 19.611  -7.933  3.035   1.00 27.21  ? 14  PRO A C   1 
ATOM   89   O O   . PRO A 1 14  ? 20.536  -7.991  3.853   1.00 27.16  ? 14  PRO A O   1 
ATOM   90   C CB  . PRO A 1 14  ? 19.144  -5.572  2.298   1.00 28.97  ? 14  PRO A CB  1 
ATOM   91   C CG  . PRO A 1 14  ? 19.318  -4.468  3.249   1.00 30.82  ? 14  PRO A CG  1 
ATOM   92   C CD  . PRO A 1 14  ? 18.796  -4.884  4.629   1.00 26.59  ? 14  PRO A CD  1 
ATOM   93   N N   . ARG A 1 15  ? 19.408  -8.849  2.106   1.00 30.24  ? 15  ARG A N   1 
ATOM   94   C CA  . ARG A 1 15  ? 20.285  -10.007 1.899   1.00 30.55  ? 15  ARG A CA  1 
ATOM   95   C C   . ARG A 1 15  ? 20.491  -10.203 0.435   1.00 35.88  ? 15  ARG A C   1 
ATOM   96   O O   . ARG A 1 15  ? 19.606  -10.767 -0.231  1.00 43.88  ? 15  ARG A O   1 
ATOM   97   C CB  . ARG A 1 15  ? 19.603  -11.275 2.283   1.00 32.91  ? 15  ARG A CB  1 
ATOM   98   C CG  . ARG A 1 15  ? 19.296  -11.399 3.704   1.00 44.19  ? 15  ARG A CG  1 
ATOM   99   C CD  . ARG A 1 15  ? 19.666  -12.789 4.130   1.00 53.60  ? 15  ARG A CD  1 
ATOM   100  N NE  . ARG A 1 15  ? 18.723  -13.801 3.692   1.00 48.72  ? 15  ARG A NE  1 
ATOM   101  C CZ  . ARG A 1 15  ? 17.546  -14.045 4.265   1.00 46.20  ? 15  ARG A CZ  1 
ATOM   102  N NH1 . ARG A 1 15  ? 17.076  -13.285 5.258   1.00 45.61  ? 15  ARG A NH1 1 
ATOM   103  N NH2 . ARG A 1 15  ? 16.808  -15.066 3.804   1.00 46.02  ? 15  ARG A NH2 1 
ATOM   104  N N   . ALA A 1 16  ? 21.633  -9.827  -0.078  1.00 29.96  ? 16  ALA A N   1 
ATOM   105  C CA  . ALA A 1 16  ? 21.976  -10.144 -1.468  1.00 27.15  ? 16  ALA A CA  1 
ATOM   106  C C   . ALA A 1 16  ? 21.138  -9.403  -2.538  1.00 26.12  ? 16  ALA A C   1 
ATOM   107  O O   . ALA A 1 16  ? 20.947  -9.872  -3.662  1.00 24.25  ? 16  ALA A O   1 
ATOM   108  C CB  . ALA A 1 16  ? 22.042  -11.631 -1.710  1.00 29.82  ? 16  ALA A CB  1 
ATOM   109  N N   . HIS A 1 17  ? 20.740  -8.198  -2.187  1.00 22.28  ? 17  HIS A N   1 
ATOM   110  C CA  . HIS A 1 17  ? 20.139  -7.328  -3.098  1.00 22.62  ? 17  HIS A CA  1 
ATOM   111  C C   . HIS A 1 17  ? 20.590  -5.949  -2.651  1.00 22.16  ? 17  HIS A C   1 
ATOM   112  O O   . HIS A 1 17  ? 20.900  -5.738  -1.500  1.00 20.72  ? 17  HIS A O   1 
ATOM   113  C CB  . HIS A 1 17  ? 18.618  -7.540  -3.138  1.00 22.82  ? 17  HIS A CB  1 
ATOM   114  C CG  . HIS A 1 17  ? 17.948  -7.524  -1.794  1.00 22.52  ? 17  HIS A CG  1 
ATOM   115  N ND1 . HIS A 1 17  ? 17.474  -6.368  -1.218  1.00 23.80  ? 17  HIS A ND1 1 
ATOM   116  C CD2 . HIS A 1 17  ? 17.591  -8.534  -0.961  1.00 23.38  ? 17  HIS A CD2 1 
ATOM   117  C CE1 . HIS A 1 17  ? 16.889  -6.664  -0.058  1.00 24.03  ? 17  HIS A CE1 1 
ATOM   118  N NE2 . HIS A 1 17  ? 16.948  -7.976  0.116   1.00 23.58  ? 17  HIS A NE2 1 
ATOM   119  N N   . LEU A 1 18  ? 20.569  -5.006  -3.576  1.00 23.43  ? 18  LEU A N   1 
ATOM   120  C CA  . LEU A 1 18  ? 21.152  -3.685  -3.335  1.00 26.33  ? 18  LEU A CA  1 
ATOM   121  C C   . LEU A 1 18  ? 20.272  -2.700  -2.609  1.00 26.25  ? 18  LEU A C   1 
ATOM   122  O O   . LEU A 1 18  ? 20.788  -1.809  -1.948  1.00 26.95  ? 18  LEU A O   1 
ATOM   123  C CB  . LEU A 1 18  ? 21.570  -3.071  -4.664  1.00 30.34  ? 18  LEU A CB  1 
ATOM   124  C CG  . LEU A 1 18  ? 22.696  -3.823  -5.388  1.00 32.17  ? 18  LEU A CG  1 
ATOM   125  C CD1 . LEU A 1 18  ? 22.907  -3.331  -6.824  1.00 34.33  ? 18  LEU A CD1 1 
ATOM   126  C CD2 . LEU A 1 18  ? 23.976  -3.708  -4.605  1.00 32.28  ? 18  LEU A CD2 1 
ATOM   127  N N   . LEU A 1 19  ? 18.960  -2.788  -2.803  1.00 27.85  ? 19  LEU A N   1 
ATOM   128  C CA  . LEU A 1 19  ? 18.021  -1.812  -2.256  1.00 27.64  ? 19  LEU A CA  1 
ATOM   129  C C   . LEU A 1 19  ? 17.297  -2.424  -1.067  1.00 26.33  ? 19  LEU A C   1 
ATOM   130  O O   . LEU A 1 19  ? 17.050  -3.641  -1.023  1.00 26.28  ? 19  LEU A O   1 
ATOM   131  C CB  . LEU A 1 19  ? 17.030  -1.324  -3.336  1.00 26.54  ? 19  LEU A CB  1 
ATOM   132  C CG  . LEU A 1 19  ? 17.535  -0.543  -4.561  1.00 29.73  ? 19  LEU A CG  1 
ATOM   133  C CD1 . LEU A 1 19  ? 16.350  -0.057  -5.335  1.00 30.38  ? 19  LEU A CD1 1 
ATOM   134  C CD2 . LEU A 1 19  ? 18.367  0.693   -4.205  1.00 32.80  ? 19  LEU A CD2 1 
ATOM   135  N N   . THR A 1 20  ? 16.982  -1.599  -0.074  1.00 25.53  ? 20  THR A N   1 
ATOM   136  C CA  . THR A 1 20  ? 16.076  -2.051  0.947   1.00 27.25  ? 20  THR A CA  1 
ATOM   137  C C   . THR A 1 20  ? 14.665  -2.161  0.389   1.00 23.08  ? 20  THR A C   1 
ATOM   138  O O   . THR A 1 20  ? 14.350  -1.692  -0.702  1.00 24.06  ? 20  THR A O   1 
ATOM   139  C CB  . THR A 1 20  ? 16.040  -1.142  2.139   1.00 28.21  ? 20  THR A CB  1 
ATOM   140  O OG1 . THR A 1 20  ? 15.556  0.124   1.686   1.00 28.44  ? 20  THR A OG1 1 
ATOM   141  C CG2 . THR A 1 20  ? 17.450  -1.049  2.770   1.00 30.03  ? 20  THR A CG2 1 
ATOM   142  N N   . ILE A 1 21  ? 13.835  -2.835  1.142   1.00 21.16  ? 21  ILE A N   1 
ATOM   143  C CA  . ILE A 1 21  ? 12.428  -2.953  0.791   1.00 23.23  ? 21  ILE A CA  1 
ATOM   144  C C   . ILE A 1 21  ? 11.772  -1.558  0.685   1.00 23.08  ? 21  ILE A C   1 
ATOM   145  O O   . ILE A 1 21  ? 11.036  -1.295  -0.233  1.00 23.42  ? 21  ILE A O   1 
ATOM   146  C CB  . ILE A 1 21  ? 11.686  -3.825  1.826   1.00 23.12  ? 21  ILE A CB  1 
ATOM   147  C CG1 . ILE A 1 21  ? 12.126  -5.301  1.660   1.00 22.01  ? 21  ILE A CG1 1 
ATOM   148  C CG2 . ILE A 1 21  ? 10.193  -3.702  1.583   1.00 25.51  ? 21  ILE A CG2 1 
ATOM   149  C CD1 . ILE A 1 21  ? 11.576  -6.281  2.718   1.00 21.93  ? 21  ILE A CD1 1 
ATOM   150  N N   . LYS A 1 22  ? 12.001  -0.694  1.668   1.00 25.25  ? 22  LYS A N   1 
ATOM   151  C CA  . LYS A 1 22  ? 11.515  0.670   1.570   1.00 22.40  ? 22  LYS A CA  1 
ATOM   152  C C   . LYS A 1 22  ? 12.032  1.435   0.351   1.00 23.26  ? 22  LYS A C   1 
ATOM   153  O O   . LYS A 1 22  ? 11.279  2.163   -0.272  1.00 24.55  ? 22  LYS A O   1 
ATOM   154  C CB  . LYS A 1 22  ? 11.850  1.434   2.814   1.00 25.25  ? 22  LYS A CB  1 
ATOM   155  C CG  . LYS A 1 22  ? 11.163  2.794   2.850   1.00 24.11  ? 22  LYS A CG  1 
ATOM   156  C CD  . LYS A 1 22  ? 11.351  3.378   4.233   1.00 27.16  ? 22  LYS A CD  1 
ATOM   157  C CE  . LYS A 1 22  ? 11.207  4.899   4.184   1.00 29.84  ? 22  LYS A CE  1 
ATOM   158  N NZ  . LYS A 1 22  ? 10.850  5.386   5.547   1.00 30.34  ? 22  LYS A NZ  1 
ATOM   159  N N   . GLU A 1 23  ? 13.303  1.271   -0.023  1.00 24.58  ? 23  GLU A N   1 
ATOM   160  C CA  . GLU A 1 23  ? 13.790  1.973   -1.196  1.00 25.71  ? 23  GLU A CA  1 
ATOM   161  C C   . GLU A 1 23  ? 13.145  1.421   -2.396  1.00 27.63  ? 23  GLU A C   1 
ATOM   162  O O   . GLU A 1 23  ? 12.869  2.145   -3.319  1.00 29.12  ? 23  GLU A O   1 
ATOM   163  C CB  . GLU A 1 23  ? 15.297  1.841   -1.329  1.00 31.22  ? 23  GLU A CB  1 
ATOM   164  C CG  . GLU A 1 23  ? 16.008  2.565   -0.211  1.00 29.95  ? 23  GLU A CG  1 
ATOM   165  C CD  . GLU A 1 23  ? 17.502  2.168   -0.086  1.00 35.66  ? 23  GLU A CD  1 
ATOM   166  O OE1 . GLU A 1 23  ? 17.930  1.012   -0.248  1.00 32.58  ? 23  GLU A OE1 1 
ATOM   167  O OE2 . GLU A 1 23  ? 18.281  3.069   0.205   1.00 43.17  ? 23  GLU A OE2 1 
ATOM   168  N N   . THR A 1 24  ? 12.864  0.110   -2.390  1.00 27.90  ? 24  THR A N   1 
ATOM   169  C CA  . THR A 1 24  ? 12.176  -0.507  -3.478  1.00 25.70  ? 24  THR A CA  1 
ATOM   170  C C   . THR A 1 24  ? 10.732  0.003   -3.563  1.00 26.34  ? 24  THR A C   1 
ATOM   171  O O   . THR A 1 24  ? 10.254  0.324   -4.653  1.00 22.40  ? 24  THR A O   1 
ATOM   172  C CB  . THR A 1 24  ? 12.249  -2.035  -3.359  1.00 25.61  ? 24  THR A CB  1 
ATOM   173  O OG1 . THR A 1 24  ? 13.616  -2.443  -3.209  1.00 26.56  ? 24  THR A OG1 1 
ATOM   174  C CG2 . THR A 1 24  ? 11.681  -2.691  -4.532  1.00 26.04  ? 24  THR A CG2 1 
ATOM   175  N N   . ILE A 1 25  ? 10.052  0.127   -2.423  1.00 27.13  ? 25  ILE A N   1 
ATOM   176  C CA  . ILE A 1 25  ? 8.689   0.680   -2.437  1.00 28.03  ? 25  ILE A CA  1 
ATOM   177  C C   . ILE A 1 25  ? 8.715   2.110   -3.019  1.00 27.42  ? 25  ILE A C   1 
ATOM   178  O O   . ILE A 1 25  ? 7.917   2.454   -3.887  1.00 27.29  ? 25  ILE A O   1 
ATOM   179  C CB  . ILE A 1 25  ? 8.096   0.723   -1.020  1.00 28.09  ? 25  ILE A CB  1 
ATOM   180  C CG1 . ILE A 1 25  ? 7.855   -0.689  -0.493  1.00 23.69  ? 25  ILE A CG1 1 
ATOM   181  C CG2 . ILE A 1 25  ? 6.809   1.507   -0.970  1.00 28.49  ? 25  ILE A CG2 1 
ATOM   182  C CD1 . ILE A 1 25  ? 7.745   -0.709  1.005   1.00 22.07  ? 25  ILE A CD1 1 
ATOM   183  N N   . ARG A 1 26  ? 9.684   2.907   -2.605  1.00 28.73  ? 26  ARG A N   1 
ATOM   184  C CA  . ARG A 1 26  ? 9.726   4.310   -3.055  1.00 30.69  ? 26  ARG A CA  1 
ATOM   185  C C   . ARG A 1 26  ? 10.021  4.377   -4.561  1.00 30.13  ? 26  ARG A C   1 
ATOM   186  O O   . ARG A 1 26  ? 9.352   5.133   -5.300  1.00 27.96  ? 26  ARG A O   1 
ATOM   187  C CB  . ARG A 1 26  ? 10.678  5.106   -2.214  1.00 32.67  ? 26  ARG A CB  1 
ATOM   188  C CG  . ARG A 1 26  ? 10.193  5.176   -0.769  1.00 35.48  ? 26  ARG A CG  1 
ATOM   189  C CD  . ARG A 1 26  ? 11.110  6.062   0.031   1.00 42.27  ? 26  ARG A CD  1 
ATOM   190  N NE  . ARG A 1 26  ? 10.895  7.460   -0.404  1.00 49.11  ? 26  ARG A NE  1 
ATOM   191  C CZ  . ARG A 1 26  ? 11.445  8.529   0.173   1.00 53.54  ? 26  ARG A CZ  1 
ATOM   192  N NH1 . ARG A 1 26  ? 12.284  8.380   1.195   1.00 55.07  ? 26  ARG A NH1 1 
ATOM   193  N NH2 . ARG A 1 26  ? 11.158  9.751   -0.286  1.00 53.65  ? 26  ARG A NH2 1 
ATOM   194  N N   . LYS A 1 27  ? 10.904  3.481   -5.019  1.00 26.82  ? 27  LYS A N   1 
ATOM   195  C CA  . LYS A 1 27  ? 11.210  3.362   -6.430  1.00 31.10  ? 27  LYS A CA  1 
ATOM   196  C C   . LYS A 1 27  ? 10.014  2.904   -7.266  1.00 28.17  ? 27  LYS A C   1 
ATOM   197  O O   . LYS A 1 27  ? 9.794   3.395   -8.408  1.00 30.47  ? 27  LYS A O   1 
ATOM   198  C CB  . LYS A 1 27  ? 12.442  2.475   -6.673  1.00 33.35  ? 27  LYS A CB  1 
ATOM   199  C CG  . LYS A 1 27  ? 12.731  2.130   -8.153  1.00 35.77  ? 27  LYS A CG  1 
ATOM   200  C CD  . LYS A 1 27  ? 13.907  1.146   -8.238  1.00 40.27  ? 27  LYS A CD  1 
ATOM   201  C CE  . LYS A 1 27  ? 14.277  0.727   -9.657  1.00 44.66  ? 27  LYS A CE  1 
ATOM   202  N NZ  . LYS A 1 27  ? 14.949  1.842   -10.366 1.00 50.50  ? 27  LYS A NZ  1 
ATOM   203  N N   . MET A 1 28  ? 9.248   1.953   -6.744  1.00 29.70  ? 28  MET A N   1 
ATOM   204  C CA  . MET A 1 28  ? 8.092   1.413   -7.496  1.00 26.97  ? 28  MET A CA  1 
ATOM   205  C C   . MET A 1 28  ? 7.054   2.531   -7.672  1.00 26.53  ? 28  MET A C   1 
ATOM   206  O O   . MET A 1 28  ? 6.372   2.595   -8.697  1.00 25.45  ? 28  MET A O   1 
ATOM   207  C CB  . MET A 1 28  ? 7.452   0.209   -6.806  1.00 26.35  ? 28  MET A CB  1 
ATOM   208  C CG  . MET A 1 28  ? 8.077   -1.121  -7.117  1.00 31.16  ? 28  MET A CG  1 
ATOM   209  S SD  . MET A 1 28  ? 7.467   -2.509  -6.129  1.00 29.01  ? 28  MET A SD  1 
ATOM   210  C CE  . MET A 1 28  ? 5.941   -2.880  -6.947  1.00 25.97  ? 28  MET A CE  1 
ATOM   211  N N   . ILE A 1 29  ? 6.902   3.338   -6.620  1.00 28.22  ? 29  ILE A N   1 
ATOM   212  C CA  . ILE A 1 29  ? 5.958   4.467   -6.636  1.00 30.18  ? 29  ILE A CA  1 
ATOM   213  C C   . ILE A 1 29  ? 6.458   5.578   -7.574  1.00 32.09  ? 29  ILE A C   1 
ATOM   214  O O   . ILE A 1 29  ? 5.679   6.033   -8.418  1.00 32.08  ? 29  ILE A O   1 
ATOM   215  C CB  . ILE A 1 29  ? 5.644   4.977   -5.221  1.00 27.16  ? 29  ILE A CB  1 
ATOM   216  C CG1 . ILE A 1 29  ? 4.941   3.873   -4.411  1.00 26.54  ? 29  ILE A CG1 1 
ATOM   217  C CG2 . ILE A 1 29  ? 4.750   6.213   -5.290  1.00 30.47  ? 29  ILE A CG2 1 
ATOM   218  C CD1 . ILE A 1 29  ? 4.905   4.137   -2.941  1.00 27.96  ? 29  ILE A CD1 1 
ATOM   219  N N   . LYS A 1 30  ? 7.747   5.957   -7.476  1.00 37.90  ? 30  LYS A N   1 
ATOM   220  C CA  . LYS A 1 30  ? 8.366   6.949   -8.416  1.00 36.05  ? 30  LYS A CA  1 
ATOM   221  C C   . LYS A 1 30  ? 8.161   6.624   -9.887  1.00 41.66  ? 30  LYS A C   1 
ATOM   222  O O   . LYS A 1 30  ? 7.965   7.524   -10.707 1.00 37.23  ? 30  LYS A O   1 
ATOM   223  C CB  . LYS A 1 30  ? 9.880   7.098   -8.186  1.00 43.52  ? 30  LYS A CB  1 
ATOM   224  C CG  . LYS A 1 30  ? 10.228  8.164   -7.182  1.00 50.72  ? 30  LYS A CG  1 
ATOM   225  C CD  . LYS A 1 30  ? 11.715  8.274   -6.886  1.00 53.95  ? 30  LYS A CD  1 
ATOM   226  C CE  . LYS A 1 30  ? 11.912  8.839   -5.481  1.00 62.27  ? 30  LYS A CE  1 
ATOM   227  N NZ  . LYS A 1 30  ? 13.313  8.782   -4.987  1.00 69.27  ? 30  LYS A NZ  1 
ATOM   228  N N   . GLU A 1 31  ? 8.202   5.332   -10.213 1.00 38.98  ? 31  GLU A N   1 
ATOM   229  C CA  . GLU A 1 31  ? 8.111   4.848   -11.571 1.00 34.61  ? 31  GLU A CA  1 
ATOM   230  C C   . GLU A 1 31  ? 6.721   4.524   -11.986 1.00 33.93  ? 31  GLU A C   1 
ATOM   231  O O   . GLU A 1 31  ? 6.521   4.050   -13.101 1.00 35.20  ? 31  GLU A O   1 
ATOM   232  C CB  . GLU A 1 31  ? 9.008   3.618   -11.760 1.00 34.95  ? 31  GLU A CB  1 
ATOM   233  C CG  . GLU A 1 31  ? 10.476  3.946   -11.489 1.00 40.44  ? 31  GLU A CG  1 
ATOM   234  C CD  . GLU A 1 31  ? 11.408  2.756   -11.612 1.00 44.14  ? 31  GLU A CD  1 
ATOM   235  O OE1 . GLU A 1 31  ? 10.928  1.596   -11.696 1.00 43.71  ? 31  GLU A OE1 1 
ATOM   236  O OE2 . GLU A 1 31  ? 12.631  3.006   -11.610 1.00 47.13  ? 31  GLU A OE2 1 
ATOM   237  N N   . ALA A 1 32  ? 5.738   4.750   -11.124 1.00 32.69  ? 32  ALA A N   1 
ATOM   238  C CA  . ALA A 1 32  ? 4.343   4.549   -11.548 1.00 33.51  ? 32  ALA A CA  1 
ATOM   239  C C   . ALA A 1 32  ? 3.936   5.582   -12.628 1.00 32.88  ? 32  ALA A C   1 
ATOM   240  O O   . ALA A 1 32  ? 4.276   6.737   -12.528 1.00 30.28  ? 32  ALA A O   1 
ATOM   241  C CB  . ALA A 1 32  ? 3.385   4.629   -10.386 1.00 33.95  ? 32  ALA A CB  1 
ATOM   242  N N   . ARG A 1 33  ? 3.242   5.118   -13.649 1.00 36.95  ? 33  ARG A N   1 
ATOM   243  C CA  . ARG A 1 33  ? 2.894   5.931   -14.781 1.00 41.72  ? 33  ARG A CA  1 
ATOM   244  C C   . ARG A 1 33  ? 1.399   6.206   -14.793 1.00 40.23  ? 33  ARG A C   1 
ATOM   245  O O   . ARG A 1 33  ? 1.008   7.283   -15.209 1.00 44.77  ? 33  ARG A O   1 
ATOM   246  C CB  . ARG A 1 33  ? 3.347   5.261   -16.087 1.00 41.32  ? 33  ARG A CB  1 
ATOM   247  C CG  . ARG A 1 33  ? 4.866   5.247   -16.256 1.00 48.29  ? 33  ARG A CG  1 
ATOM   248  C CD  . ARG A 1 33  ? 5.373   4.669   -17.576 1.00 53.02  ? 33  ARG A CD  1 
ATOM   249  N NE  . ARG A 1 33  ? 4.329   3.972   -18.322 1.00 63.08  ? 33  ARG A NE  1 
ATOM   250  C CZ  . ARG A 1 33  ? 3.515   4.517   -19.248 1.00 66.97  ? 33  ARG A CZ  1 
ATOM   251  N NH1 . ARG A 1 33  ? 2.590   3.742   -19.825 1.00 61.09  ? 33  ARG A NH1 1 
ATOM   252  N NH2 . ARG A 1 33  ? 3.598   5.818   -19.606 1.00 69.14  ? 33  ARG A NH2 1 
ATOM   253  N N   . LYS A 1 34  ? 0.592   5.274   -14.303 1.00 39.31  ? 34  LYS A N   1 
ATOM   254  C CA  . LYS A 1 34  ? -0.835  5.277   -14.483 1.00 38.76  ? 34  LYS A CA  1 
ATOM   255  C C   . LYS A 1 34  ? -1.622  5.095   -13.199 1.00 40.07  ? 34  LYS A C   1 
ATOM   256  O O   . LYS A 1 34  ? -2.458  5.944   -12.844 1.00 32.69  ? 34  LYS A O   1 
ATOM   257  C CB  . LYS A 1 34  ? -1.241  4.149   -15.420 1.00 46.34  ? 34  LYS A CB  1 
ATOM   258  C CG  . LYS A 1 34  ? -0.565  4.179   -16.777 1.00 57.09  ? 34  LYS A CG  1 
ATOM   259  C CD  . LYS A 1 34  ? -0.787  5.519   -17.465 1.00 65.42  ? 34  LYS A CD  1 
ATOM   260  C CE  . LYS A 1 34  ? -0.277  5.521   -18.895 1.00 73.77  ? 34  LYS A CE  1 
ATOM   261  N NZ  . LYS A 1 34  ? -0.330  6.902   -19.415 1.00 75.97  ? 34  LYS A NZ  1 
ATOM   262  N N   . VAL A 1 35  ? -1.415  3.970   -12.524 1.00 34.43  ? 35  VAL A N   1 
ATOM   263  C CA  . VAL A 1 35  ? -2.265  3.584   -11.398 1.00 34.88  ? 35  VAL A CA  1 
ATOM   264  C C   . VAL A 1 35  ? -1.424  2.990   -10.291 1.00 32.42  ? 35  VAL A C   1 
ATOM   265  O O   . VAL A 1 35  ? -0.535  2.203   -10.560 1.00 32.03  ? 35  VAL A O   1 
ATOM   266  C CB  . VAL A 1 35  ? -3.288  2.516   -11.800 1.00 36.62  ? 35  VAL A CB  1 
ATOM   267  C CG1 . VAL A 1 35  ? -4.263  2.238   -10.663 1.00 37.13  ? 35  VAL A CG1 1 
ATOM   268  C CG2 . VAL A 1 35  ? -4.030  2.952   -13.028 1.00 46.60  ? 35  VAL A CG2 1 
ATOM   269  N N   . ILE A 1 36  ? -1.694  3.404   -9.066  1.00 31.86  ? 36  ILE A N   1 
ATOM   270  C CA  . ILE A 1 36  ? -1.233  2.698   -7.883  1.00 30.24  ? 36  ILE A CA  1 
ATOM   271  C C   . ILE A 1 36  ? -2.424  2.145   -7.156  1.00 30.44  ? 36  ILE A C   1 
ATOM   272  O O   . ILE A 1 36  ? -3.343  2.881   -6.791  1.00 33.57  ? 36  ILE A O   1 
ATOM   273  C CB  . ILE A 1 36  ? -0.412  3.612   -7.008  1.00 30.24  ? 36  ILE A CB  1 
ATOM   274  C CG1 . ILE A 1 36  ? 0.885   3.969   -7.744  1.00 31.66  ? 36  ILE A CG1 1 
ATOM   275  C CG2 . ILE A 1 36  ? -0.155  2.967   -5.672  1.00 29.96  ? 36  ILE A CG2 1 
ATOM   276  C CD1 . ILE A 1 36  ? 1.527   5.224   -7.231  1.00 33.45  ? 36  ILE A CD1 1 
ATOM   277  N N   . ALA A 1 37  ? -2.415  0.836   -6.938  1.00 26.65  ? 37  ALA A N   1 
ATOM   278  C CA  . ALA A 1 37  ? -3.358  0.240   -6.054  1.00 24.45  ? 37  ALA A CA  1 
ATOM   279  C C   . ALA A 1 37  ? -2.654  -0.297  -4.828  1.00 26.95  ? 37  ALA A C   1 
ATOM   280  O O   . ALA A 1 37  ? -1.735  -1.106  -4.955  1.00 25.80  ? 37  ALA A O   1 
ATOM   281  C CB  . ALA A 1 37  ? -4.136  -0.836  -6.769  1.00 24.52  ? 37  ALA A CB  1 
ATOM   282  N N   . LEU A 1 38  ? -3.068  0.164   -3.645  1.00 24.31  ? 38  LEU A N   1 
ATOM   283  C CA  . LEU A 1 38  ? -2.405  -0.189  -2.425  1.00 25.68  ? 38  LEU A CA  1 
ATOM   284  C C   . LEU A 1 38  ? -3.386  -0.780  -1.422  1.00 26.73  ? 38  LEU A C   1 
ATOM   285  O O   . LEU A 1 38  ? -4.432  -0.183  -1.138  1.00 24.34  ? 38  LEU A O   1 
ATOM   286  C CB  . LEU A 1 38  ? -1.796  1.072   -1.797  1.00 26.99  ? 38  LEU A CB  1 
ATOM   287  C CG  . LEU A 1 38  ? -1.196  0.866   -0.406  1.00 26.67  ? 38  LEU A CG  1 
ATOM   288  C CD1 . LEU A 1 38  ? -0.042  -0.143  -0.502  1.00 27.79  ? 38  LEU A CD1 1 
ATOM   289  C CD2 . LEU A 1 38  ? -0.697  2.195   0.125   1.00 25.88  ? 38  LEU A CD2 1 
ATOM   290  N N   . VAL A 1 39  ? -2.995  -1.894  -0.818  1.00 26.02  ? 39  VAL A N   1 
ATOM   291  C CA  . VAL A 1 39  ? -3.738  -2.524  0.259   1.00 24.83  ? 39  VAL A CA  1 
ATOM   292  C C   . VAL A 1 39  ? -2.809  -2.569  1.471   1.00 24.97  ? 39  VAL A C   1 
ATOM   293  O O   . VAL A 1 39  ? -1.687  -3.126  1.380   1.00 23.88  ? 39  VAL A O   1 
ATOM   294  C CB  . VAL A 1 39  ? -4.158  -3.952  -0.118  1.00 22.88  ? 39  VAL A CB  1 
ATOM   295  C CG1 . VAL A 1 39  ? -4.899  -4.611  1.023   1.00 23.38  ? 39  VAL A CG1 1 
ATOM   296  C CG2 . VAL A 1 39  ? -5.021  -3.951  -1.379  1.00 24.18  ? 39  VAL A CG2 1 
ATOM   297  N N   . MET A 1 40  ? -3.231  -1.968  2.586   1.00 24.01  ? 40  MET A N   1 
ATOM   298  C CA  . MET A 1 40  ? -2.323  -1.856  3.725   1.00 23.76  ? 40  MET A CA  1 
ATOM   299  C C   . MET A 1 40  ? -2.998  -1.964  5.078   1.00 21.84  ? 40  MET A C   1 
ATOM   300  O O   . MET A 1 40  ? -4.125  -1.503  5.299   1.00 22.08  ? 40  MET A O   1 
ATOM   301  C CB  . MET A 1 40  ? -1.504  -0.581  3.542   1.00 21.85  ? 40  MET A CB  1 
ATOM   302  C CG  . MET A 1 40  ? -0.401  -0.333  4.551   1.00 21.74  ? 40  MET A CG  1 
ATOM   303  S SD  . MET A 1 40  ? 0.813   -1.705  4.733   1.00 24.53  ? 40  MET A SD  1 
ATOM   304  C CE  . MET A 1 40  ? 1.411   -2.024  3.100   1.00 27.13  ? 40  MET A CE  1 
ATOM   305  N N   . ASP A 1 41  ? -2.324  -2.593  6.021   1.00 24.79  ? 41  ASP A N   1 
ATOM   306  C CA  . ASP A 1 41  ? -2.954  -2.801  7.351   1.00 25.14  ? 41  ASP A CA  1 
ATOM   307  C C   . ASP A 1 41  ? -2.754  -1.550  8.184   1.00 25.79  ? 41  ASP A C   1 
ATOM   308  O O   . ASP A 1 41  ? -3.726  -1.051  8.773   1.00 27.20  ? 41  ASP A O   1 
ATOM   309  C CB  . ASP A 1 41  ? -2.519  -4.081  8.039   1.00 26.32  ? 41  ASP A CB  1 
ATOM   310  C CG  . ASP A 1 41  ? -0.995  -4.282  8.021   1.00 32.21  ? 41  ASP A CG  1 
ATOM   311  O OD1 . ASP A 1 41  ? -0.202  -3.432  7.596   1.00 30.39  ? 41  ASP A OD1 1 
ATOM   312  O OD2 . ASP A 1 41  ? -0.593  -5.360  8.353   1.00 35.94  ? 41  ASP A OD2 1 
ATOM   313  N N   . ILE A 1 42  ? -1.538  -0.987  8.168   1.00 27.59  ? 42  ILE A N   1 
ATOM   314  C CA  . ILE A 1 42  ? -1.222  0.258   8.921   1.00 25.77  ? 42  ILE A CA  1 
ATOM   315  C C   . ILE A 1 42  ? -0.311  1.094   8.069   1.00 23.01  ? 42  ILE A C   1 
ATOM   316  O O   . ILE A 1 42  ? 0.727   0.588   7.610   1.00 23.39  ? 42  ILE A O   1 
ATOM   317  C CB  . ILE A 1 42  ? -0.481  -0.116  10.235  1.00 30.17  ? 42  ILE A CB  1 
ATOM   318  C CG1 . ILE A 1 42  ? -1.355  -0.978  11.162  1.00 38.59  ? 42  ILE A CG1 1 
ATOM   319  C CG2 . ILE A 1 42  ? -0.039  1.105   10.992  1.00 29.50  ? 42  ILE A CG2 1 
ATOM   320  C CD1 . ILE A 1 42  ? -0.632  -1.647  12.334  1.00 40.52  ? 42  ILE A CD1 1 
ATOM   321  N N   . PHE A 1 43  ? -0.659  2.344   7.809   1.00 22.86  ? 43  PHE A N   1 
ATOM   322  C CA  . PHE A 1 43  ? 0.142   3.210   6.930   1.00 22.86  ? 43  PHE A CA  1 
ATOM   323  C C   . PHE A 1 43  ? 0.432   4.513   7.688   1.00 28.44  ? 43  PHE A C   1 
ATOM   324  O O   . PHE A 1 43  ? -0.395  5.418   7.732   1.00 24.49  ? 43  PHE A O   1 
ATOM   325  C CB  . PHE A 1 43  ? -0.619  3.413   5.652   1.00 20.65  ? 43  PHE A CB  1 
ATOM   326  C CG  . PHE A 1 43  ? 0.087   4.168   4.575   1.00 19.84  ? 43  PHE A CG  1 
ATOM   327  C CD1 . PHE A 1 43  ? 1.350   4.733   4.738   1.00 23.18  ? 43  PHE A CD1 1 
ATOM   328  C CD2 . PHE A 1 43  ? -0.558  4.367   3.380   1.00 18.95  ? 43  PHE A CD2 1 
ATOM   329  C CE1 . PHE A 1 43  ? 1.932   5.477   3.737   1.00 21.79  ? 43  PHE A CE1 1 
ATOM   330  C CE2 . PHE A 1 43  ? 0.043   5.063   2.343   1.00 21.34  ? 43  PHE A CE2 1 
ATOM   331  C CZ  . PHE A 1 43  ? 1.307   5.634   2.524   1.00 22.44  ? 43  PHE A CZ  1 
ATOM   332  N N   . THR A 1 44  ? 1.590   4.554   8.344   1.00 31.06  ? 44  THR A N   1 
ATOM   333  C CA  . THR A 1 44  ? 2.070   5.763   9.029   1.00 30.86  ? 44  THR A CA  1 
ATOM   334  C C   . THR A 1 44  ? 3.414   6.254   8.524   1.00 31.73  ? 44  THR A C   1 
ATOM   335  O O   . THR A 1 44  ? 3.911   7.238   9.000   1.00 28.35  ? 44  THR A O   1 
ATOM   336  C CB  . THR A 1 44  ? 2.169   5.551   10.552  1.00 29.31  ? 44  THR A CB  1 
ATOM   337  O OG1 . THR A 1 44  ? 3.182   4.602   10.861  1.00 31.22  ? 44  THR A OG1 1 
ATOM   338  C CG2 . THR A 1 44  ? 0.842   5.085   11.139  1.00 27.33  ? 44  THR A CG2 1 
ATOM   339  N N   . ASP A 1 45  ? 4.002   5.599   7.535   1.00 34.38  ? 45  ASP A N   1 
ATOM   340  C CA  . ASP A 1 45  ? 5.325   6.013   7.059   1.00 30.06  ? 45  ASP A CA  1 
ATOM   341  C C   . ASP A 1 45  ? 5.206   7.241   6.107   1.00 34.34  ? 45  ASP A C   1 
ATOM   342  O O   . ASP A 1 45  ? 4.657   7.198   4.965   1.00 26.70  ? 45  ASP A O   1 
ATOM   343  C CB  . ASP A 1 45  ? 6.033   4.886   6.362   1.00 31.82  ? 45  ASP A CB  1 
ATOM   344  C CG  . ASP A 1 45  ? 7.472   5.255   5.926   1.00 30.88  ? 45  ASP A CG  1 
ATOM   345  O OD1 . ASP A 1 45  ? 7.615   6.121   5.092   1.00 30.00  ? 45  ASP A OD1 1 
ATOM   346  O OD2 . ASP A 1 45  ? 8.422   4.605   6.381   1.00 34.75  ? 45  ASP A OD2 1 
ATOM   347  N N   . VAL A 1 46  ? 5.780   8.328   6.607   1.00 32.01  ? 46  VAL A N   1 
ATOM   348  C CA  . VAL A 1 46  ? 5.649   9.664   5.998   1.00 34.61  ? 46  VAL A CA  1 
ATOM   349  C C   . VAL A 1 46  ? 6.416   9.731   4.684   1.00 29.38  ? 46  VAL A C   1 
ATOM   350  O O   . VAL A 1 46  ? 5.916   10.345  3.738   1.00 27.15  ? 46  VAL A O   1 
ATOM   351  C CB  . VAL A 1 46  ? 6.121   10.751  7.010   1.00 37.74  ? 46  VAL A CB  1 
ATOM   352  C CG1 . VAL A 1 46  ? 6.349   12.081  6.314   1.00 43.64  ? 46  VAL A CG1 1 
ATOM   353  C CG2 . VAL A 1 46  ? 5.119   10.885  8.163   1.00 37.04  ? 46  VAL A CG2 1 
ATOM   354  N N   . ASP A 1 47  ? 7.586   9.068   4.598   1.00 29.47  ? 47  ASP A N   1 
ATOM   355  C CA  . ASP A 1 47  ? 8.375   9.060   3.332   1.00 30.34  ? 47  ASP A CA  1 
ATOM   356  C C   . ASP A 1 47  ? 7.635   8.378   2.194   1.00 29.37  ? 47  ASP A C   1 
ATOM   357  O O   . ASP A 1 47  ? 7.626   8.846   1.055   1.00 31.50  ? 47  ASP A O   1 
ATOM   358  C CB  . ASP A 1 47  ? 9.728   8.389   3.497   1.00 32.68  ? 47  ASP A CB  1 
ATOM   359  C CG  . ASP A 1 47  ? 10.607  9.046   4.544   1.00 36.53  ? 47  ASP A CG  1 
ATOM   360  O OD1 . ASP A 1 47  ? 10.780  10.279  4.480   1.00 42.60  ? 47  ASP A OD1 1 
ATOM   361  O OD2 . ASP A 1 47  ? 11.117  8.328   5.428   1.00 37.99  ? 47  ASP A OD2 1 
ATOM   362  N N   . ILE A 1 48  ? 7.036   7.238   2.501   1.00 30.52  ? 48  ILE A N   1 
ATOM   363  C CA  . ILE A 1 48  ? 6.212   6.519   1.503   1.00 28.68  ? 48  ILE A CA  1 
ATOM   364  C C   . ILE A 1 48  ? 4.975   7.328   1.162   1.00 28.01  ? 48  ILE A C   1 
ATOM   365  O O   . ILE A 1 48  ? 4.562   7.455   -0.035  1.00 27.00  ? 48  ILE A O   1 
ATOM   366  C CB  . ILE A 1 48  ? 5.876   5.098   1.973   1.00 26.48  ? 48  ILE A CB  1 
ATOM   367  C CG1 . ILE A 1 48  ? 7.153   4.243   2.129   1.00 29.45  ? 48  ILE A CG1 1 
ATOM   368  C CG2 . ILE A 1 48  ? 4.937   4.449   0.984   1.00 27.96  ? 48  ILE A CG2 1 
ATOM   369  C CD1 . ILE A 1 48  ? 6.941   2.902   2.813   1.00 29.02  ? 48  ILE A CD1 1 
ATOM   370  N N   . PHE A 1 49  ? 4.380   7.945   2.180   1.00 29.51  ? 49  PHE A N   1 
ATOM   371  C CA  . PHE A 1 49  ? 3.239   8.844   1.873   1.00 29.54  ? 49  PHE A CA  1 
ATOM   372  C C   . PHE A 1 49  ? 3.582   9.982   0.899   1.00 28.75  ? 49  PHE A C   1 
ATOM   373  O O   . PHE A 1 49  ? 2.860   10.241  -0.058  1.00 28.74  ? 49  PHE A O   1 
ATOM   374  C CB  . PHE A 1 49  ? 2.597   9.358   3.164   1.00 31.98  ? 49  PHE A CB  1 
ATOM   375  C CG  . PHE A 1 49  ? 1.415   10.229  2.918   1.00 36.65  ? 49  PHE A CG  1 
ATOM   376  C CD1 . PHE A 1 49  ? 0.263   9.691   2.354   1.00 34.48  ? 49  PHE A CD1 1 
ATOM   377  C CD2 . PHE A 1 49  ? 1.455   11.594  3.240   1.00 39.04  ? 49  PHE A CD2 1 
ATOM   378  C CE1 . PHE A 1 49  ? -0.849  10.494  2.117   1.00 38.54  ? 49  PHE A CE1 1 
ATOM   379  C CE2 . PHE A 1 49  ? 0.340   12.402  2.992   1.00 36.82  ? 49  PHE A CE2 1 
ATOM   380  C CZ  . PHE A 1 49  ? -0.798  11.861  2.449   1.00 34.61  ? 49  PHE A CZ  1 
ATOM   381  N N   . LYS A 1 50  ? 4.734   10.605  1.097   1.00 34.84  ? 50  LYS A N   1 
ATOM   382  C CA  . LYS A 1 50  ? 5.146   11.740  0.277   1.00 34.05  ? 50  LYS A CA  1 
ATOM   383  C C   . LYS A 1 50  ? 5.332   11.301  -1.147  1.00 34.72  ? 50  LYS A C   1 
ATOM   384  O O   . LYS A 1 50  ? 4.871   11.952  -2.099  1.00 33.22  ? 50  LYS A O   1 
ATOM   385  C CB  . LYS A 1 50  ? 6.379   12.428  0.935   1.00 41.73  ? 50  LYS A CB  1 
ATOM   386  C CG  . LYS A 1 50  ? 7.331   13.215  0.021   1.00 52.98  ? 50  LYS A CG  1 
ATOM   387  C CD  . LYS A 1 50  ? 8.485   12.323  -0.490  1.00 65.86  ? 50  LYS A CD  1 
ATOM   388  C CE  . LYS A 1 50  ? 9.140   12.830  -1.764  1.00 68.98  ? 50  LYS A CE  1 
ATOM   389  N NZ  . LYS A 1 50  ? 9.525   14.261  -1.572  1.00 72.92  ? 50  LYS A NZ  1 
ATOM   390  N N   . GLU A 1 51  ? 5.965   10.148  -1.303  1.00 34.75  ? 51  GLU A N   1 
ATOM   391  C CA  . GLU A 1 51  ? 6.113   9.528   -2.620  1.00 35.36  ? 51  GLU A CA  1 
ATOM   392  C C   . GLU A 1 51  ? 4.779   9.305   -3.313  1.00 31.74  ? 51  GLU A C   1 
ATOM   393  O O   . GLU A 1 51  ? 4.625   9.633   -4.466  1.00 30.03  ? 51  GLU A O   1 
ATOM   394  C CB  . GLU A 1 51  ? 6.852   8.180   -2.487  1.00 43.91  ? 51  GLU A CB  1 
ATOM   395  C CG  . GLU A 1 51  ? 7.819   7.916   -3.606  1.00 50.31  ? 51  GLU A CG  1 
ATOM   396  C CD  . GLU A 1 51  ? 8.928   8.937   -3.617  1.00 50.33  ? 51  GLU A CD  1 
ATOM   397  O OE1 . GLU A 1 51  ? 9.770   8.955   -2.661  1.00 47.94  ? 51  GLU A OE1 1 
ATOM   398  O OE2 . GLU A 1 51  ? 8.895   9.733   -4.582  1.00 59.71  ? 51  GLU A OE2 1 
ATOM   399  N N   . ILE A 1 52  ? 3.803   8.765   -2.587  1.00 35.08  ? 52  ILE A N   1 
ATOM   400  C CA  . ILE A 1 52  ? 2.418   8.590   -3.121  1.00 33.35  ? 52  ILE A CA  1 
ATOM   401  C C   . ILE A 1 52  ? 1.725   9.929   -3.541  1.00 30.46  ? 52  ILE A C   1 
ATOM   402  O O   . ILE A 1 52  ? 1.164   10.033  -4.610  1.00 28.42  ? 52  ILE A O   1 
ATOM   403  C CB  . ILE A 1 52  ? 1.560   7.758   -2.131  1.00 36.93  ? 52  ILE A CB  1 
ATOM   404  C CG1 . ILE A 1 52  ? 1.801   6.274   -2.382  1.00 39.91  ? 52  ILE A CG1 1 
ATOM   405  C CG2 . ILE A 1 52  ? 0.056   7.941   -2.385  1.00 38.77  ? 52  ILE A CG2 1 
ATOM   406  C CD1 . ILE A 1 52  ? 1.167   5.371   -1.354  1.00 43.99  ? 52  ILE A CD1 1 
ATOM   407  N N   . VAL A 1 53  ? 1.827   10.941  -2.696  1.00 35.47  ? 53  VAL A N   1 
ATOM   408  C CA  . VAL A 1 53  ? 1.292   12.300  -2.982  1.00 35.23  ? 53  VAL A CA  1 
ATOM   409  C C   . VAL A 1 53  ? 1.949   12.835  -4.244  1.00 35.49  ? 53  VAL A C   1 
ATOM   410  O O   . VAL A 1 53  ? 1.250   13.230  -5.251  1.00 33.75  ? 53  VAL A O   1 
ATOM   411  C CB  . VAL A 1 53  ? 1.454   13.235  -1.761  1.00 37.46  ? 53  VAL A CB  1 
ATOM   412  C CG1 . VAL A 1 53  ? 1.023   14.674  -2.090  1.00 36.94  ? 53  VAL A CG1 1 
ATOM   413  C CG2 . VAL A 1 53  ? 0.661   12.661  -0.584  1.00 33.51  ? 53  VAL A CG2 1 
ATOM   414  N N   . GLU A 1 54  ? 3.259   12.699  -4.285  1.00 34.71  ? 54  GLU A N   1 
ATOM   415  C CA  . GLU A 1 54  ? 3.952   13.094  -5.494  1.00 41.35  ? 54  GLU A CA  1 
ATOM   416  C C   . GLU A 1 54  ? 3.527   12.350  -6.746  1.00 44.76  ? 54  GLU A C   1 
ATOM   417  O O   . GLU A 1 54  ? 3.333   12.977  -7.799  1.00 44.45  ? 54  GLU A O   1 
ATOM   418  C CB  . GLU A 1 54  ? 5.435   13.006  -5.307  1.00 45.71  ? 54  GLU A CB  1 
ATOM   419  C CG  . GLU A 1 54  ? 5.920   14.195  -4.517  1.00 55.93  ? 54  GLU A CG  1 
ATOM   420  C CD  . GLU A 1 54  ? 7.427   14.287  -4.472  1.00 64.69  ? 54  GLU A CD  1 
ATOM   421  O OE1 . GLU A 1 54  ? 7.922   15.023  -3.593  1.00 69.46  ? 54  GLU A OE1 1 
ATOM   422  O OE2 . GLU A 1 54  ? 8.098   13.632  -5.309  1.00 64.18  ? 54  GLU A OE2 1 
ATOM   423  N N   . ALA A 1 55  ? 3.323   11.037  -6.651  1.00 40.85  ? 55  ALA A N   1 
ATOM   424  C CA  . ALA A 1 55  ? 2.778   10.333  -7.792  1.00 38.65  ? 55  ALA A CA  1 
ATOM   425  C C   . ALA A 1 55  ? 1.437   10.938  -8.190  1.00 37.65  ? 55  ALA A C   1 
ATOM   426  O O   . ALA A 1 55  ? 1.194   11.137  -9.391  1.00 39.09  ? 55  ALA A O   1 
ATOM   427  C CB  . ALA A 1 55  ? 2.630   8.817   -7.532  1.00 37.45  ? 55  ALA A CB  1 
ATOM   428  N N   . SER A 1 56  ? 0.577   11.179  -7.201  1.00 42.84  ? 56  SER A N   1 
ATOM   429  C CA  . SER A 1 56  ? -0.785  11.724  -7.473  1.00 46.07  ? 56  SER A CA  1 
ATOM   430  C C   . SER A 1 56  ? -0.721  13.055  -8.194  1.00 40.01  ? 56  SER A C   1 
ATOM   431  O O   . SER A 1 56  ? -1.447  13.226  -9.174  1.00 40.63  ? 56  SER A O   1 
ATOM   432  C CB  . SER A 1 56  ? -1.687  11.808  -6.222  1.00 43.30  ? 56  SER A CB  1 
ATOM   433  O OG  . SER A 1 56  ? -1.309  12.873  -5.389  1.00 49.94  ? 56  SER A OG  1 
ATOM   434  N N   . THR A 1 57  ? 0.193   13.938  -7.794  1.00 44.58  ? 57  THR A N   1 
ATOM   435  C CA  . THR A 1 57  ? 0.326   15.243  -8.482  1.00 48.13  ? 57  THR A CA  1 
ATOM   436  C C   . THR A 1 57  ? 0.799   15.103  -9.923  1.00 51.28  ? 57  THR A C   1 
ATOM   437  O O   . THR A 1 57  ? 0.453   15.905  -10.770 1.00 54.02  ? 57  THR A O   1 
ATOM   438  C CB  . THR A 1 57  ? 1.248   16.233  -7.764  1.00 46.73  ? 57  THR A CB  1 
ATOM   439  O OG1 . THR A 1 57  ? 2.592   15.854  -7.984  1.00 59.92  ? 57  THR A OG1 1 
ATOM   440  C CG2 . THR A 1 57  ? 0.974   16.282  -6.246  1.00 49.86  ? 57  THR A CG2 1 
ATOM   441  N N   . ARG A 1 58  ? 1.607   14.093  -10.196 1.00 50.68  ? 58  ARG A N   1 
ATOM   442  C CA  . ARG A 1 58  ? 2.007   13.763  -11.567 1.00 45.94  ? 58  ARG A CA  1 
ATOM   443  C C   . ARG A 1 58  ? 0.877   13.315  -12.428 1.00 42.43  ? 58  ARG A C   1 
ATOM   444  O O   . ARG A 1 58  ? 1.062   13.189  -13.599 1.00 55.69  ? 58  ARG A O   1 
ATOM   445  C CB  . ARG A 1 58  ? 2.998   12.582  -11.557 1.00 52.82  ? 58  ARG A CB  1 
ATOM   446  C CG  . ARG A 1 58  ? 4.394   12.904  -11.970 1.00 49.98  ? 58  ARG A CG  1 
ATOM   447  C CD  . ARG A 1 58  ? 5.396   12.131  -11.142 1.00 52.14  ? 58  ARG A CD  1 
ATOM   448  N NE  . ARG A 1 58  ? 5.155   10.681  -11.177 1.00 52.04  ? 58  ARG A NE  1 
ATOM   449  C CZ  . ARG A 1 58  ? 5.406   9.845   -10.160 1.00 45.42  ? 58  ARG A CZ  1 
ATOM   450  N NH1 . ARG A 1 58  ? 5.863   10.307  -9.001  1.00 46.64  ? 58  ARG A NH1 1 
ATOM   451  N NH2 . ARG A 1 58  ? 5.149   8.536   -10.279 1.00 46.58  ? 58  ARG A NH2 1 
ATOM   452  N N   . GLY A 1 59  ? -0.271  12.966  -11.878 1.00 41.82  ? 59  GLY A N   1 
ATOM   453  C CA  . GLY A 1 59  ? -1.378  12.467  -12.692 1.00 42.21  ? 59  GLY A CA  1 
ATOM   454  C C   . GLY A 1 59  ? -1.657  10.981  -12.543 1.00 45.46  ? 59  GLY A C   1 
ATOM   455  O O   . GLY A 1 59  ? -2.570  10.448  -13.225 1.00 43.87  ? 59  GLY A O   1 
ATOM   456  N N   . VAL A 1 60  ? -0.920  10.306  -11.636 1.00 41.51  ? 60  VAL A N   1 
ATOM   457  C CA  . VAL A 1 60  ? -1.157  8.882   -11.371 1.00 35.50  ? 60  VAL A CA  1 
ATOM   458  C C   . VAL A 1 60  ? -2.390  8.743   -10.496 1.00 34.53  ? 60  VAL A C   1 
ATOM   459  O O   . VAL A 1 60  ? -2.486  9.416   -9.513  1.00 35.69  ? 60  VAL A O   1 
ATOM   460  C CB  . VAL A 1 60  ? 0.056   8.217   -10.690 1.00 34.40  ? 60  VAL A CB  1 
ATOM   461  C CG1 . VAL A 1 60  ? -0.279  6.780   -10.324 1.00 32.32  ? 60  VAL A CG1 1 
ATOM   462  C CG2 . VAL A 1 60  ? 1.295   8.276   -11.592 1.00 33.42  ? 60  VAL A CG2 1 
ATOM   463  N N   . SER A 1 61  ? -3.320  7.862   -10.852 1.00 35.56  ? 61  SER A N   1 
ATOM   464  C CA  . SER A 1 61  ? -4.473  7.580   -10.001 1.00 38.26  ? 61  SER A CA  1 
ATOM   465  C C   . SER A 1 61  ? -4.074  6.625   -8.892  1.00 38.46  ? 61  SER A C   1 
ATOM   466  O O   . SER A 1 61  ? -3.479  5.586   -9.149  1.00 35.36  ? 61  SER A O   1 
ATOM   467  C CB  . SER A 1 61  ? -5.594  6.909   -10.791 1.00 43.57  ? 61  SER A CB  1 
ATOM   468  O OG  . SER A 1 61  ? -5.949  7.713   -11.886 1.00 52.82  ? 61  SER A OG  1 
ATOM   469  N N   . VAL A 1 62  ? -4.433  6.966   -7.669  1.00 36.09  ? 62  VAL A N   1 
ATOM   470  C CA  . VAL A 1 62  ? -4.018  6.242   -6.524  1.00 34.63  ? 62  VAL A CA  1 
ATOM   471  C C   . VAL A 1 62  ? -5.246  5.746   -5.771  1.00 34.12  ? 62  VAL A C   1 
ATOM   472  O O   . VAL A 1 62  ? -6.086  6.537   -5.363  1.00 35.40  ? 62  VAL A O   1 
ATOM   473  C CB  . VAL A 1 62  ? -3.165  7.129   -5.654  1.00 30.75  ? 62  VAL A CB  1 
ATOM   474  C CG1 . VAL A 1 62  ? -2.692  6.352   -4.441  1.00 31.99  ? 62  VAL A CG1 1 
ATOM   475  C CG2 . VAL A 1 62  ? -1.991  7.656   -6.482  1.00 33.00  ? 62  VAL A CG2 1 
ATOM   476  N N   . TYR A 1 63  ? -5.343  4.436   -5.609  1.00 30.15  ? 63  TYR A N   1 
ATOM   477  C CA  . TYR A 1 63  ? -6.415  3.811   -4.831  1.00 30.63  ? 63  TYR A CA  1 
ATOM   478  C C   . TYR A 1 63  ? -5.848  3.101   -3.617  1.00 28.36  ? 63  TYR A C   1 
ATOM   479  O O   . TYR A 1 63  ? -5.038  2.222   -3.791  1.00 23.48  ? 63  TYR A O   1 
ATOM   480  C CB  . TYR A 1 63  ? -7.149  2.792   -5.725  1.00 35.41  ? 63  TYR A CB  1 
ATOM   481  C CG  . TYR A 1 63  ? -7.664  3.451   -6.980  1.00 35.68  ? 63  TYR A CG  1 
ATOM   482  C CD1 . TYR A 1 63  ? -6.884  3.539   -8.096  1.00 35.53  ? 63  TYR A CD1 1 
ATOM   483  C CD2 . TYR A 1 63  ? -8.905  4.091   -6.994  1.00 45.08  ? 63  TYR A CD2 1 
ATOM   484  C CE1 . TYR A 1 63  ? -7.329  4.169   -9.244  1.00 40.94  ? 63  TYR A CE1 1 
ATOM   485  C CE2 . TYR A 1 63  ? -9.375  4.743   -8.139  1.00 48.02  ? 63  TYR A CE2 1 
ATOM   486  C CZ  . TYR A 1 63  ? -8.563  4.762   -9.261  1.00 46.74  ? 63  TYR A CZ  1 
ATOM   487  O OH  . TYR A 1 63  ? -8.972  5.379   -10.392 1.00 50.04  ? 63  TYR A OH  1 
ATOM   488  N N   . ILE A 1 64  ? -6.317  3.439   -2.421  1.00 23.32  ? 64  ILE A N   1 
ATOM   489  C CA  . ILE A 1 64  ? -5.793  2.874   -1.184  1.00 23.57  ? 64  ILE A CA  1 
ATOM   490  C C   . ILE A 1 64  ? -6.914  2.264   -0.359  1.00 24.97  ? 64  ILE A C   1 
ATOM   491  O O   . ILE A 1 64  ? -7.958  2.891   -0.099  1.00 26.23  ? 64  ILE A O   1 
ATOM   492  C CB  . ILE A 1 64  ? -5.045  3.958   -0.350  1.00 26.36  ? 64  ILE A CB  1 
ATOM   493  C CG1 . ILE A 1 64  ? -4.017  4.719   -1.183  1.00 25.92  ? 64  ILE A CG1 1 
ATOM   494  C CG2 . ILE A 1 64  ? -4.470  3.401   0.938   1.00 26.82  ? 64  ILE A CG2 1 
ATOM   495  C CD1 . ILE A 1 64  ? -3.462  5.919   -0.411  1.00 30.27  ? 64  ILE A CD1 1 
ATOM   496  N N   . LEU A 1 65  ? -6.702  1.035   0.060   1.00 22.90  ? 65  LEU A N   1 
ATOM   497  C CA  . LEU A 1 65  ? -7.611  0.305   0.929   1.00 25.25  ? 65  LEU A CA  1 
ATOM   498  C C   . LEU A 1 65  ? -6.882  0.022   2.240   1.00 24.24  ? 65  LEU A C   1 
ATOM   499  O O   . LEU A 1 65  ? -5.851  -0.657  2.258   1.00 24.40  ? 65  LEU A O   1 
ATOM   500  C CB  . LEU A 1 65  ? -8.077  -1.043  0.285   1.00 25.18  ? 65  LEU A CB  1 
ATOM   501  C CG  . LEU A 1 65  ? -8.893  -0.966  -1.027  1.00 28.59  ? 65  LEU A CG  1 
ATOM   502  C CD1 . LEU A 1 65  ? -9.247  -2.374  -1.589  1.00 28.52  ? 65  LEU A CD1 1 
ATOM   503  C CD2 . LEU A 1 65  ? -10.176 -0.144  -0.796  1.00 29.00  ? 65  LEU A CD2 1 
ATOM   504  N N   . LEU A 1 66  ? -7.387  0.547   3.346   1.00 23.14  ? 66  LEU A N   1 
ATOM   505  C CA  . LEU A 1 66  ? -6.753  0.378   4.621   1.00 21.72  ? 66  LEU A CA  1 
ATOM   506  C C   . LEU A 1 66  ? -7.595  -0.412  5.581   1.00 22.91  ? 66  LEU A C   1 
ATOM   507  O O   . LEU A 1 66  ? -8.847  -0.281  5.572   1.00 23.03  ? 66  LEU A O   1 
ATOM   508  C CB  . LEU A 1 66  ? -6.476  1.768   5.254   1.00 23.49  ? 66  LEU A CB  1 
ATOM   509  C CG  . LEU A 1 66  ? -5.481  2.617   4.449   1.00 24.62  ? 66  LEU A CG  1 
ATOM   510  C CD1 . LEU A 1 66  ? -5.229  3.927   5.158   1.00 27.01  ? 66  LEU A CD1 1 
ATOM   511  C CD2 . LEU A 1 66  ? -4.155  1.859   4.256   1.00 24.95  ? 66  LEU A CD2 1 
ATOM   512  N N   . ASP A 1 67  ? -6.952  -1.147  6.490   1.00 22.24  ? 67  ASP A N   1 
ATOM   513  C CA  . ASP A 1 67  ? -7.705  -1.870  7.518   1.00 24.35  ? 67  ASP A CA  1 
ATOM   514  C C   . ASP A 1 67  ? -8.472  -0.799  8.297   1.00 24.70  ? 67  ASP A C   1 
ATOM   515  O O   . ASP A 1 67  ? -7.906  0.237   8.724   1.00 23.05  ? 67  ASP A O   1 
ATOM   516  C CB  . ASP A 1 67  ? -6.808  -2.608  8.448   1.00 28.42  ? 67  ASP A CB  1 
ATOM   517  C CG  . ASP A 1 67  ? -7.536  -3.083  9.691   1.00 32.71  ? 67  ASP A CG  1 
ATOM   518  O OD1 . ASP A 1 67  ? -8.396  -4.005  9.548   1.00 30.85  ? 67  ASP A OD1 1 
ATOM   519  O OD2 . ASP A 1 67  ? -7.224  -2.526  10.782  1.00 32.75  ? 67  ASP A OD2 1 
ATOM   520  N N   . GLU A 1 68  ? -9.737  -1.043  8.512   1.00 23.34  ? 68  GLU A N   1 
ATOM   521  C CA  . GLU A 1 68  ? -10.570 -0.098  9.304   1.00 26.36  ? 68  GLU A CA  1 
ATOM   522  C C   . GLU A 1 68  ? -10.091 0.197   10.718  1.00 26.10  ? 68  GLU A C   1 
ATOM   523  O O   . GLU A 1 68  ? -9.976  1.350   11.082  1.00 25.44  ? 68  GLU A O   1 
ATOM   524  C CB  . GLU A 1 68  ? -12.000 -0.589  9.384   1.00 27.64  ? 68  GLU A CB  1 
ATOM   525  C CG  . GLU A 1 68  ? -12.956 0.505   9.784   1.00 33.96  ? 68  GLU A CG  1 
ATOM   526  C CD  . GLU A 1 68  ? -14.362 -0.023  9.975   1.00 40.26  ? 68  GLU A CD  1 
ATOM   527  O OE1 . GLU A 1 68  ? -15.059 -0.208  8.958   1.00 46.41  ? 68  GLU A OE1 1 
ATOM   528  O OE2 . GLU A 1 68  ? -14.744 -0.323  11.125  1.00 49.88  ? 68  GLU A OE2 1 
ATOM   529  N N   . SER A 1 69  ? -9.810  -0.835  11.516  1.00 28.45  ? 69  SER A N   1 
ATOM   530  C CA  . SER A 1 69  ? -9.425  -0.647  12.891  1.00 28.47  ? 69  SER A CA  1 
ATOM   531  C C   . SER A 1 69  ? -8.195  0.284   13.083  1.00 33.45  ? 69  SER A C   1 
ATOM   532  O O   . SER A 1 69  ? -8.097  0.940   14.120  1.00 31.17  ? 69  SER A O   1 
ATOM   533  C CB  . SER A 1 69  ? -9.265  -1.987  13.576  1.00 29.94  ? 69  SER A CB  1 
ATOM   534  O OG  . SER A 1 69  ? -8.042  -2.573  13.189  1.00 34.50  ? 69  SER A OG  1 
ATOM   535  N N   . ASN A 1 70  ? -7.319  0.404   12.065  1.00 31.43  ? 70  ASN A N   1 
ATOM   536  C CA  . ASN A 1 70  ? -6.065  1.208   12.131  1.00 32.41  ? 70  ASN A CA  1 
ATOM   537  C C   . ASN A 1 70  ? -6.114  2.453   11.312  1.00 29.08  ? 70  ASN A C   1 
ATOM   538  O O   . ASN A 1 70  ? -5.125  3.201   11.218  1.00 26.48  ? 70  ASN A O   1 
ATOM   539  C CB  . ASN A 1 70  ? -4.851  0.342   11.638  1.00 35.00  ? 70  ASN A CB  1 
ATOM   540  C CG  . ASN A 1 70  ? -4.457  -0.723  12.656  1.00 38.74  ? 70  ASN A CG  1 
ATOM   541  O OD1 . ASN A 1 70  ? -4.575  -1.946  12.413  1.00 43.78  ? 70  ASN A OD1 1 
ATOM   542  N ND2 . ASN A 1 70  ? -4.023  -0.265  13.799  1.00 36.77  ? 70  ASN A ND2 1 
ATOM   543  N N   . PHE A 1 71  ? -7.245  2.696   10.658  1.00 26.00  ? 71  PHE A N   1 
ATOM   544  C CA  . PHE A 1 71  ? -7.308  3.833   9.756   1.00 26.17  ? 71  PHE A CA  1 
ATOM   545  C C   . PHE A 1 71  ? -6.991  5.187   10.462  1.00 27.82  ? 71  PHE A C   1 
ATOM   546  O O   . PHE A 1 71  ? -6.440  6.091   9.826   1.00 26.31  ? 71  PHE A O   1 
ATOM   547  C CB  . PHE A 1 71  ? -8.704  3.885   9.134   1.00 26.58  ? 71  PHE A CB  1 
ATOM   548  C CG  . PHE A 1 71  ? -8.934  5.070   8.273   1.00 28.21  ? 71  PHE A CG  1 
ATOM   549  C CD1 . PHE A 1 71  ? -8.466  5.100   7.005   1.00 29.91  ? 71  PHE A CD1 1 
ATOM   550  C CD2 . PHE A 1 71  ? -9.618  6.167   8.754   1.00 33.94  ? 71  PHE A CD2 1 
ATOM   551  C CE1 . PHE A 1 71  ? -8.662  6.184   6.218   1.00 28.42  ? 71  PHE A CE1 1 
ATOM   552  C CE2 . PHE A 1 71  ? -9.807  7.284   7.962   1.00 31.80  ? 71  PHE A CE2 1 
ATOM   553  C CZ  . PHE A 1 71  ? -9.343  7.271   6.676   1.00 30.90  ? 71  PHE A CZ  1 
ATOM   554  N N   . ASN A 1 72  ? -7.341  5.329   11.743  1.00 27.19  ? 72  ASN A N   1 
ATOM   555  C CA  . ASN A 1 72  ? -7.046  6.596   12.512  1.00 33.29  ? 72  ASN A CA  1 
ATOM   556  C C   . ASN A 1 72  ? -5.537  6.964   12.482  1.00 30.17  ? 72  ASN A C   1 
ATOM   557  O O   . ASN A 1 72  ? -5.177  8.152   12.381  1.00 29.55  ? 72  ASN A O   1 
ATOM   558  C CB  . ASN A 1 72  ? -7.507  6.457   13.990  1.00 36.49  ? 72  ASN A CB  1 
ATOM   559  C CG  . ASN A 1 72  ? -6.878  5.215   14.737  1.00 43.42  ? 72  ASN A CG  1 
ATOM   560  O OD1 . ASN A 1 72  ? -7.021  4.010   14.335  1.00 46.35  ? 72  ASN A OD1 1 
ATOM   561  N ND2 . ASN A 1 72  ? -6.242  5.504   15.883  1.00 42.01  ? 72  ASN A ND2 1 
ATOM   562  N N   . HIS A 1 73  ? -4.671  5.938   12.505  1.00 27.73  ? 73  HIS A N   1 
ATOM   563  C CA  . HIS A 1 73  ? -3.206  6.160   12.520  1.00 28.28  ? 73  HIS A CA  1 
ATOM   564  C C   . HIS A 1 73  ? -2.778  6.787   11.192  1.00 29.65  ? 73  HIS A C   1 
ATOM   565  O O   . HIS A 1 73  ? -1.982  7.703   11.155  1.00 28.66  ? 73  HIS A O   1 
ATOM   566  C CB  . HIS A 1 73  ? -2.493  4.852   12.740  1.00 30.08  ? 73  HIS A CB  1 
ATOM   567  C CG  . HIS A 1 73  ? -2.774  4.226   14.063  1.00 32.60  ? 73  HIS A CG  1 
ATOM   568  N ND1 . HIS A 1 73  ? -2.517  4.865   15.252  1.00 35.21  ? 73  HIS A ND1 1 
ATOM   569  C CD2 . HIS A 1 73  ? -3.267  3.009   14.390  1.00 36.82  ? 73  HIS A CD2 1 
ATOM   570  C CE1 . HIS A 1 73  ? -2.839  4.069   16.256  1.00 36.47  ? 73  HIS A CE1 1 
ATOM   571  N NE2 . HIS A 1 73  ? -3.318  2.945   15.759  1.00 34.75  ? 73  HIS A NE2 1 
ATOM   572  N N   . PHE A 1 74  ? -3.395  6.348   10.094  1.00 27.70  ? 74  PHE A N   1 
ATOM   573  C CA  . PHE A 1 74  ? -3.134  6.935   8.811   1.00 25.49  ? 74  PHE A CA  1 
ATOM   574  C C   . PHE A 1 74  ? -3.669  8.335   8.783   1.00 30.50  ? 74  PHE A C   1 
ATOM   575  O O   . PHE A 1 74  ? -3.026  9.204   8.258   1.00 30.59  ? 74  PHE A O   1 
ATOM   576  C CB  . PHE A 1 74  ? -3.742  6.095   7.706   1.00 27.47  ? 74  PHE A CB  1 
ATOM   577  C CG  . PHE A 1 74  ? -3.779  6.774   6.352   1.00 25.55  ? 74  PHE A CG  1 
ATOM   578  C CD1 . PHE A 1 74  ? -2.640  6.848   5.580   1.00 24.75  ? 74  PHE A CD1 1 
ATOM   579  C CD2 . PHE A 1 74  ? -4.969  7.282   5.853   1.00 22.80  ? 74  PHE A CD2 1 
ATOM   580  C CE1 . PHE A 1 74  ? -2.668  7.449   4.319   1.00 25.48  ? 74  PHE A CE1 1 
ATOM   581  C CE2 . PHE A 1 74  ? -4.996  7.919   4.602   1.00 23.17  ? 74  PHE A CE2 1 
ATOM   582  C CZ  . PHE A 1 74  ? -3.857  8.010   3.851   1.00 22.62  ? 74  PHE A CZ  1 
ATOM   583  N N   . LEU A 1 75  ? -4.872  8.540   9.309   1.00 32.31  ? 75  LEU A N   1 
ATOM   584  C CA  . LEU A 1 75  ? -5.483  9.872   9.310   1.00 37.32  ? 75  LEU A CA  1 
ATOM   585  C C   . LEU A 1 75  ? -4.619  10.899  10.076  1.00 29.42  ? 75  LEU A C   1 
ATOM   586  O O   . LEU A 1 75  ? -4.269  11.920  9.519   1.00 29.52  ? 75  LEU A O   1 
ATOM   587  C CB  . LEU A 1 75  ? -6.879  9.783   9.905   1.00 44.87  ? 75  LEU A CB  1 
ATOM   588  C CG  . LEU A 1 75  ? -7.808  10.968  9.636   1.00 56.52  ? 75  LEU A CG  1 
ATOM   589  C CD1 . LEU A 1 75  ? -7.854  11.365  8.163   1.00 54.15  ? 75  LEU A CD1 1 
ATOM   590  C CD2 . LEU A 1 75  ? -9.191  10.555  10.140  1.00 57.89  ? 75  LEU A CD2 1 
ATOM   591  N N   . ASN A 1 76  ? -4.252  10.524  11.288  1.00 25.96  ? 76  ASN A N   1 
ATOM   592  C CA  . ASN A 1 76  ? -3.269  11.252  12.162  1.00 31.92  ? 76  ASN A CA  1 
ATOM   593  C C   . ASN A 1 76  ? -2.023  11.651  11.446  1.00 33.25  ? 76  ASN A C   1 
ATOM   594  O O   . ASN A 1 76  ? -1.635  12.809  11.497  1.00 35.63  ? 76  ASN A O   1 
ATOM   595  C CB  . ASN A 1 76  ? -2.817  10.404  13.331  1.00 31.88  ? 76  ASN A CB  1 
ATOM   596  C CG  . ASN A 1 76  ? -3.870  10.263  14.395  1.00 34.31  ? 76  ASN A CG  1 
ATOM   597  O OD1 . ASN A 1 76  ? -3.751  9.414   15.251  1.00 39.32  ? 76  ASN A OD1 1 
ATOM   598  N ND2 . ASN A 1 76  ? -4.908  11.068  14.333  1.00 33.39  ? 76  ASN A ND2 1 
ATOM   599  N N   . MET A 1 77  ? -1.421  10.688  10.745  1.00 33.21  ? 77  MET A N   1 
ATOM   600  C CA  . MET A 1 77  ? -0.223  10.967  9.963   1.00 31.91  ? 77  MET A CA  1 
ATOM   601  C C   . MET A 1 77  ? -0.460  11.969  8.835   1.00 29.46  ? 77  MET A C   1 
ATOM   602  O O   . MET A 1 77  ? 0.396   12.822  8.595   1.00 25.39  ? 77  MET A O   1 
ATOM   603  C CB  . MET A 1 77  ? 0.405   9.698   9.423   1.00 33.47  ? 77  MET A CB  1 
ATOM   604  C CG  . MET A 1 77  ? 1.657   9.962   8.567   1.00 35.26  ? 77  MET A CG  1 
ATOM   605  S SD  . MET A 1 77  ? 1.341   10.254  6.820   1.00 38.21  ? 77  MET A SD  1 
ATOM   606  C CE  . MET A 1 77  ? 1.002   8.528   6.383   1.00 32.07  ? 77  MET A CE  1 
ATOM   607  N N   . THR A 1 78  ? -1.581  11.890  8.138   1.00 28.41  ? 78  THR A N   1 
ATOM   608  C CA  . THR A 1 78  ? -1.819  12.827  7.018   1.00 30.97  ? 78  THR A CA  1 
ATOM   609  C C   . THR A 1 78  ? -2.079  14.263  7.571   1.00 33.88  ? 78  THR A C   1 
ATOM   610  O O   . THR A 1 78  ? -1.673  15.244  6.956   1.00 38.84  ? 78  THR A O   1 
ATOM   611  C CB  . THR A 1 78  ? -3.042  12.431  6.207   1.00 31.83  ? 78  THR A CB  1 
ATOM   612  O OG1 . THR A 1 78  ? -4.153  12.335  7.111   1.00 31.30  ? 78  THR A OG1 1 
ATOM   613  C CG2 . THR A 1 78  ? -2.799  11.076  5.477   1.00 34.58  ? 78  THR A CG2 1 
ATOM   614  N N   . GLU A 1 79  ? -2.710  14.349  8.740   1.00 40.05  ? 79  GLU A N   1 
ATOM   615  C CA  . GLU A 1 79  ? -2.914  15.615  9.467   1.00 47.01  ? 79  GLU A CA  1 
ATOM   616  C C   . GLU A 1 79  ? -1.587  16.220  9.870   1.00 44.15  ? 79  GLU A C   1 
ATOM   617  O O   . GLU A 1 79  ? -1.410  17.387  9.663   1.00 48.73  ? 79  GLU A O   1 
ATOM   618  C CB  . GLU A 1 79  ? -3.698  15.447  10.778  1.00 46.86  ? 79  GLU A CB  1 
ATOM   619  C CG  . GLU A 1 79  ? -5.155  15.112  10.624  1.00 50.66  ? 79  GLU A CG  1 
ATOM   620  C CD  . GLU A 1 79  ? -6.018  15.765  11.702  1.00 51.82  ? 79  GLU A CD  1 
ATOM   621  O OE1 . GLU A 1 79  ? -7.088  16.225  11.291  1.00 57.84  ? 79  GLU A OE1 1 
ATOM   622  O OE2 . GLU A 1 79  ? -5.640  15.846  12.911  1.00 42.44  ? 79  GLU A OE2 1 
ATOM   623  N N   . LYS A 1 80  ? -0.699  15.431  10.482  1.00 48.58  ? 80  LYS A N   1 
ATOM   624  C CA  . LYS A 1 80  ? 0.680   15.877  10.820  1.00 46.01  ? 80  LYS A CA  1 
ATOM   625  C C   . LYS A 1 80  ? 1.355   16.446  9.623   1.00 47.48  ? 80  LYS A C   1 
ATOM   626  O O   . LYS A 1 80  ? 2.052   17.419  9.732   1.00 48.59  ? 80  LYS A O   1 
ATOM   627  C CB  . LYS A 1 80  ? 1.580   14.726  11.276  1.00 53.33  ? 80  LYS A CB  1 
ATOM   628  C CG  . LYS A 1 80  ? 1.831   14.611  12.758  1.00 55.64  ? 80  LYS A CG  1 
ATOM   629  C CD  . LYS A 1 80  ? 3.322   14.386  13.027  1.00 60.16  ? 80  LYS A CD  1 
ATOM   630  C CE  . LYS A 1 80  ? 3.662   14.268  14.506  1.00 70.77  ? 80  LYS A CE  1 
ATOM   631  N NZ  . LYS A 1 80  ? 2.713   13.333  15.199  1.00 72.61  ? 80  LYS A NZ  1 
ATOM   632  N N   . GLN A 1 81  ? 1.163   15.822  8.465   1.00 45.83  ? 81  GLN A N   1 
ATOM   633  C CA  . GLN A 1 81  ? 1.874   16.213  7.280   1.00 44.28  ? 81  GLN A CA  1 
ATOM   634  C C   . GLN A 1 81  ? 1.179   17.308  6.589   1.00 44.72  ? 81  GLN A C   1 
ATOM   635  O O   . GLN A 1 81  ? 1.650   17.730  5.542   1.00 51.40  ? 81  GLN A O   1 
ATOM   636  C CB  . GLN A 1 81  ? 2.114   15.003  6.329   1.00 41.98  ? 81  GLN A CB  1 
ATOM   637  C CG  . GLN A 1 81  ? 2.974   13.959  6.998   1.00 39.67  ? 81  GLN A CG  1 
ATOM   638  C CD  . GLN A 1 81  ? 4.337   14.499  7.422   1.00 45.34  ? 81  GLN A CD  1 
ATOM   639  O OE1 . GLN A 1 81  ? 4.988   15.169  6.631   1.00 45.53  ? 81  GLN A OE1 1 
ATOM   640  N NE2 . GLN A 1 81  ? 4.782   14.197  8.663   1.00 41.11  ? 81  GLN A NE2 1 
ATOM   641  N N   . GLY A 1 82  ? 0.082   17.801  7.168   1.00 44.92  ? 82  GLY A N   1 
ATOM   642  C CA  . GLY A 1 82  ? -0.640  18.898  6.591   1.00 46.72  ? 82  GLY A CA  1 
ATOM   643  C C   . GLY A 1 82  ? -1.065  18.568  5.186   1.00 52.32  ? 82  GLY A C   1 
ATOM   644  O O   . GLY A 1 82  ? -0.835  19.350  4.259   1.00 53.60  ? 82  GLY A O   1 
ATOM   645  N N   . CYS A 1 83  ? -1.645  17.379  5.023   1.00 52.26  ? 83  CYS A N   1 
ATOM   646  C CA  . CYS A 1 83  ? -1.877  16.829  3.704   1.00 56.98  ? 83  CYS A CA  1 
ATOM   647  C C   . CYS A 1 83  ? -3.119  15.958  3.734   1.00 55.52  ? 83  CYS A C   1 
ATOM   648  O O   . CYS A 1 83  ? -3.045  14.748  3.686   1.00 64.14  ? 83  CYS A O   1 
ATOM   649  C CB  . CYS A 1 83  ? -0.618  16.096  3.176   1.00 56.77  ? 83  CYS A CB  1 
ATOM   650  S SG  . CYS A 1 83  ? -0.267  16.526  1.447   1.00 71.89  ? 83  CYS A SG  1 
ATOM   651  N N   . SER A 1 84  ? -4.262  16.614  3.849   1.00 57.32  ? 84  SER A N   1 
ATOM   652  C CA  . SER A 1 84  ? -5.559  15.969  3.749   1.00 64.81  ? 84  SER A CA  1 
ATOM   653  C C   . SER A 1 84  ? -5.805  15.214  2.431   1.00 68.29  ? 84  SER A C   1 
ATOM   654  O O   . SER A 1 84  ? -5.820  15.770  1.296   1.00 55.53  ? 84  SER A O   1 
ATOM   655  C CB  . SER A 1 84  ? -6.709  16.963  3.925   1.00 67.39  ? 84  SER A CB  1 
ATOM   656  O OG  . SER A 1 84  ? -7.938  16.262  3.825   1.00 67.11  ? 84  SER A OG  1 
ATOM   657  N N   . VAL A 1 85  ? -6.096  13.936  2.618   1.00 65.87  ? 85  VAL A N   1 
ATOM   658  C CA  . VAL A 1 85  ? -6.250  13.057  1.503   1.00 61.67  ? 85  VAL A CA  1 
ATOM   659  C C   . VAL A 1 85  ? -7.555  13.424  0.722   1.00 55.49  ? 85  VAL A C   1 
ATOM   660  O O   . VAL A 1 85  ? -7.621  13.214  -0.462  1.00 43.90  ? 85  VAL A O   1 
ATOM   661  C CB  . VAL A 1 85  ? -6.111  11.612  2.008   1.00 62.46  ? 85  VAL A CB  1 
ATOM   662  C CG1 . VAL A 1 85  ? -7.440  11.077  2.506   1.00 63.82  ? 85  VAL A CG1 1 
ATOM   663  C CG2 . VAL A 1 85  ? -5.488  10.741  0.935   1.00 67.84  ? 85  VAL A CG2 1 
ATOM   664  N N   . GLN A 1 86  ? -8.531  14.067  1.376   1.00 58.76  ? 86  GLN A N   1 
ATOM   665  C CA  . GLN A 1 86  ? -9.772  14.518  0.702   1.00 62.18  ? 86  GLN A CA  1 
ATOM   666  C C   . GLN A 1 86  ? -9.660  15.670  -0.259  1.00 62.01  ? 86  GLN A C   1 
ATOM   667  O O   . GLN A 1 86  ? -10.427 15.741  -1.203  1.00 68.78  ? 86  GLN A O   1 
ATOM   668  C CB  . GLN A 1 86  ? -10.816 14.887  1.721   1.00 64.42  ? 86  GLN A CB  1 
ATOM   669  C CG  . GLN A 1 86  ? -11.423 13.660  2.333   1.00 68.16  ? 86  GLN A CG  1 
ATOM   670  C CD  . GLN A 1 86  ? -12.149 13.996  3.584   1.00 66.54  ? 86  GLN A CD  1 
ATOM   671  O OE1 . GLN A 1 86  ? -13.378 13.967  3.604   1.00 62.31  ? 86  GLN A OE1 1 
ATOM   672  N NE2 . GLN A 1 86  ? -11.400 14.337  4.636   1.00 62.03  ? 86  GLN A NE2 1 
ATOM   673  N N   . ARG A 1 87  ? -8.720  16.568  -0.037  1.00 71.15  ? 87  ARG A N   1 
ATOM   674  C CA  . ARG A 1 87  ? -8.450  17.611  -1.034  1.00 77.64  ? 87  ARG A CA  1 
ATOM   675  C C   . ARG A 1 87  ? -7.331  17.209  -2.018  1.00 68.85  ? 87  ARG A C   1 
ATOM   676  O O   . ARG A 1 87  ? -6.699  18.074  -2.629  1.00 77.83  ? 87  ARG A O   1 
ATOM   677  C CB  . ARG A 1 87  ? -8.224  19.011  -0.379  1.00 86.17  ? 87  ARG A CB  1 
ATOM   678  C CG  . ARG A 1 87  ? -7.173  19.113  0.726   1.00 90.33  ? 87  ARG A CG  1 
ATOM   679  C CD  . ARG A 1 87  ? -6.262  20.339  0.582   1.00 96.72  ? 87  ARG A CD  1 
ATOM   680  N NE  . ARG A 1 87  ? -4.988  19.986  -0.065  1.00 97.36  ? 87  ARG A NE  1 
ATOM   681  C CZ  . ARG A 1 87  ? -3.974  19.349  0.531   1.00 94.71  ? 87  ARG A CZ  1 
ATOM   682  N NH1 . ARG A 1 87  ? -4.052  18.981  1.806   1.00 87.25  ? 87  ARG A NH1 1 
ATOM   683  N NH2 . ARG A 1 87  ? -2.869  19.066  -0.154  1.00 97.11  ? 87  ARG A NH2 1 
ATOM   684  N N   . LEU A 1 88  ? -7.089  15.908  -2.187  1.00 59.12  ? 88  LEU A N   1 
ATOM   685  C CA  . LEU A 1 88  ? -6.112  15.439  -3.165  1.00 54.25  ? 88  LEU A CA  1 
ATOM   686  C C   . LEU A 1 88  ? -6.923  14.709  -4.176  1.00 49.24  ? 88  LEU A C   1 
ATOM   687  O O   . LEU A 1 88  ? -7.582  13.750  -3.849  1.00 47.63  ? 88  LEU A O   1 
ATOM   688  C CB  . LEU A 1 88  ? -5.052  14.560  -2.528  1.00 56.42  ? 88  LEU A CB  1 
ATOM   689  C CG  . LEU A 1 88  ? -3.933  15.360  -1.858  1.00 62.06  ? 88  LEU A CG  1 
ATOM   690  C CD1 . LEU A 1 88  ? -3.171  14.450  -0.899  1.00 66.86  ? 88  LEU A CD1 1 
ATOM   691  C CD2 . LEU A 1 88  ? -3.007  15.987  -2.914  1.00 59.68  ? 88  LEU A CD2 1 
ATOM   692  N N   . ARG A 1 89  ? -6.936  15.222  -5.397  1.00 47.94  ? 89  ARG A N   1 
ATOM   693  C CA  . ARG A 1 89  ? -7.947  14.823  -6.357  1.00 49.46  ? 89  ARG A CA  1 
ATOM   694  C C   . ARG A 1 89  ? -7.686  13.401  -6.875  1.00 50.95  ? 89  ARG A C   1 
ATOM   695  O O   . ARG A 1 89  ? -8.634  12.648  -7.120  1.00 47.95  ? 89  ARG A O   1 
ATOM   696  C CB  . ARG A 1 89  ? -8.005  15.812  -7.526  1.00 52.05  ? 89  ARG A CB  1 
ATOM   697  N N   . ASN A 1 90  ? -6.413  13.031  -7.015  1.00 44.05  ? 90  ASN A N   1 
ATOM   698  C CA  . ASN A 1 90  ? -6.076  11.776  -7.672  1.00 46.85  ? 90  ASN A CA  1 
ATOM   699  C C   . ASN A 1 90  ? -6.015  10.566  -6.732  1.00 48.55  ? 90  ASN A C   1 
ATOM   700  O O   . ASN A 1 90  ? -5.807  9.475   -7.220  1.00 48.27  ? 90  ASN A O   1 
ATOM   701  C CB  . ASN A 1 90  ? -4.781  11.929  -8.494  1.00 44.71  ? 90  ASN A CB  1 
ATOM   702  C CG  . ASN A 1 90  ? -5.024  12.630  -9.819  1.00 45.05  ? 90  ASN A CG  1 
ATOM   703  O OD1 . ASN A 1 90  ? -6.155  12.713  -10.303 1.00 47.26  ? 90  ASN A OD1 1 
ATOM   704  N ND2 . ASN A 1 90  ? -3.968  13.097  -10.428 1.00 44.41  ? 90  ASN A ND2 1 
ATOM   705  N N   . ILE A 1 91  ? -6.261  10.761  -5.430  1.00 43.08  ? 91  ILE A N   1 
ATOM   706  C CA  . ILE A 1 91  ? -6.118  9.721   -4.441  1.00 41.71  ? 91  ILE A CA  1 
ATOM   707  C C   . ILE A 1 91  ? -7.471  9.366   -3.871  1.00 39.69  ? 91  ILE A C   1 
ATOM   708  O O   . ILE A 1 91  ? -8.170  10.226  -3.429  1.00 40.79  ? 91  ILE A O   1 
ATOM   709  C CB  . ILE A 1 91  ? -5.233  10.184  -3.250  1.00 41.75  ? 91  ILE A CB  1 
ATOM   710  C CG1 . ILE A 1 91  ? -3.829  10.568  -3.710  1.00 38.57  ? 91  ILE A CG1 1 
ATOM   711  C CG2 . ILE A 1 91  ? -5.213  9.099   -2.149  1.00 44.52  ? 91  ILE A CG2 1 
ATOM   712  C CD1 . ILE A 1 91  ? -2.838  10.854  -2.596  1.00 38.19  ? 91  ILE A CD1 1 
ATOM   713  N N   . ARG A 1 92  ? -7.823  8.098   -3.814  1.00 38.52  ? 92  ARG A N   1 
ATOM   714  C CA  . ARG A 1 92  ? -9.024  7.716   -3.125  1.00 39.68  ? 92  ARG A CA  1 
ATOM   715  C C   . ARG A 1 92  ? -8.740  6.630   -2.065  1.00 32.59  ? 92  ARG A C   1 
ATOM   716  O O   . ARG A 1 92  ? -7.926  5.729   -2.284  1.00 27.83  ? 92  ARG A O   1 
ATOM   717  C CB  . ARG A 1 92  ? -10.038 7.288   -4.178  1.00 51.26  ? 92  ARG A CB  1 
ATOM   718  C CG  . ARG A 1 92  ? -10.477 8.479   -5.036  1.00 64.45  ? 92  ARG A CG  1 
ATOM   719  C CD  . ARG A 1 92  ? -11.677 8.083   -5.865  1.00 83.10  ? 92  ARG A CD  1 
ATOM   720  N NE  . ARG A 1 92  ? -12.594 9.145   -6.278  1.00 91.82  ? 92  ARG A NE  1 
ATOM   721  C CZ  . ARG A 1 92  ? -13.706 8.907   -6.987  1.00 98.85  ? 92  ARG A CZ  1 
ATOM   722  N NH1 . ARG A 1 92  ? -14.029 7.661   -7.364  1.00 101.01 ? 92  ARG A NH1 1 
ATOM   723  N NH2 . ARG A 1 92  ? -14.508 9.909   -7.333  1.00 102.91 ? 92  ARG A NH2 1 
ATOM   724  N N   . VAL A 1 93  ? -9.346  6.777   -0.893  1.00 27.71  ? 93  VAL A N   1 
ATOM   725  C CA  . VAL A 1 93  ? -9.097  5.911   0.233   1.00 25.66  ? 93  VAL A CA  1 
ATOM   726  C C   . VAL A 1 93  ? -10.413 5.370   0.794   1.00 28.15  ? 93  VAL A C   1 
ATOM   727  O O   . VAL A 1 93  ? -11.316 6.186   1.146   1.00 25.11  ? 93  VAL A O   1 
ATOM   728  C CB  . VAL A 1 93  ? -8.381  6.668   1.346   1.00 29.03  ? 93  VAL A CB  1 
ATOM   729  C CG1 . VAL A 1 93  ? -7.957  5.716   2.469   1.00 28.03  ? 93  VAL A CG1 1 
ATOM   730  C CG2 . VAL A 1 93  ? -7.179  7.437   0.785   1.00 30.73  ? 93  VAL A CG2 1 
ATOM   731  N N   . ARG A 1 94  ? -10.501 4.018   0.932   1.00 23.63  ? 94  ARG A N   1 
ATOM   732  C CA  . ARG A 1 94  ? -11.616 3.368   1.612   1.00 23.05  ? 94  ARG A CA  1 
ATOM   733  C C   . ARG A 1 94  ? -11.064 2.380   2.637   1.00 22.97  ? 94  ARG A C   1 
ATOM   734  O O   . ARG A 1 94  ? -9.868  2.116   2.661   1.00 25.09  ? 94  ARG A O   1 
ATOM   735  C CB  . ARG A 1 94  ? -12.557 2.771   0.597   1.00 24.87  ? 94  ARG A CB  1 
ATOM   736  C CG  . ARG A 1 94  ? -13.117 3.809   -0.376  1.00 27.67  ? 94  ARG A CG  1 
ATOM   737  C CD  . ARG A 1 94  ? -13.907 3.221   -1.517  1.00 28.79  ? 94  ARG A CD  1 
ATOM   738  N NE  . ARG A 1 94  ? -15.063 2.447   -1.023  1.00 30.24  ? 94  ARG A NE  1 
ATOM   739  C CZ  . ARG A 1 94  ? -16.328 2.849   -1.028  1.00 28.40  ? 94  ARG A CZ  1 
ATOM   740  N NH1 . ARG A 1 94  ? -16.646 4.050   -1.463  1.00 29.83  ? 94  ARG A NH1 1 
ATOM   741  N NH2 . ARG A 1 94  ? -17.266 2.073   -0.491  1.00 30.75  ? 94  ARG A NH2 1 
ATOM   742  N N   . THR A 1 95  ? -11.880 1.972   3.582   1.00 21.59  ? 95  THR A N   1 
ATOM   743  C CA  . THR A 1 95  ? -11.486 1.059   4.643   1.00 24.35  ? 95  THR A CA  1 
ATOM   744  C C   . THR A 1 95  ? -12.111 -0.321  4.419   1.00 25.46  ? 95  THR A C   1 
ATOM   745  O O   . THR A 1 95  ? -13.151 -0.468  3.768   1.00 25.70  ? 95  THR A O   1 
ATOM   746  C CB  . THR A 1 95  ? -11.922 1.570   6.030   1.00 27.92  ? 95  THR A CB  1 
ATOM   747  O OG1 . THR A 1 95  ? -13.345 1.806   6.049   1.00 29.64  ? 95  THR A OG1 1 
ATOM   748  C CG2 . THR A 1 95  ? -11.178 2.829   6.422   1.00 28.95  ? 95  THR A CG2 1 
ATOM   749  N N   . VAL A 1 96  ? -11.455 -1.330  4.962   1.00 24.20  ? 96  VAL A N   1 
ATOM   750  C CA  . VAL A 1 96  ? -11.919 -2.657  4.886   1.00 23.93  ? 96  VAL A CA  1 
ATOM   751  C C   . VAL A 1 96  ? -11.858 -3.263  6.264   1.00 22.75  ? 96  VAL A C   1 
ATOM   752  O O   . VAL A 1 96  ? -10.820 -3.188  6.941   1.00 22.55  ? 96  VAL A O   1 
ATOM   753  C CB  . VAL A 1 96  ? -11.087 -3.493  3.870   1.00 25.09  ? 96  VAL A CB  1 
ATOM   754  C CG1 . VAL A 1 96  ? -11.641 -4.887  3.784   1.00 26.17  ? 96  VAL A CG1 1 
ATOM   755  C CG2 . VAL A 1 96  ? -11.150 -2.904  2.448   1.00 25.23  ? 96  VAL A CG2 1 
ATOM   756  N N   . LYS A 1 97  ? -12.943 -3.856  6.720   1.00 23.88  ? 97  LYS A N   1 
ATOM   757  C CA  . LYS A 1 97  ? -12.919 -4.627  7.973   1.00 27.16  ? 97  LYS A CA  1 
ATOM   758  C C   . LYS A 1 97  ? -13.279 -6.087  7.810   1.00 25.15  ? 97  LYS A C   1 
ATOM   759  O O   . LYS A 1 97  ? -13.892 -6.463  6.819   1.00 27.90  ? 97  LYS A O   1 
ATOM   760  C CB  . LYS A 1 97  ? -13.810 -3.980  9.038   1.00 34.91  ? 97  LYS A CB  1 
ATOM   761  C CG  . LYS A 1 97  ? -15.314 -4.071  8.890   1.00 46.04  ? 97  LYS A CG  1 
ATOM   762  C CD  . LYS A 1 97  ? -15.970 -3.974  10.310  1.00 55.49  ? 97  LYS A CD  1 
ATOM   763  C CE  . LYS A 1 97  ? -17.497 -4.091  10.281  1.00 68.76  ? 97  LYS A CE  1 
ATOM   764  N NZ  . LYS A 1 97  ? -18.119 -5.450  10.449  1.00 75.43  ? 97  LYS A NZ  1 
ATOM   765  N N   . GLY A 1 98  ? -12.902 -6.910  8.792   1.00 24.78  ? 98  GLY A N   1 
ATOM   766  C CA  . GLY A 1 98  ? -13.367 -8.324  8.868   1.00 28.53  ? 98  GLY A CA  1 
ATOM   767  C C   . GLY A 1 98  ? -14.657 -8.448  9.733   1.00 29.04  ? 98  GLY A C   1 
ATOM   768  O O   . GLY A 1 98  ? -15.373 -7.452  9.940   1.00 32.22  ? 98  GLY A O   1 
ATOM   769  N N   . GLN A 1 99  ? -14.959 -9.631  10.239  1.00 32.68  ? 99  GLN A N   1 
ATOM   770  C CA  . GLN A 1 99  ? -16.086 -9.878  11.193  1.00 37.97  ? 99  GLN A CA  1 
ATOM   771  C C   . GLN A 1 99  ? -15.735 -9.436  12.576  1.00 38.96  ? 99  GLN A C   1 
ATOM   772  O O   . GLN A 1 99  ? -14.709 -9.858  13.098  1.00 30.23  ? 99  GLN A O   1 
ATOM   773  C CB  . GLN A 1 99  ? -16.355 -11.361 11.433  1.00 44.31  ? 99  GLN A CB  1 
ATOM   774  C CG  . GLN A 1 99  ? -17.146 -12.100 10.456  1.00 51.10  ? 99  GLN A CG  1 
ATOM   775  C CD  . GLN A 1 99  ? -18.620 -11.963 10.709  1.00 49.10  ? 99  GLN A CD  1 
ATOM   776  O OE1 . GLN A 1 99  ? -19.107 -10.885 11.089  1.00 43.83  ? 99  GLN A OE1 1 
ATOM   777  N NE2 . GLN A 1 99  ? -19.352 -13.027 10.398  1.00 51.49  ? 99  GLN A NE2 1 
ATOM   778  N N   . ASP A 1 100 ? -16.621 -8.705  13.238  1.00 54.12  ? 100 ASP A N   1 
ATOM   779  C CA  . ASP A 1 100 ? -16.442 -8.426  14.687  1.00 55.54  ? 100 ASP A CA  1 
ATOM   780  C C   . ASP A 1 100 ? -16.878 -9.632  15.569  1.00 51.87  ? 100 ASP A C   1 
ATOM   781  O O   . ASP A 1 100 ? -17.565 -10.492 15.058  1.00 42.52  ? 100 ASP A O   1 
ATOM   782  C CB  . ASP A 1 100 ? -17.163 -7.137  15.013  1.00 59.44  ? 100 ASP A CB  1 
ATOM   783  C CG  . ASP A 1 100 ? -16.569 -5.955  14.274  1.00 65.00  ? 100 ASP A CG  1 
ATOM   784  O OD1 . ASP A 1 100 ? -15.308 -5.818  14.231  1.00 62.22  ? 100 ASP A OD1 1 
ATOM   785  O OD2 . ASP A 1 100 ? -17.367 -5.169  13.720  1.00 75.04  ? 100 ASP A OD2 1 
ATOM   786  N N   . TYR A 1 101 ? -16.361 -9.761  16.816  1.00 66.07  ? 101 TYR A N   1 
ATOM   787  C CA  . TYR A 1 101 ? -16.859 -10.742 17.875  1.00 68.28  ? 101 TYR A CA  1 
ATOM   788  C C   . TYR A 1 101 ? -17.041 -10.088 19.239  1.00 62.90  ? 101 TYR A C   1 
ATOM   789  O O   . TYR A 1 101 ? -16.099 -9.468  19.742  1.00 60.23  ? 101 TYR A O   1 
ATOM   790  C CB  . TYR A 1 101 ? -15.917 -11.944 18.053  1.00 75.14  ? 101 TYR A CB  1 
ATOM   791  C CG  . TYR A 1 101 ? -16.168 -12.941 16.991  1.00 83.58  ? 101 TYR A CG  1 
ATOM   792  C CD1 . TYR A 1 101 ? -16.858 -14.129 17.250  1.00 89.23  ? 101 TYR A CD1 1 
ATOM   793  C CD2 . TYR A 1 101 ? -15.799 -12.652 15.680  1.00 93.49  ? 101 TYR A CD2 1 
ATOM   794  C CE1 . TYR A 1 101 ? -17.134 -15.026 16.213  1.00 95.04  ? 101 TYR A CE1 1 
ATOM   795  C CE2 . TYR A 1 101 ? -16.073 -13.514 14.642  1.00 94.12  ? 101 TYR A CE2 1 
ATOM   796  C CZ  . TYR A 1 101 ? -16.736 -14.703 14.897  1.00 98.86  ? 101 TYR A CZ  1 
ATOM   797  O OH  . TYR A 1 101 ? -16.969 -15.541 13.823  1.00 96.86  ? 101 TYR A OH  1 
ATOM   798  N N   . PHE A 1 109 ? -14.345 -7.639  20.038  1.00 65.81  ? 109 PHE A N   1 
ATOM   799  C CA  . PHE A 1 109 ? -13.131 -7.938  19.222  1.00 73.50  ? 109 PHE A CA  1 
ATOM   800  C C   . PHE A 1 109 ? -13.275 -7.682  17.687  1.00 59.93  ? 109 PHE A C   1 
ATOM   801  O O   . PHE A 1 109 ? -14.045 -8.359  17.002  1.00 62.13  ? 109 PHE A O   1 
ATOM   802  C CB  . PHE A 1 109 ? -12.632 -9.375  19.495  1.00 74.68  ? 109 PHE A CB  1 
ATOM   803  C CG  . PHE A 1 109 ? -11.598 -9.864  18.510  1.00 81.06  ? 109 PHE A CG  1 
ATOM   804  C CD1 . PHE A 1 109 ? -10.263 -9.417  18.572  1.00 80.09  ? 109 PHE A CD1 1 
ATOM   805  C CD2 . PHE A 1 109 ? -11.956 -10.763 17.496  1.00 81.25  ? 109 PHE A CD2 1 
ATOM   806  C CE1 . PHE A 1 109 ? -9.312  -9.849  17.637  1.00 71.98  ? 109 PHE A CE1 1 
ATOM   807  C CE2 . PHE A 1 109 ? -11.008 -11.185 16.575  1.00 75.81  ? 109 PHE A CE2 1 
ATOM   808  C CZ  . PHE A 1 109 ? -9.689  -10.735 16.650  1.00 73.10  ? 109 PHE A CZ  1 
ATOM   809  N N   . HIS A 1 110 ? -12.472 -6.748  17.175  1.00 61.17  ? 110 HIS A N   1 
ATOM   810  C CA  . HIS A 1 110 ? -12.551 -6.251  15.786  1.00 58.06  ? 110 HIS A CA  1 
ATOM   811  C C   . HIS A 1 110 ? -11.853 -7.218  14.814  1.00 44.35  ? 110 HIS A C   1 
ATOM   812  O O   . HIS A 1 110 ? -10.705 -7.581  15.004  1.00 41.08  ? 110 HIS A O   1 
ATOM   813  C CB  . HIS A 1 110 ? -11.872 -4.868  15.622  1.00 66.41  ? 110 HIS A CB  1 
ATOM   814  C CG  . HIS A 1 110 ? -12.236 -3.857  16.674  1.00 75.36  ? 110 HIS A CG  1 
ATOM   815  N ND1 . HIS A 1 110 ? -11.308 -2.995  17.226  1.00 73.42  ? 110 HIS A ND1 1 
ATOM   816  C CD2 . HIS A 1 110 ? -13.420 -3.571  17.272  1.00 81.39  ? 110 HIS A CD2 1 
ATOM   817  C CE1 . HIS A 1 110 ? -11.902 -2.225  18.119  1.00 78.41  ? 110 HIS A CE1 1 
ATOM   818  N NE2 . HIS A 1 110 ? -13.181 -2.559  18.172  1.00 85.35  ? 110 HIS A NE2 1 
ATOM   819  N N   . GLY A 1 111 ? -12.566 -7.661  13.791  1.00 37.79  ? 111 GLY A N   1 
ATOM   820  C CA  . GLY A 1 111 ? -11.953 -8.397  12.702  1.00 32.30  ? 111 GLY A CA  1 
ATOM   821  C C   . GLY A 1 111 ? -11.288 -7.430  11.762  1.00 29.38  ? 111 GLY A C   1 
ATOM   822  O O   . GLY A 1 111 ? -11.796 -6.337  11.549  1.00 27.75  ? 111 GLY A O   1 
ATOM   823  N N   . LYS A 1 112 ? -10.178 -7.864  11.166  1.00 30.68  ? 112 LYS A N   1 
ATOM   824  C CA  . LYS A 1 112 ? -9.255  -7.010  10.425  1.00 30.07  ? 112 LYS A CA  1 
ATOM   825  C C   . LYS A 1 112 ? -9.055  -7.451  9.014   1.00 28.01  ? 112 LYS A C   1 
ATOM   826  O O   . LYS A 1 112 ? -9.212  -8.618  8.720   1.00 23.58  ? 112 LYS A O   1 
ATOM   827  C CB  . LYS A 1 112 ? -7.877  -7.014  11.094  1.00 32.13  ? 112 LYS A CB  1 
ATOM   828  C CG  . LYS A 1 112 ? -7.857  -6.144  12.305  1.00 35.46  ? 112 LYS A CG  1 
ATOM   829  C CD  . LYS A 1 112 ? -6.549  -6.240  13.073  1.00 38.51  ? 112 LYS A CD  1 
ATOM   830  C CE  . LYS A 1 112 ? -6.872  -5.634  14.419  1.00 52.43  ? 112 LYS A CE  1 
ATOM   831  N NZ  . LYS A 1 112 ? -5.701  -5.438  15.306  1.00 65.06  ? 112 LYS A NZ  1 
ATOM   832  N N   . MET A 1 113 ? -8.749  -6.499  8.134   1.00 23.62  ? 113 MET A N   1 
ATOM   833  C CA  . MET A 1 113 ? -8.154  -6.878  6.869   1.00 27.43  ? 113 MET A CA  1 
ATOM   834  C C   . MET A 1 113 ? -6.611  -7.088  7.061   1.00 26.42  ? 113 MET A C   1 
ATOM   835  O O   . MET A 1 113 ? -5.833  -6.144  7.080   1.00 26.80  ? 113 MET A O   1 
ATOM   836  C CB  . MET A 1 113 ? -8.435  -5.852  5.781   1.00 25.05  ? 113 MET A CB  1 
ATOM   837  C CG  . MET A 1 113 ? -7.815  -6.226  4.446   1.00 25.64  ? 113 MET A CG  1 
ATOM   838  S SD  . MET A 1 113 ? -7.798  -4.824  3.337   1.00 31.68  ? 113 MET A SD  1 
ATOM   839  C CE  . MET A 1 113 ? -6.565  -3.766  4.050   1.00 30.77  ? 113 MET A CE  1 
ATOM   840  N N   . GLU A 1 114 ? -6.202  -8.345  7.088   1.00 24.40  ? 114 GLU A N   1 
ATOM   841  C CA  . GLU A 1 114 ? -4.801  -8.712  7.215   1.00 27.41  ? 114 GLU A CA  1 
ATOM   842  C C   . GLU A 1 114 ? -4.314  -9.104  5.817   1.00 28.82  ? 114 GLU A C   1 
ATOM   843  O O   . GLU A 1 114 ? -4.215  -10.264 5.477   1.00 35.15  ? 114 GLU A O   1 
ATOM   844  C CB  . GLU A 1 114 ? -4.674  -9.874  8.161   1.00 29.11  ? 114 GLU A CB  1 
ATOM   845  C CG  . GLU A 1 114 ? -5.188  -9.564  9.520   1.00 34.10  ? 114 GLU A CG  1 
ATOM   846  C CD  . GLU A 1 114 ? -4.198  -8.744  10.332  1.00 41.86  ? 114 GLU A CD  1 
ATOM   847  O OE1 . GLU A 1 114 ? -3.104  -8.396  9.845   1.00 53.39  ? 114 GLU A OE1 1 
ATOM   848  O OE2 . GLU A 1 114 ? -4.523  -8.449  11.471  1.00 39.68  ? 114 GLU A OE2 1 
ATOM   849  N N   . GLN A 1 115 ? -4.137  -8.116  4.980   1.00 32.65  ? 115 GLN A N   1 
ATOM   850  C CA  . GLN A 1 115 ? -3.697  -8.292  3.641   1.00 32.94  ? 115 GLN A CA  1 
ATOM   851  C C   . GLN A 1 115 ? -2.922  -7.036  3.400   1.00 29.10  ? 115 GLN A C   1 
ATOM   852  O O   . GLN A 1 115 ? -3.265  -5.945  3.907   1.00 31.39  ? 115 GLN A O   1 
ATOM   853  C CB  . GLN A 1 115 ? -4.831  -8.388  2.595   1.00 37.94  ? 115 GLN A CB  1 
ATOM   854  C CG  . GLN A 1 115 ? -5.841  -9.496  2.888   1.00 54.32  ? 115 GLN A CG  1 
ATOM   855  C CD  . GLN A 1 115 ? -6.409  -10.201 1.662   1.00 67.37  ? 115 GLN A CD  1 
ATOM   856  O OE1 . GLN A 1 115 ? -7.514  -10.822 1.709   1.00 58.15  ? 115 GLN A OE1 1 
ATOM   857  N NE2 . GLN A 1 115 ? -5.638  -10.144 0.548   1.00 76.85  ? 115 GLN A NE2 1 
ATOM   858  N N   . LYS A 1 116 ? -1.856  -7.185  2.656   1.00 26.76  ? 116 LYS A N   1 
ATOM   859  C CA  . LYS A 1 116 ? -1.174  -6.021  2.134   1.00 30.08  ? 116 LYS A CA  1 
ATOM   860  C C   . LYS A 1 116 ? -0.412  -6.319  0.882   1.00 24.51  ? 116 LYS A C   1 
ATOM   861  O O   . LYS A 1 116 ? 0.196   -7.376  0.755   1.00 29.06  ? 116 LYS A O   1 
ATOM   862  C CB  . LYS A 1 116 ? -0.239  -5.386  3.164   1.00 30.22  ? 116 LYS A CB  1 
ATOM   863  C CG  . LYS A 1 116 ? 0.579   -6.348  3.958   1.00 30.43  ? 116 LYS A CG  1 
ATOM   864  C CD  . LYS A 1 116 ? 1.162   -5.565  5.107   1.00 33.63  ? 116 LYS A CD  1 
ATOM   865  C CE  . LYS A 1 116 ? 2.050   -6.436  5.978   1.00 34.28  ? 116 LYS A CE  1 
ATOM   866  N NZ  . LYS A 1 116 ? 1.260   -7.078  6.997   1.00 30.25  ? 116 LYS A NZ  1 
ATOM   867  N N   . PHE A 1 117 ? -0.445  -5.357  -0.028  1.00 22.41  ? 117 PHE A N   1 
ATOM   868  C CA  . PHE A 1 117 ? 0.307   -5.440  -1.238  1.00 22.43  ? 117 PHE A CA  1 
ATOM   869  C C   . PHE A 1 117 ? 0.207   -4.134  -1.955  1.00 22.90  ? 117 PHE A C   1 
ATOM   870  O O   . PHE A 1 117 ? -0.684  -3.376  -1.667  1.00 25.14  ? 117 PHE A O   1 
ATOM   871  C CB  . PHE A 1 117 ? -0.085  -6.604  -2.127  1.00 22.95  ? 117 PHE A CB  1 
ATOM   872  C CG  . PHE A 1 117 ? -1.503  -6.603  -2.602  1.00 23.44  ? 117 PHE A CG  1 
ATOM   873  C CD1 . PHE A 1 117 ? -1.847  -5.940  -3.739  1.00 23.27  ? 117 PHE A CD1 1 
ATOM   874  C CD2 . PHE A 1 117 ? -2.448  -7.294  -1.917  1.00 21.95  ? 117 PHE A CD2 1 
ATOM   875  C CE1 . PHE A 1 117 ? -3.135  -5.954  -4.184  1.00 25.83  ? 117 PHE A CE1 1 
ATOM   876  C CE2 . PHE A 1 117 ? -3.761  -7.338  -2.350  1.00 24.40  ? 117 PHE A CE2 1 
ATOM   877  C CZ  . PHE A 1 117 ? -4.085  -6.676  -3.519  1.00 26.24  ? 117 PHE A CZ  1 
ATOM   878  N N   . LEU A 1 118 ? 1.177   -3.864  -2.817  1.00 22.13  ? 118 LEU A N   1 
ATOM   879  C CA  . LEU A 1 118 ? 1.264   -2.655  -3.649  1.00 22.54  ? 118 LEU A CA  1 
ATOM   880  C C   . LEU A 1 118 ? 1.257   -3.183  -5.077  1.00 23.53  ? 118 LEU A C   1 
ATOM   881  O O   . LEU A 1 118 ? 2.020   -4.104  -5.363  1.00 23.63  ? 118 LEU A O   1 
ATOM   882  C CB  . LEU A 1 118 ? 2.591   -1.999  -3.401  1.00 22.72  ? 118 LEU A CB  1 
ATOM   883  C CG  . LEU A 1 118 ? 2.992   -0.825  -4.307  1.00 23.93  ? 118 LEU A CG  1 
ATOM   884  C CD1 . LEU A 1 118 ? 1.942   0.291   -4.146  1.00 22.25  ? 118 LEU A CD1 1 
ATOM   885  C CD2 . LEU A 1 118 ? 4.401   -0.362  -3.995  1.00 25.33  ? 118 LEU A CD2 1 
ATOM   886  N N   . LEU A 1 119 ? 0.379   -2.649  -5.905  1.00 21.66  ? 119 LEU A N   1 
ATOM   887  C CA  . LEU A 1 119 ? 0.125   -3.130  -7.251  1.00 23.81  ? 119 LEU A CA  1 
ATOM   888  C C   . LEU A 1 119 ? 0.186   -1.901  -8.126  1.00 25.34  ? 119 LEU A C   1 
ATOM   889  O O   . LEU A 1 119 ? -0.645  -1.031  -7.991  1.00 27.99  ? 119 LEU A O   1 
ATOM   890  C CB  . LEU A 1 119 ? -1.255  -3.807  -7.325  1.00 26.00  ? 119 LEU A CB  1 
ATOM   891  C CG  . LEU A 1 119 ? -1.904  -4.003  -8.720  1.00 31.30  ? 119 LEU A CG  1 
ATOM   892  C CD1 . LEU A 1 119 ? -1.076  -4.793  -9.710  1.00 33.28  ? 119 LEU A CD1 1 
ATOM   893  C CD2 . LEU A 1 119 ? -3.234  -4.689  -8.532  1.00 34.41  ? 119 LEU A CD2 1 
ATOM   894  N N   . VAL A 1 120 ? 1.221   -1.803  -8.937  1.00 25.86  ? 120 VAL A N   1 
ATOM   895  C CA  . VAL A 1 120 ? 1.516   -0.624  -9.719  1.00 29.22  ? 120 VAL A CA  1 
ATOM   896  C C   . VAL A 1 120 ? 1.375   -0.927  -11.189 1.00 31.23  ? 120 VAL A C   1 
ATOM   897  O O   . VAL A 1 120 ? 2.002   -1.882  -11.714 1.00 30.29  ? 120 VAL A O   1 
ATOM   898  C CB  . VAL A 1 120 ? 2.922   -0.151  -9.443  1.00 29.36  ? 120 VAL A CB  1 
ATOM   899  C CG1 . VAL A 1 120 ? 3.277   1.027   -10.364 1.00 33.84  ? 120 VAL A CG1 1 
ATOM   900  C CG2 . VAL A 1 120 ? 3.065   0.306   -7.986  1.00 29.29  ? 120 VAL A CG2 1 
ATOM   901  N N   . ASP A 1 121 ? 0.541   -0.123  -11.851 1.00 33.15  ? 121 ASP A N   1 
ATOM   902  C CA  . ASP A 1 121 ? 0.328   -0.139  -13.338 1.00 32.99  ? 121 ASP A CA  1 
ATOM   903  C C   . ASP A 1 121 ? -0.103  -1.436  -13.927 1.00 34.68  ? 121 ASP A C   1 
ATOM   904  O O   . ASP A 1 121 ? 0.258   -1.703  -15.067 1.00 34.43  ? 121 ASP A O   1 
ATOM   905  C CB  . ASP A 1 121 ? 1.587   0.352   -14.116 1.00 32.35  ? 121 ASP A CB  1 
ATOM   906  C CG  . ASP A 1 121 ? 1.872   1.824   -13.889 1.00 33.00  ? 121 ASP A CG  1 
ATOM   907  O OD1 . ASP A 1 121 ? 0.914   2.537   -13.583 1.00 33.52  ? 121 ASP A OD1 1 
ATOM   908  O OD2 . ASP A 1 121 ? 3.040   2.283   -13.920 1.00 33.32  ? 121 ASP A OD2 1 
ATOM   909  N N   . CYS A 1 122 ? -0.811  -2.250  -13.139 1.00 36.67  ? 122 CYS A N   1 
ATOM   910  C CA  . CYS A 1 122 ? -1.157  -3.629  -13.449 1.00 37.65  ? 122 CYS A CA  1 
ATOM   911  C C   . CYS A 1 122 ? 0.000   -4.418  -13.973 1.00 33.55  ? 122 CYS A C   1 
ATOM   912  O O   . CYS A 1 122 ? -0.200  -5.304  -14.772 1.00 41.12  ? 122 CYS A O   1 
ATOM   913  C CB  . CYS A 1 122 ? -2.350  -3.727  -14.430 1.00 42.93  ? 122 CYS A CB  1 
ATOM   914  S SG  . CYS A 1 122 ? -3.759  -2.722  -13.934 1.00 58.66  ? 122 CYS A SG  1 
ATOM   915  N N   . GLN A 1 123 ? 1.209   -4.109  -13.506 1.00 32.56  ? 123 GLN A N   1 
ATOM   916  C CA  . GLN A 1 123 ? 2.433   -4.687  -14.031 1.00 32.90  ? 123 GLN A CA  1 
ATOM   917  C C   . GLN A 1 123 ? 3.309   -5.366  -12.947 1.00 32.64  ? 123 GLN A C   1 
ATOM   918  O O   . GLN A 1 123 ? 3.949   -6.390  -13.189 1.00 31.70  ? 123 GLN A O   1 
ATOM   919  C CB  . GLN A 1 123 ? 3.209   -3.579  -14.753 1.00 33.15  ? 123 GLN A CB  1 
ATOM   920  C CG  . GLN A 1 123 ? 4.590   -3.981  -15.188 1.00 39.38  ? 123 GLN A CG  1 
ATOM   921  C CD  . GLN A 1 123 ? 5.362   -2.846  -15.808 1.00 45.52  ? 123 GLN A CD  1 
ATOM   922  O OE1 . GLN A 1 123 ? 6.604   -2.852  -15.817 1.00 48.49  ? 123 GLN A OE1 1 
ATOM   923  N NE2 . GLN A 1 123 ? 4.649   -1.875  -16.332 1.00 36.74  ? 123 GLN A NE2 1 
ATOM   924  N N   . LYS A 1 124 ? 3.370   -4.773  -11.766 1.00 31.23  ? 124 LYS A N   1 
ATOM   925  C CA  . LYS A 1 124 ? 4.248   -5.247  -10.777 1.00 29.91  ? 124 LYS A CA  1 
ATOM   926  C C   . LYS A 1 124 ? 3.597   -5.171  -9.405  1.00 29.21  ? 124 LYS A C   1 
ATOM   927  O O   . LYS A 1 124 ? 3.011   -4.134  -9.039  1.00 29.46  ? 124 LYS A O   1 
ATOM   928  C CB  . LYS A 1 124 ? 5.480   -4.404  -10.843 1.00 29.84  ? 124 LYS A CB  1 
ATOM   929  C CG  . LYS A 1 124 ? 6.588   -4.983  -9.994  1.00 35.47  ? 124 LYS A CG  1 
ATOM   930  C CD  . LYS A 1 124 ? 7.789   -4.094  -10.029 1.00 38.26  ? 124 LYS A CD  1 
ATOM   931  C CE  . LYS A 1 124 ? 8.625   -4.428  -11.233 1.00 44.54  ? 124 LYS A CE  1 
ATOM   932  N NZ  . LYS A 1 124 ? 9.720   -3.432  -11.336 1.00 47.36  ? 124 LYS A NZ  1 
ATOM   933  N N   . VAL A 1 125 ? 3.777   -6.236  -8.618  1.00 25.01  ? 125 VAL A N   1 
ATOM   934  C CA  . VAL A 1 125 ? 3.261   -6.322  -7.284  1.00 22.74  ? 125 VAL A CA  1 
ATOM   935  C C   . VAL A 1 125 ? 4.368   -6.532  -6.278  1.00 21.75  ? 125 VAL A C   1 
ATOM   936  O O   . VAL A 1 125 ? 5.270   -7.360  -6.470  1.00 21.29  ? 125 VAL A O   1 
ATOM   937  C CB  . VAL A 1 125 ? 2.294   -7.535  -7.115  1.00 24.43  ? 125 VAL A CB  1 
ATOM   938  C CG1 . VAL A 1 125 ? 1.907   -7.765  -5.639  1.00 22.27  ? 125 VAL A CG1 1 
ATOM   939  C CG2 . VAL A 1 125 ? 1.018   -7.404  -7.925  1.00 24.80  ? 125 VAL A CG2 1 
ATOM   940  N N   . MET A 1 126 ? 4.270   -5.823  -5.158  1.00 19.80  ? 126 MET A N   1 
ATOM   941  C CA  . MET A 1 126 ? 5.058   -6.165  -3.968  1.00 21.54  ? 126 MET A CA  1 
ATOM   942  C C   . MET A 1 126 ? 4.124   -6.747  -2.918  1.00 20.41  ? 126 MET A C   1 
ATOM   943  O O   . MET A 1 126 ? 3.166   -6.100  -2.476  1.00 22.58  ? 126 MET A O   1 
ATOM   944  C CB  . MET A 1 126 ? 5.869   -4.968  -3.445  1.00 21.82  ? 126 MET A CB  1 
ATOM   945  C CG  . MET A 1 126 ? 6.673   -5.353  -2.206  1.00 21.63  ? 126 MET A CG  1 
ATOM   946  S SD  . MET A 1 126 ? 7.450   -4.042  -1.311  1.00 24.29  ? 126 MET A SD  1 
ATOM   947  C CE  . MET A 1 126 ? 8.658   -3.523  -2.556  1.00 23.24  ? 126 MET A CE  1 
ATOM   948  N N   . TYR A 1 127 ? 4.378   -7.987  -2.561  1.00 21.58  ? 127 TYR A N   1 
ATOM   949  C CA  . TYR A 1 127 ? 3.572   -8.724  -1.633  1.00 22.70  ? 127 TYR A CA  1 
ATOM   950  C C   . TYR A 1 127 ? 4.425   -9.328  -0.518  1.00 22.15  ? 127 TYR A C   1 
ATOM   951  O O   . TYR A 1 127 ? 5.307   -10.083 -0.786  1.00 22.22  ? 127 TYR A O   1 
ATOM   952  C CB  . TYR A 1 127 ? 2.846   -9.864  -2.370  1.00 24.64  ? 127 TYR A CB  1 
ATOM   953  C CG  . TYR A 1 127 ? 2.050   -10.753 -1.446  1.00 26.34  ? 127 TYR A CG  1 
ATOM   954  C CD1 . TYR A 1 127 ? 0.946   -10.264 -0.728  1.00 27.59  ? 127 TYR A CD1 1 
ATOM   955  C CD2 . TYR A 1 127 ? 2.395   -12.103 -1.275  1.00 28.69  ? 127 TYR A CD2 1 
ATOM   956  C CE1 . TYR A 1 127 ? 0.229   -11.076 0.128   1.00 25.71  ? 127 TYR A CE1 1 
ATOM   957  C CE2 . TYR A 1 127 ? 1.683   -12.923 -0.436  1.00 27.00  ? 127 TYR A CE2 1 
ATOM   958  C CZ  . TYR A 1 127 ? 0.591   -12.400 0.260   1.00 26.55  ? 127 TYR A CZ  1 
ATOM   959  O OH  . TYR A 1 127 ? -0.064  -13.229 1.124   1.00 26.34  ? 127 TYR A OH  1 
ATOM   960  N N   . GLY A 1 128 ? 4.056   -9.073  0.735   1.00 23.48  ? 128 GLY A N   1 
ATOM   961  C CA  . GLY A 1 128 ? 4.729   -9.659  1.833   1.00 23.58  ? 128 GLY A CA  1 
ATOM   962  C C   . GLY A 1 128 ? 4.360   -9.086  3.156   1.00 22.32  ? 128 GLY A C   1 
ATOM   963  O O   . GLY A 1 128 ? 3.230   -8.650  3.361   1.00 26.02  ? 128 GLY A O   1 
ATOM   964  N N   . SER A 1 129 ? 5.275   -9.188  4.106   1.00 23.79  ? 129 SER A N   1 
ATOM   965  C CA  . SER A 1 129 ? 4.956   -8.912  5.526   1.00 22.30  ? 129 SER A CA  1 
ATOM   966  C C   . SER A 1 129 ? 5.391   -7.474  5.950   1.00 24.08  ? 129 SER A C   1 
ATOM   967  O O   . SER A 1 129 ? 5.323   -7.117  7.116   1.00 26.47  ? 129 SER A O   1 
ATOM   968  C CB  . SER A 1 129 ? 5.620   -10.018 6.363   1.00 21.19  ? 129 SER A CB  1 
ATOM   969  O OG  . SER A 1 129 ? 7.008   -10.182 6.004   1.00 27.03  ? 129 SER A OG  1 
ATOM   970  N N   . TYR A 1 130 ? 5.846   -6.659  5.001   1.00 24.85  ? 130 TYR A N   1 
ATOM   971  C CA  . TYR A 1 130 ? 6.348   -5.298  5.292   1.00 25.34  ? 130 TYR A CA  1 
ATOM   972  C C   . TYR A 1 130 ? 5.119   -4.325  5.345   1.00 25.87  ? 130 TYR A C   1 
ATOM   973  O O   . TYR A 1 130 ? 4.419   -4.206  4.359   1.00 26.12  ? 130 TYR A O   1 
ATOM   974  C CB  . TYR A 1 130 ? 7.365   -4.881  4.199   1.00 23.76  ? 130 TYR A CB  1 
ATOM   975  C CG  . TYR A 1 130 ? 8.085   -3.595  4.484   1.00 24.12  ? 130 TYR A CG  1 
ATOM   976  C CD1 . TYR A 1 130 ? 7.477   -2.326  4.253   1.00 24.36  ? 130 TYR A CD1 1 
ATOM   977  C CD2 . TYR A 1 130 ? 9.346   -3.613  5.080   1.00 23.55  ? 130 TYR A CD2 1 
ATOM   978  C CE1 . TYR A 1 130 ? 8.133   -1.147  4.607   1.00 23.06  ? 130 TYR A CE1 1 
ATOM   979  C CE2 . TYR A 1 130 ? 10.014  -2.427  5.400   1.00 25.53  ? 130 TYR A CE2 1 
ATOM   980  C CZ  . TYR A 1 130 ? 9.428   -1.216  5.153   1.00 23.28  ? 130 TYR A CZ  1 
ATOM   981  O OH  . TYR A 1 130 ? 10.125  -0.113  5.543   1.00 24.89  ? 130 TYR A OH  1 
ATOM   982  N N   . SER A 1 131 ? 4.822   -3.721  6.509   1.00 22.39  ? 131 SER A N   1 
ATOM   983  C CA  . SER A 1 131 ? 3.803   -2.679  6.637   1.00 22.83  ? 131 SER A CA  1 
ATOM   984  C C   . SER A 1 131 ? 4.477   -1.327  6.585   1.00 23.66  ? 131 SER A C   1 
ATOM   985  O O   . SER A 1 131 ? 5.632   -1.210  6.933   1.00 21.88  ? 131 SER A O   1 
ATOM   986  C CB  . SER A 1 131 ? 3.027   -2.777  7.948   1.00 23.65  ? 131 SER A CB  1 
ATOM   987  O OG  . SER A 1 131 ? 2.323   -3.959  7.976   1.00 24.13  ? 131 SER A OG  1 
ATOM   988  N N   . TYR A 1 132 ? 3.740   -0.326  6.117   1.00 23.30  ? 132 TYR A N   1 
ATOM   989  C CA  . TYR A 1 132 ? 4.273   1.012   5.940   1.00 24.66  ? 132 TYR A CA  1 
ATOM   990  C C   . TYR A 1 132 ? 4.309   1.819   7.230   1.00 24.64  ? 132 TYR A C   1 
ATOM   991  O O   . TYR A 1 132 ? 3.536   2.756   7.418   1.00 23.79  ? 132 TYR A O   1 
ATOM   992  C CB  . TYR A 1 132 ? 3.509   1.750   4.879   1.00 22.05  ? 132 TYR A CB  1 
ATOM   993  C CG  . TYR A 1 132 ? 3.591   1.211   3.476   1.00 23.98  ? 132 TYR A CG  1 
ATOM   994  C CD1 . TYR A 1 132 ? 4.283   0.027   3.163   1.00 24.88  ? 132 TYR A CD1 1 
ATOM   995  C CD2 . TYR A 1 132 ? 2.871   1.813   2.469   1.00 22.80  ? 132 TYR A CD2 1 
ATOM   996  C CE1 . TYR A 1 132 ? 4.289   -0.475  1.885   1.00 23.50  ? 132 TYR A CE1 1 
ATOM   997  C CE2 . TYR A 1 132 ? 2.886   1.308   1.181   1.00 23.32  ? 132 TYR A CE2 1 
ATOM   998  C CZ  . TYR A 1 132 ? 3.583   0.166   0.902   1.00 24.55  ? 132 TYR A CZ  1 
ATOM   999  O OH  . TYR A 1 132 ? 3.593   -0.301  -0.373  1.00 25.63  ? 132 TYR A OH  1 
ATOM   1000 N N   . MET A 1 133 ? 5.246   1.437   8.093   1.00 24.85  ? 133 MET A N   1 
ATOM   1001 C CA  . MET A 1 133 ? 5.433   2.014   9.404   1.00 28.52  ? 133 MET A CA  1 
ATOM   1002 C C   . MET A 1 133 ? 6.930   2.033   9.703   1.00 28.63  ? 133 MET A C   1 
ATOM   1003 O O   . MET A 1 133 ? 7.662   1.164   9.266   1.00 24.26  ? 133 MET A O   1 
ATOM   1004 C CB  . MET A 1 133 ? 4.818   1.200   10.529  1.00 31.24  ? 133 MET A CB  1 
ATOM   1005 C CG  . MET A 1 133 ? 3.584   0.451   10.210  1.00 36.32  ? 133 MET A CG  1 
ATOM   1006 S SD  . MET A 1 133 ? 3.232   -0.720  11.517  1.00 41.07  ? 133 MET A SD  1 
ATOM   1007 C CE  . MET A 1 133 ? 3.225   0.337   12.953  1.00 32.96  ? 133 MET A CE  1 
ATOM   1008 N N   . TRP A 1 134 ? 7.327   2.978   10.536  1.00 29.80  ? 134 TRP A N   1 
ATOM   1009 C CA  . TRP A 1 134 ? 8.739   3.179   10.911  1.00 34.84  ? 134 TRP A CA  1 
ATOM   1010 C C   . TRP A 1 134 ? 9.349   1.856   11.486  1.00 29.72  ? 134 TRP A C   1 
ATOM   1011 O O   . TRP A 1 134 ? 10.514  1.552   11.262  1.00 28.71  ? 134 TRP A O   1 
ATOM   1012 C CB  . TRP A 1 134 ? 8.861   4.375   11.928  1.00 41.92  ? 134 TRP A CB  1 
ATOM   1013 C CG  . TRP A 1 134 ? 8.683   3.879   13.314  1.00 53.58  ? 134 TRP A CG  1 
ATOM   1014 C CD1 . TRP A 1 134 ? 7.498   3.546   13.950  1.00 60.35  ? 134 TRP A CD1 1 
ATOM   1015 C CD2 . TRP A 1 134 ? 9.748   3.490   14.204  1.00 63.92  ? 134 TRP A CD2 1 
ATOM   1016 N NE1 . TRP A 1 134 ? 7.784   2.994   15.198  1.00 69.98  ? 134 TRP A NE1 1 
ATOM   1017 C CE2 . TRP A 1 134 ? 9.148   2.950   15.378  1.00 65.72  ? 134 TRP A CE2 1 
ATOM   1018 C CE3 . TRP A 1 134 ? 11.149  3.572   14.129  1.00 66.07  ? 134 TRP A CE3 1 
ATOM   1019 C CZ2 . TRP A 1 134 ? 9.907   2.481   16.471  1.00 66.66  ? 134 TRP A CZ2 1 
ATOM   1020 C CZ3 . TRP A 1 134 ? 11.907  3.118   15.226  1.00 73.84  ? 134 TRP A CZ3 1 
ATOM   1021 C CH2 . TRP A 1 134 ? 11.277  2.576   16.379  1.00 68.00  ? 134 TRP A CH2 1 
ATOM   1022 N N   . SER A 1 135 ? 8.557   1.091   12.247  1.00 29.82  ? 135 SER A N   1 
ATOM   1023 C CA  . SER A 1 135 ? 9.040   -0.115  12.913  1.00 28.25  ? 135 SER A CA  1 
ATOM   1024 C C   . SER A 1 135 ? 9.554   -1.153  11.917  1.00 26.75  ? 135 SER A C   1 
ATOM   1025 O O   . SER A 1 135 ? 10.439  -1.966  12.241  1.00 26.31  ? 135 SER A O   1 
ATOM   1026 C CB  . SER A 1 135 ? 7.923   -0.695  13.765  1.00 29.24  ? 135 SER A CB  1 
ATOM   1027 O OG  . SER A 1 135 ? 6.751   -0.877  12.995  1.00 29.26  ? 135 SER A OG  1 
ATOM   1028 N N   . PHE A 1 136 ? 9.013   -1.132  10.696  1.00 27.82  ? 136 PHE A N   1 
ATOM   1029 C CA  . PHE A 1 136 ? 9.433   -2.063  9.638   1.00 27.39  ? 136 PHE A CA  1 
ATOM   1030 C C   . PHE A 1 136 ? 10.745  -1.649  8.990   1.00 27.74  ? 136 PHE A C   1 
ATOM   1031 O O   . PHE A 1 136 ? 11.451  -2.477  8.440   1.00 26.24  ? 136 PHE A O   1 
ATOM   1032 C CB  . PHE A 1 136 ? 8.310   -2.289  8.658   1.00 25.69  ? 136 PHE A CB  1 
ATOM   1033 C CG  . PHE A 1 136 ? 7.289   -3.254  9.186   1.00 23.28  ? 136 PHE A CG  1 
ATOM   1034 C CD1 . PHE A 1 136 ? 6.277   -2.810  10.015  1.00 24.17  ? 136 PHE A CD1 1 
ATOM   1035 C CD2 . PHE A 1 136 ? 7.393   -4.628  8.927   1.00 22.61  ? 136 PHE A CD2 1 
ATOM   1036 C CE1 . PHE A 1 136 ? 5.369   -3.686  10.542  1.00 22.39  ? 136 PHE A CE1 1 
ATOM   1037 C CE2 . PHE A 1 136 ? 6.448   -5.504  9.418   1.00 22.17  ? 136 PHE A CE2 1 
ATOM   1038 C CZ  . PHE A 1 136 ? 5.453   -5.043  10.225  1.00 21.43  ? 136 PHE A CZ  1 
ATOM   1039 N N   . GLU A 1 137 ? 11.114  -0.390  9.112   1.00 30.96  ? 137 GLU A N   1 
ATOM   1040 C CA  . GLU A 1 137 ? 12.465  0.038   8.713   1.00 34.75  ? 137 GLU A CA  1 
ATOM   1041 C C   . GLU A 1 137 ? 13.468  -0.214  9.874   1.00 32.68  ? 137 GLU A C   1 
ATOM   1042 O O   . GLU A 1 137 ? 14.581  -0.688  9.697   1.00 27.48  ? 137 GLU A O   1 
ATOM   1043 C CB  . GLU A 1 137 ? 12.429  1.521   8.361   1.00 39.97  ? 137 GLU A CB  1 
ATOM   1044 C CG  . GLU A 1 137 ? 13.168  1.867   7.103   1.00 46.75  ? 137 GLU A CG  1 
ATOM   1045 C CD  . GLU A 1 137 ? 13.831  3.216   7.263   1.00 52.09  ? 137 GLU A CD  1 
ATOM   1046 O OE1 . GLU A 1 137 ? 13.160  4.289   7.162   1.00 38.10  ? 137 GLU A OE1 1 
ATOM   1047 O OE2 . GLU A 1 137 ? 15.034  3.175   7.567   1.00 66.77  ? 137 GLU A OE2 1 
ATOM   1048 N N   . LYS A 1 138 ? 13.057  0.058   11.087  1.00 31.26  ? 138 LYS A N   1 
ATOM   1049 C CA  . LYS A 1 138 ? 14.020  0.116   12.169  1.00 34.71  ? 138 LYS A CA  1 
ATOM   1050 C C   . LYS A 1 138 ? 14.095  -1.124  13.000  1.00 30.91  ? 138 LYS A C   1 
ATOM   1051 O O   . LYS A 1 138 ? 15.064  -1.332  13.684  1.00 29.28  ? 138 LYS A O   1 
ATOM   1052 C CB  . LYS A 1 138 ? 13.658  1.272   13.108  1.00 39.03  ? 138 LYS A CB  1 
ATOM   1053 C CG  . LYS A 1 138 ? 13.741  2.673   12.517  1.00 47.26  ? 138 LYS A CG  1 
ATOM   1054 C CD  . LYS A 1 138 ? 14.917  2.904   11.596  1.00 51.91  ? 138 LYS A CD  1 
ATOM   1055 C CE  . LYS A 1 138 ? 15.042  4.384   11.241  1.00 63.19  ? 138 LYS A CE  1 
ATOM   1056 N NZ  . LYS A 1 138 ? 16.043  4.527   10.142  1.00 67.63  ? 138 LYS A NZ  1 
ATOM   1057 N N   . ALA A 1 139 ? 13.031  -1.899  13.064  1.00 27.55  ? 139 ALA A N   1 
ATOM   1058 C CA  . ALA A 1 139 ? 12.926  -2.860  14.149  1.00 27.11  ? 139 ALA A CA  1 
ATOM   1059 C C   . ALA A 1 139 ? 12.617  -4.282  13.739  1.00 27.65  ? 139 ALA A C   1 
ATOM   1060 O O   . ALA A 1 139 ? 13.121  -5.168  14.416  1.00 26.18  ? 139 ALA A O   1 
ATOM   1061 C CB  . ALA A 1 139 ? 11.932  -2.425  15.164  1.00 27.03  ? 139 ALA A CB  1 
ATOM   1062 N N   . HIS A 1 140 ? 11.777  -4.497  12.691  1.00 25.16  ? 140 HIS A N   1 
ATOM   1063 C CA  . HIS A 1 140 ? 11.202  -5.809  12.413  1.00 22.12  ? 140 HIS A CA  1 
ATOM   1064 C C   . HIS A 1 140 ? 11.967  -6.533  11.333  1.00 21.43  ? 140 HIS A C   1 
ATOM   1065 O O   . HIS A 1 140 ? 12.469  -5.944  10.390  1.00 21.88  ? 140 HIS A O   1 
ATOM   1066 C CB  . HIS A 1 140 ? 9.718   -5.671  12.009  1.00 23.91  ? 140 HIS A CB  1 
ATOM   1067 C CG  . HIS A 1 140 ? 8.839   -5.117  13.085  1.00 23.94  ? 140 HIS A CG  1 
ATOM   1068 N ND1 . HIS A 1 140 ? 9.020   -5.413  14.416  1.00 26.00  ? 140 HIS A ND1 1 
ATOM   1069 C CD2 . HIS A 1 140 ? 7.772   -4.293  13.029  1.00 27.66  ? 140 HIS A CD2 1 
ATOM   1070 C CE1 . HIS A 1 140 ? 8.096   -4.789  15.132  1.00 31.88  ? 140 HIS A CE1 1 
ATOM   1071 N NE2 . HIS A 1 140 ? 7.320   -4.106  14.311  1.00 26.24  ? 140 HIS A NE2 1 
ATOM   1072 N N   . LEU A 1 141 ? 11.977  -7.853  11.411  1.00 21.45  ? 141 LEU A N   1 
ATOM   1073 C CA  . LEU A 1 141 ? 12.437  -8.643  10.274  1.00 22.90  ? 141 LEU A CA  1 
ATOM   1074 C C   . LEU A 1 141 ? 11.255  -8.878  9.345   1.00 25.65  ? 141 LEU A C   1 
ATOM   1075 O O   . LEU A 1 141 ? 10.132  -9.181  9.814   1.00 23.45  ? 141 LEU A O   1 
ATOM   1076 C CB  . LEU A 1 141 ? 12.965  -9.963  10.732  1.00 25.60  ? 141 LEU A CB  1 
ATOM   1077 C CG  . LEU A 1 141 ? 14.047  -9.973  11.817  1.00 26.65  ? 141 LEU A CG  1 
ATOM   1078 C CD1 . LEU A 1 141 ? 14.278  -11.403 12.230  1.00 25.83  ? 141 LEU A CD1 1 
ATOM   1079 C CD2 . LEU A 1 141 ? 15.307  -9.380  11.276  1.00 30.80  ? 141 LEU A CD2 1 
ATOM   1080 N N   . SER A 1 142 ? 11.479  -8.758  8.036   1.00 25.10  ? 142 SER A N   1 
ATOM   1081 C CA  . SER A 1 142 ? 10.377  -9.034  7.085   1.00 23.16  ? 142 SER A CA  1 
ATOM   1082 C C   . SER A 1 142 ? 10.888  -9.471  5.748   1.00 21.41  ? 142 SER A C   1 
ATOM   1083 O O   . SER A 1 142 ? 12.087  -9.609  5.542   1.00 21.02  ? 142 SER A O   1 
ATOM   1084 C CB  . SER A 1 142 ? 9.438   -7.790  6.973   1.00 24.86  ? 142 SER A CB  1 
ATOM   1085 O OG  . SER A 1 142 ? 10.073  -6.698  6.294   1.00 22.67  ? 142 SER A OG  1 
ATOM   1086 N N   . MET A 1 143 ? 9.962   -9.776  4.861   1.00 21.41  ? 143 MET A N   1 
ATOM   1087 C CA  . MET A 1 143 ? 10.272  -10.247 3.551   1.00 23.59  ? 143 MET A CA  1 
ATOM   1088 C C   . MET A 1 143 ? 9.114   -9.868  2.628   1.00 23.40  ? 143 MET A C   1 
ATOM   1089 O O   . MET A 1 143 ? 7.935   -9.874  3.035   1.00 21.18  ? 143 MET A O   1 
ATOM   1090 C CB  . MET A 1 143 ? 10.430  -11.768 3.591   1.00 23.75  ? 143 MET A CB  1 
ATOM   1091 C CG  . MET A 1 143 ? 10.610  -12.397 2.207   1.00 28.73  ? 143 MET A CG  1 
ATOM   1092 S SD  . MET A 1 143 ? 10.663  -14.201 2.064   1.00 32.76  ? 143 MET A SD  1 
ATOM   1093 C CE  . MET A 1 143 ? 9.926   -14.699 3.643   1.00 35.24  ? 143 MET A CE  1 
ATOM   1094 N N   . VAL A 1 144 ? 9.460   -9.606  1.376   1.00 21.40  ? 144 VAL A N   1 
ATOM   1095 C CA  . VAL A 1 144 ? 8.464   -9.412  0.302   1.00 22.54  ? 144 VAL A CA  1 
ATOM   1096 C C   . VAL A 1 144 ? 8.905   -10.165 -0.945  1.00 23.37  ? 144 VAL A C   1 
ATOM   1097 O O   . VAL A 1 144 ? 10.094  -10.456 -1.159  1.00 26.11  ? 144 VAL A O   1 
ATOM   1098 C CB  . VAL A 1 144 ? 8.237   -7.902  -0.071  1.00 22.81  ? 144 VAL A CB  1 
ATOM   1099 C CG1 . VAL A 1 144 ? 7.657   -7.163  1.111   1.00 25.41  ? 144 VAL A CG1 1 
ATOM   1100 C CG2 . VAL A 1 144 ? 9.523   -7.243  -0.508  1.00 23.49  ? 144 VAL A CG2 1 
ATOM   1101 N N   . GLN A 1 145 ? 7.918   -10.397 -1.785  1.00 25.18  ? 145 GLN A N   1 
ATOM   1102 C CA  . GLN A 1 145 ? 8.088   -10.807 -3.151  1.00 23.87  ? 145 GLN A CA  1 
ATOM   1103 C C   . GLN A 1 145 ? 7.829   -9.651  -4.111  1.00 22.89  ? 145 GLN A C   1 
ATOM   1104 O O   . GLN A 1 145 ? 6.858   -8.893  -3.941  1.00 22.83  ? 145 GLN A O   1 
ATOM   1105 C CB  . GLN A 1 145 ? 7.074   -11.913 -3.440  1.00 24.17  ? 145 GLN A CB  1 
ATOM   1106 C CG  . GLN A 1 145 ? 7.010   -13.148 -2.545  1.00 23.54  ? 145 GLN A CG  1 
ATOM   1107 C CD  . GLN A 1 145 ? 5.848   -14.081 -2.975  1.00 24.67  ? 145 GLN A CD  1 
ATOM   1108 O OE1 . GLN A 1 145 ? 4.915   -13.625 -3.632  1.00 29.34  ? 145 GLN A OE1 1 
ATOM   1109 N NE2 . GLN A 1 145 ? 5.892   -15.366 -2.607  1.00 27.69  ? 145 GLN A NE2 1 
ATOM   1110 N N   . ILE A 1 146 ? 8.708   -9.471  -5.105  1.00 22.31  ? 146 ILE A N   1 
ATOM   1111 C CA  . ILE A 1 146 ? 8.392   -8.683  -6.274  1.00 22.70  ? 146 ILE A CA  1 
ATOM   1112 C C   . ILE A 1 146 ? 7.893   -9.672  -7.343  1.00 21.18  ? 146 ILE A C   1 
ATOM   1113 O O   . ILE A 1 146 ? 8.623   -10.542 -7.798  1.00 19.75  ? 146 ILE A O   1 
ATOM   1114 C CB  . ILE A 1 146 ? 9.589   -7.912  -6.788  1.00 24.92  ? 146 ILE A CB  1 
ATOM   1115 C CG1 . ILE A 1 146 ? 10.298  -7.136  -5.685  1.00 25.50  ? 146 ILE A CG1 1 
ATOM   1116 C CG2 . ILE A 1 146 ? 9.172   -7.007  -7.965  1.00 24.01  ? 146 ILE A CG2 1 
ATOM   1117 C CD1 . ILE A 1 146 ? 9.432   -6.029  -5.108  1.00 28.13  ? 146 ILE A CD1 1 
ATOM   1118 N N   . ILE A 1 147 ? 6.641   -9.500  -7.728  1.00 21.81  ? 147 ILE A N   1 
ATOM   1119 C CA  . ILE A 1 147 ? 5.909   -10.327 -8.687  1.00 23.97  ? 147 ILE A CA  1 
ATOM   1120 C C   . ILE A 1 147 ? 5.631   -9.558  -9.998  1.00 25.12  ? 147 ILE A C   1 
ATOM   1121 O O   . ILE A 1 147 ? 5.126   -8.444  -9.972  1.00 25.42  ? 147 ILE A O   1 
ATOM   1122 C CB  . ILE A 1 147 ? 4.580   -10.718 -8.065  1.00 22.25  ? 147 ILE A CB  1 
ATOM   1123 C CG1 . ILE A 1 147 ? 4.828   -11.194 -6.659  1.00 22.51  ? 147 ILE A CG1 1 
ATOM   1124 C CG2 . ILE A 1 147 ? 3.797   -11.739 -8.862  1.00 22.47  ? 147 ILE A CG2 1 
ATOM   1125 C CD1 . ILE A 1 147 ? 3.604   -11.686 -5.957  1.00 23.86  ? 147 ILE A CD1 1 
ATOM   1126 N N   . THR A 1 148 ? 5.911   -10.196 -11.133 1.00 27.01  ? 148 THR A N   1 
ATOM   1127 C CA  . THR A 1 148 ? 5.477   -9.722  -12.462 1.00 26.88  ? 148 THR A CA  1 
ATOM   1128 C C   . THR A 1 148 ? 4.978   -10.915 -13.235 1.00 26.51  ? 148 THR A C   1 
ATOM   1129 O O   . THR A 1 148 ? 5.193   -12.067 -12.848 1.00 26.31  ? 148 THR A O   1 
ATOM   1130 C CB  . THR A 1 148 ? 6.625   -9.076  -13.242 1.00 27.55  ? 148 THR A CB  1 
ATOM   1131 O OG1 . THR A 1 148 ? 7.692   -10.024 -13.329 1.00 28.47  ? 148 THR A OG1 1 
ATOM   1132 C CG2 . THR A 1 148 ? 7.120   -7.890  -12.544 1.00 27.79  ? 148 THR A CG2 1 
ATOM   1133 N N   . GLY A 1 149 ? 4.281   -10.648 -14.318 1.00 25.19  ? 149 GLY A N   1 
ATOM   1134 C CA  . GLY A 1 149 ? 3.686   -11.683 -15.123 1.00 27.82  ? 149 GLY A CA  1 
ATOM   1135 C C   . GLY A 1 149 ? 2.296   -11.999 -14.740 1.00 25.99  ? 149 GLY A C   1 
ATOM   1136 O O   . GLY A 1 149 ? 1.616   -11.187 -14.194 1.00 25.17  ? 149 GLY A O   1 
ATOM   1137 N N   . GLN A 1 150 ? 1.889   -13.217 -15.001 1.00 28.41  ? 150 GLN A N   1 
ATOM   1138 C CA  . GLN A 1 150 ? 0.501   -13.585 -14.956 1.00 31.11  ? 150 GLN A CA  1 
ATOM   1139 C C   . GLN A 1 150 ? -0.148  -13.466 -13.592 1.00 28.53  ? 150 GLN A C   1 
ATOM   1140 O O   . GLN A 1 150 ? -1.368  -13.164 -13.509 1.00 27.38  ? 150 GLN A O   1 
ATOM   1141 C CB  . GLN A 1 150 ? 0.328   -15.038 -15.390 1.00 39.05  ? 150 GLN A CB  1 
ATOM   1142 C CG  . GLN A 1 150 ? -1.132  -15.473 -15.494 1.00 48.25  ? 150 GLN A CG  1 
ATOM   1143 C CD  . GLN A 1 150 ? -1.295  -16.813 -16.186 1.00 67.85  ? 150 GLN A CD  1 
ATOM   1144 O OE1 . GLN A 1 150 ? -0.338  -17.390 -16.745 1.00 79.61  ? 150 GLN A OE1 1 
ATOM   1145 N NE2 . GLN A 1 150 ? -2.524  -17.328 -16.159 1.00 70.94  ? 150 GLN A NE2 1 
ATOM   1146 N N   . LEU A 1 151 ? 0.602   -13.756 -12.519 1.00 25.98  ? 151 LEU A N   1 
ATOM   1147 C CA  . LEU A 1 151 ? -0.023  -13.746 -11.195 1.00 25.62  ? 151 LEU A CA  1 
ATOM   1148 C C   . LEU A 1 151 ? -0.473  -12.329 -10.783 1.00 25.36  ? 151 LEU A C   1 
ATOM   1149 O O   . LEU A 1 151 ? -1.359  -12.184 -9.924  1.00 27.02  ? 151 LEU A O   1 
ATOM   1150 C CB  . LEU A 1 151 ? 0.939   -14.308 -10.165 1.00 29.79  ? 151 LEU A CB  1 
ATOM   1151 C CG  . LEU A 1 151 ? 0.392   -14.435 -8.735  1.00 29.19  ? 151 LEU A CG  1 
ATOM   1152 C CD1 . LEU A 1 151 ? -0.760  -15.408 -8.724  1.00 34.42  ? 151 LEU A CD1 1 
ATOM   1153 C CD2 . LEU A 1 151 ? 1.504   -14.843 -7.768  1.00 30.31  ? 151 LEU A CD2 1 
ATOM   1154 N N   . VAL A 1 152 ? 0.112   -11.284 -11.384 1.00 23.44  ? 152 VAL A N   1 
ATOM   1155 C CA  . VAL A 1 152 ? -0.289  -9.944  -11.140 1.00 24.02  ? 152 VAL A CA  1 
ATOM   1156 C C   . VAL A 1 152 ? -1.787  -9.775  -11.429 1.00 26.12  ? 152 VAL A C   1 
ATOM   1157 O O   . VAL A 1 152 ? -2.450  -9.005  -10.747 1.00 27.13  ? 152 VAL A O   1 
ATOM   1158 C CB  . VAL A 1 152 ? 0.497   -8.941  -11.989 1.00 23.94  ? 152 VAL A CB  1 
ATOM   1159 C CG1 . VAL A 1 152 ? -0.076  -7.546  -11.816 1.00 25.61  ? 152 VAL A CG1 1 
ATOM   1160 C CG2 . VAL A 1 152 ? 1.972   -8.897  -11.569 1.00 25.78  ? 152 VAL A CG2 1 
ATOM   1161 N N   . GLU A 1 153 ? -2.327  -10.486 -12.401 1.00 25.73  ? 153 GLU A N   1 
ATOM   1162 C CA  . GLU A 1 153 ? -3.776  -10.368 -12.685 1.00 29.77  ? 153 GLU A CA  1 
ATOM   1163 C C   . GLU A 1 153 ? -4.566  -10.852 -11.525 1.00 27.05  ? 153 GLU A C   1 
ATOM   1164 O O   . GLU A 1 153 ? -5.685  -10.361 -11.307 1.00 28.41  ? 153 GLU A O   1 
ATOM   1165 C CB  . GLU A 1 153 ? -4.276  -11.163 -13.904 1.00 32.39  ? 153 GLU A CB  1 
ATOM   1166 C CG  . GLU A 1 153 ? -3.510  -10.968 -15.213 1.00 38.60  ? 153 GLU A CG  1 
ATOM   1167 C CD  . GLU A 1 153 ? -3.940  -11.998 -16.296 1.00 49.05  ? 153 GLU A CD  1 
ATOM   1168 O OE1 . GLU A 1 153 ? -5.120  -12.428 -16.300 1.00 50.73  ? 153 GLU A OE1 1 
ATOM   1169 O OE2 . GLU A 1 153 ? -3.104  -12.399 -17.139 1.00 61.66  ? 153 GLU A OE2 1 
ATOM   1170 N N   . SER A 1 154 ? -4.081  -11.860 -10.801 1.00 25.18  ? 154 SER A N   1 
ATOM   1171 C CA  . SER A 1 154 ? -4.818  -12.298 -9.572  1.00 26.31  ? 154 SER A CA  1 
ATOM   1172 C C   . SER A 1 154 ? -4.825  -11.251 -8.426  1.00 25.90  ? 154 SER A C   1 
ATOM   1173 O O   . SER A 1 154 ? -5.769  -11.210 -7.623  1.00 25.93  ? 154 SER A O   1 
ATOM   1174 C CB  . SER A 1 154 ? -4.282  -13.612 -9.050  1.00 29.25  ? 154 SER A CB  1 
ATOM   1175 O OG  . SER A 1 154 ? -4.339  -14.596 -10.051 1.00 29.65  ? 154 SER A OG  1 
ATOM   1176 N N   . PHE A 1 155 ? -3.767  -10.448 -8.334  1.00 23.45  ? 155 PHE A N   1 
ATOM   1177 C CA  . PHE A 1 155 ? -3.717  -9.357  -7.386  1.00 25.09  ? 155 PHE A CA  1 
ATOM   1178 C C   . PHE A 1 155 ? -4.650  -8.218  -7.797  1.00 26.01  ? 155 PHE A C   1 
ATOM   1179 O O   . PHE A 1 155 ? -5.296  -7.589  -6.961  1.00 25.60  ? 155 PHE A O   1 
ATOM   1180 C CB  . PHE A 1 155 ? -2.270  -8.865  -7.176  1.00 26.14  ? 155 PHE A CB  1 
ATOM   1181 C CG  . PHE A 1 155 ? -1.488  -9.761  -6.275  1.00 28.24  ? 155 PHE A CG  1 
ATOM   1182 C CD1 . PHE A 1 155 ? -1.520  -9.559  -4.888  1.00 28.22  ? 155 PHE A CD1 1 
ATOM   1183 C CD2 . PHE A 1 155 ? -0.796  -10.857 -6.783  1.00 28.96  ? 155 PHE A CD2 1 
ATOM   1184 C CE1 . PHE A 1 155 ? -0.835  -10.420 -4.044  1.00 29.92  ? 155 PHE A CE1 1 
ATOM   1185 C CE2 . PHE A 1 155 ? -0.117  -11.718 -5.938  1.00 29.86  ? 155 PHE A CE2 1 
ATOM   1186 C CZ  . PHE A 1 155 ? -0.154  -11.498 -4.568  1.00 28.14  ? 155 PHE A CZ  1 
ATOM   1187 N N   . ASP A 1 156 ? -4.692  -7.931  -9.076  1.00 25.98  ? 156 ASP A N   1 
ATOM   1188 C CA  . ASP A 1 156 ? -5.695  -7.049  -9.631  1.00 28.23  ? 156 ASP A CA  1 
ATOM   1189 C C   . ASP A 1 156 ? -7.128  -7.488  -9.277  1.00 27.30  ? 156 ASP A C   1 
ATOM   1190 O O   . ASP A 1 156 ? -7.873  -6.734  -8.656  1.00 26.23  ? 156 ASP A O   1 
ATOM   1191 C CB  . ASP A 1 156 ? -5.542  -6.905  -11.126 1.00 31.36  ? 156 ASP A CB  1 
ATOM   1192 C CG  . ASP A 1 156 ? -6.403  -5.761  -11.665 1.00 37.33  ? 156 ASP A CG  1 
ATOM   1193 O OD1 . ASP A 1 156 ? -6.029  -4.603  -11.476 1.00 52.83  ? 156 ASP A OD1 1 
ATOM   1194 O OD2 . ASP A 1 156 ? -7.481  -6.013  -12.187 1.00 47.92  ? 156 ASP A OD2 1 
ATOM   1195 N N   . GLU A 1 157 ? -7.477  -8.732  -9.541  1.00 27.04  ? 157 GLU A N   1 
ATOM   1196 C CA  . GLU A 1 157 ? -8.758  -9.243  -9.115  1.00 29.63  ? 157 GLU A CA  1 
ATOM   1197 C C   . GLU A 1 157 ? -8.999  -9.165  -7.566  1.00 27.45  ? 157 GLU A C   1 
ATOM   1198 O O   . GLU A 1 157 ? -10.109 -8.814  -7.134  1.00 27.50  ? 157 GLU A O   1 
ATOM   1199 C CB  . GLU A 1 157 ? -9.012  -10.701 -9.673  1.00 34.65  ? 157 GLU A CB  1 
ATOM   1200 C CG  . GLU A 1 157 ? -10.314 -11.310 -9.109  1.00 42.54  ? 157 GLU A CG  1 
ATOM   1201 C CD  . GLU A 1 157 ? -10.892 -12.487 -9.903  1.00 52.02  ? 157 GLU A CD  1 
ATOM   1202 O OE1 . GLU A 1 157 ? -11.965 -12.340 -10.538 1.00 67.50  ? 157 GLU A OE1 1 
ATOM   1203 O OE2 . GLU A 1 157 ? -10.288 -13.568 -9.875  1.00 50.68  ? 157 GLU A OE2 1 
ATOM   1204 N N   . GLU A 1 158 ? -8.000  -9.483  -6.741  1.00 28.73  ? 158 GLU A N   1 
ATOM   1205 C CA  . GLU A 1 158 ? -8.136  -9.403  -5.285  1.00 27.17  ? 158 GLU A CA  1 
ATOM   1206 C C   . GLU A 1 158 ? -8.377  -7.953  -4.797  1.00 24.45  ? 158 GLU A C   1 
ATOM   1207 O O   . GLU A 1 158 ? -9.195  -7.706  -3.897  1.00 24.04  ? 158 GLU A O   1 
ATOM   1208 C CB  . GLU A 1 158 ? -6.925  -9.974  -4.594  1.00 32.75  ? 158 GLU A CB  1 
ATOM   1209 C CG  . GLU A 1 158 ? -6.813  -9.709  -3.096  1.00 33.71  ? 158 GLU A CG  1 
ATOM   1210 C CD  . GLU A 1 158 ? -7.883  -10.373 -2.231  1.00 37.83  ? 158 GLU A CD  1 
ATOM   1211 O OE1 . GLU A 1 158 ? -8.902  -10.864 -2.726  1.00 39.96  ? 158 GLU A OE1 1 
ATOM   1212 O OE2 . GLU A 1 158 ? -7.663  -10.431 -1.000  1.00 40.39  ? 158 GLU A OE2 1 
ATOM   1213 N N   . PHE A 1 159 ? -7.667  -7.022  -5.405  1.00 23.84  ? 159 PHE A N   1 
ATOM   1214 C CA  . PHE A 1 159 ? -7.819  -5.595  -5.127  1.00 25.81  ? 159 PHE A CA  1 
ATOM   1215 C C   . PHE A 1 159 ? -9.245  -5.158  -5.395  1.00 26.01  ? 159 PHE A C   1 
ATOM   1216 O O   . PHE A 1 159 ? -9.837  -4.494  -4.595  1.00 29.52  ? 159 PHE A O   1 
ATOM   1217 C CB  . PHE A 1 159 ? -6.870  -4.732  -5.964  1.00 25.15  ? 159 PHE A CB  1 
ATOM   1218 C CG  . PHE A 1 159 ? -6.928  -3.325  -5.573  1.00 25.51  ? 159 PHE A CG  1 
ATOM   1219 C CD1 . PHE A 1 159 ? -6.321  -2.919  -4.408  1.00 25.49  ? 159 PHE A CD1 1 
ATOM   1220 C CD2 . PHE A 1 159 ? -7.683  -2.425  -6.287  1.00 29.34  ? 159 PHE A CD2 1 
ATOM   1221 C CE1 . PHE A 1 159 ? -6.423  -1.604  -3.949  1.00 29.73  ? 159 PHE A CE1 1 
ATOM   1222 C CE2 . PHE A 1 159 ? -7.799  -1.100  -5.849  1.00 28.42  ? 159 PHE A CE2 1 
ATOM   1223 C CZ  . PHE A 1 159 ? -7.162  -0.700  -4.680  1.00 27.49  ? 159 PHE A CZ  1 
ATOM   1224 N N   . ARG A 1 160 ? -9.791  -5.549  -6.534  1.00 27.94  ? 160 ARG A N   1 
ATOM   1225 C CA  . ARG A 1 160 ? -11.168 -5.243  -6.874  1.00 26.41  ? 160 ARG A CA  1 
ATOM   1226 C C   . ARG A 1 160 ? -12.185 -5.920  -5.961  1.00 25.49  ? 160 ARG A C   1 
ATOM   1227 O O   . ARG A 1 160 ? -13.198 -5.346  -5.605  1.00 27.31  ? 160 ARG A O   1 
ATOM   1228 C CB  . ARG A 1 160 ? -11.413 -5.607  -8.321  1.00 28.23  ? 160 ARG A CB  1 
ATOM   1229 C CG  . ARG A 1 160 ? -10.699 -4.715  -9.314  1.00 32.51  ? 160 ARG A CG  1 
ATOM   1230 C CD  . ARG A 1 160 ? -10.882 -5.306  -10.713 1.00 37.11  ? 160 ARG A CD  1 
ATOM   1231 N NE  . ARG A 1 160 ? -9.905  -4.746  -11.609 1.00 43.23  ? 160 ARG A NE  1 
ATOM   1232 C CZ  . ARG A 1 160 ? -10.067 -3.679  -12.398 1.00 50.92  ? 160 ARG A CZ  1 
ATOM   1233 N NH1 . ARG A 1 160 ? -9.031  -3.300  -13.133 1.00 55.95  ? 160 ARG A NH1 1 
ATOM   1234 N NH2 . ARG A 1 160 ? -11.212 -2.980  -12.473 1.00 55.37  ? 160 ARG A NH2 1 
ATOM   1235 N N   . THR A 1 161 ? -11.926 -7.150  -5.579  1.00 24.54  ? 161 THR A N   1 
ATOM   1236 C CA  . THR A 1 161 ? -12.776 -7.832  -4.648  1.00 25.84  ? 161 THR A CA  1 
ATOM   1237 C C   . THR A 1 161 ? -12.782 -7.099  -3.290  1.00 26.75  ? 161 THR A C   1 
ATOM   1238 O O   . THR A 1 161 ? -13.835 -6.856  -2.668  1.00 26.07  ? 161 THR A O   1 
ATOM   1239 C CB  . THR A 1 161 ? -12.316 -9.275  -4.492  1.00 28.03  ? 161 THR A CB  1 
ATOM   1240 O OG1 . THR A 1 161 ? -12.348 -9.897  -5.756  1.00 27.07  ? 161 THR A OG1 1 
ATOM   1241 C CG2 . THR A 1 161 ? -13.197 -10.021 -3.568  1.00 28.70  ? 161 THR A CG2 1 
ATOM   1242 N N   . LEU A 1 162 ? -11.604 -6.728  -2.804  1.00 25.29  ? 162 LEU A N   1 
ATOM   1243 C CA  . LEU A 1 162 ? -11.529 -5.982  -1.516  1.00 24.29  ? 162 LEU A CA  1 
ATOM   1244 C C   . LEU A 1 162 ? -12.208 -4.624  -1.636  1.00 22.40  ? 162 LEU A C   1 
ATOM   1245 O O   . LEU A 1 162 ? -12.922 -4.198  -0.711  1.00 21.81  ? 162 LEU A O   1 
ATOM   1246 C CB  . LEU A 1 162 ? -10.060 -5.789  -1.090  1.00 24.03  ? 162 LEU A CB  1 
ATOM   1247 C CG  . LEU A 1 162 ? -9.406  -7.077  -0.598  1.00 23.93  ? 162 LEU A CG  1 
ATOM   1248 C CD1 . LEU A 1 162 ? -7.942  -6.817  -0.531  1.00 23.74  ? 162 LEU A CD1 1 
ATOM   1249 C CD2 . LEU A 1 162 ? -9.908  -7.641  0.767   1.00 24.63  ? 162 LEU A CD2 1 
ATOM   1250 N N   . TYR A 1 163 ? -12.007 -3.925  -2.752  0.52 21.21  ? 163 TYR A N   1 
ATOM   1251 C CA  . TYR A 1 163 ? -12.665 -2.635  -2.941  0.52 24.66  ? 163 TYR A CA  1 
ATOM   1252 C C   . TYR A 1 163 ? -14.203 -2.788  -2.810  0.52 27.02  ? 163 TYR A C   1 
ATOM   1253 O O   . TYR A 1 163 ? -14.868 -1.987  -2.106  0.52 25.04  ? 163 TYR A O   1 
ATOM   1254 C CB  . TYR A 1 163 ? -12.348 -1.955  -4.293  0.52 25.54  ? 163 TYR A CB  1 
ATOM   1255 C CG  . TYR A 1 163 ? -13.406 -0.881  -4.649  0.52 28.71  ? 163 TYR A CG  1 
ATOM   1256 C CD1 . TYR A 1 163 ? -14.343 -1.087  -5.669  0.52 29.97  ? 163 TYR A CD1 1 
ATOM   1257 C CD2 . TYR A 1 163 ? -13.498 0.336   -3.911  0.52 31.64  ? 163 TYR A CD2 1 
ATOM   1258 C CE1 . TYR A 1 163 ? -15.332 -0.113  -5.961  0.52 33.57  ? 163 TYR A CE1 1 
ATOM   1259 C CE2 . TYR A 1 163 ? -14.468 1.310   -4.211  0.52 31.83  ? 163 TYR A CE2 1 
ATOM   1260 C CZ  . TYR A 1 163 ? -15.393 1.093   -5.226  0.52 35.79  ? 163 TYR A CZ  1 
ATOM   1261 O OH  . TYR A 1 163 ? -16.374 2.072   -5.488  0.52 35.98  ? 163 TYR A OH  1 
ATOM   1262 N N   . ALA A 1 164 ? -14.738 -3.826  -3.461  1.00 26.88  ? 164 ALA A N   1 
ATOM   1263 C CA  . ALA A 1 164 ? -16.180 -4.097  -3.426  1.00 26.62  ? 164 ALA A CA  1 
ATOM   1264 C C   . ALA A 1 164 ? -16.751 -4.336  -2.057  1.00 28.35  ? 164 ALA A C   1 
ATOM   1265 O O   . ALA A 1 164 ? -17.930 -3.975  -1.810  1.00 34.38  ? 164 ALA A O   1 
ATOM   1266 C CB  . ALA A 1 164 ? -16.530 -5.241  -4.341  1.00 27.10  ? 164 ALA A CB  1 
ATOM   1267 N N   . ARG A 1 165 ? -15.924 -4.822  -1.136  1.00 27.23  ? 165 ARG A N   1 
ATOM   1268 C CA  . ARG A 1 165 ? -16.282 -4.909  0.268   1.00 24.31  ? 165 ARG A CA  1 
ATOM   1269 C C   . ARG A 1 165 ? -15.778 -3.790  1.240   1.00 26.50  ? 165 ARG A C   1 
ATOM   1270 O O   . ARG A 1 165 ? -15.809 -3.948  2.460   1.00 26.00  ? 165 ARG A O   1 
ATOM   1271 C CB  . ARG A 1 165 ? -16.000 -6.305  0.775   1.00 27.31  ? 165 ARG A CB  1 
ATOM   1272 C CG  . ARG A 1 165 ? -14.583 -6.746  0.807   1.00 29.88  ? 165 ARG A CG  1 
ATOM   1273 C CD  . ARG A 1 165 ? -14.348 -7.540  2.070   1.00 31.91  ? 165 ARG A CD  1 
ATOM   1274 N NE  . ARG A 1 165 ? -14.920 -8.809  1.974   1.00 30.31  ? 165 ARG A NE  1 
ATOM   1275 C CZ  . ARG A 1 165 ? -15.573 -9.494  2.917   1.00 30.14  ? 165 ARG A CZ  1 
ATOM   1276 N NH1 . ARG A 1 165 ? -15.842 -9.076  4.123   1.00 29.00  ? 165 ARG A NH1 1 
ATOM   1277 N NH2 . ARG A 1 165 ? -15.950 -10.695 2.590   1.00 32.50  ? 165 ARG A NH2 1 
ATOM   1278 N N   . SER A 1 166 ? -15.418 -2.634  0.696   1.00 22.77  ? 166 SER A N   1 
ATOM   1279 C CA  . SER A 1 166 ? -14.854 -1.552  1.460   1.00 25.30  ? 166 SER A CA  1 
ATOM   1280 C C   . SER A 1 166 ? -15.941 -0.486  1.695   1.00 28.34  ? 166 SER A C   1 
ATOM   1281 O O   . SER A 1 166 ? -16.943 -0.453  0.976   1.00 25.37  ? 166 SER A O   1 
ATOM   1282 C CB  . SER A 1 166 ? -13.681 -0.909  0.685   1.00 26.21  ? 166 SER A CB  1 
ATOM   1283 O OG  . SER A 1 166 ? -14.093 -0.269  -0.455  1.00 23.74  ? 166 SER A OG  1 
ATOM   1284 N N   . CYS A 1 167 ? -15.675 0.413   2.636   1.00 28.24  ? 167 CYS A N   1 
ATOM   1285 C CA  . CYS A 1 167 ? -16.607 1.438   3.074   1.00 27.36  ? 167 CYS A CA  1 
ATOM   1286 C C   . CYS A 1 167 ? -15.907 2.778   3.004   1.00 28.21  ? 167 CYS A C   1 
ATOM   1287 O O   . CYS A 1 167 ? -14.693 2.863   3.122   1.00 24.94  ? 167 CYS A O   1 
ATOM   1288 C CB  . CYS A 1 167 ? -17.067 1.185   4.537   1.00 25.13  ? 167 CYS A CB  1 
ATOM   1289 S SG  . CYS A 1 167 ? -17.805 -0.472  4.817   1.00 29.13  ? 167 CYS A SG  1 
ATOM   1290 N N   . VAL A 1 168 ? -16.706 3.828   2.914   1.00 29.82  ? 168 VAL A N   1 
ATOM   1291 C CA  . VAL A 1 168 ? -16.207 5.194   2.948   1.00 33.53  ? 168 VAL A CA  1 
ATOM   1292 C C   . VAL A 1 168 ? -15.816 5.412   4.367   1.00 34.64  ? 168 VAL A C   1 
ATOM   1293 O O   . VAL A 1 168 ? -16.563 5.042   5.258   1.00 37.93  ? 168 VAL A O   1 
ATOM   1294 C CB  . VAL A 1 168 ? -17.245 6.201   2.449   1.00 36.45  ? 168 VAL A CB  1 
ATOM   1295 C CG1 . VAL A 1 168 ? -16.789 7.649   2.682   1.00 39.20  ? 168 VAL A CG1 1 
ATOM   1296 C CG2 . VAL A 1 168 ? -17.465 5.979   0.962   1.00 34.80  ? 168 VAL A CG2 1 
ATOM   1297 N N   . PRO A 1 169 ? -14.608 5.940   4.604   1.00 34.85  ? 169 PRO A N   1 
ATOM   1298 C CA  . PRO A 1 169 ? -14.271 6.048   6.029   1.00 38.31  ? 169 PRO A CA  1 
ATOM   1299 C C   . PRO A 1 169 ? -15.187 7.083   6.740   1.00 41.21  ? 169 PRO A C   1 
ATOM   1300 O O   . PRO A 1 169 ? -15.551 8.105   6.145   1.00 41.62  ? 169 PRO A O   1 
ATOM   1301 C CB  . PRO A 1 169 ? -12.780 6.461   6.036   1.00 36.71  ? 169 PRO A CB  1 
ATOM   1302 C CG  . PRO A 1 169 ? -12.361 6.608   4.601   1.00 35.55  ? 169 PRO A CG  1 
ATOM   1303 C CD  . PRO A 1 169 ? -13.540 6.396   3.701   1.00 34.86  ? 169 PRO A CD  1 
ATOM   1304 N N   . SER A 1 170 ? -15.560 6.803   7.984   1.00 47.20  ? 170 SER A N   1 
ATOM   1305 C CA  . SER A 1 170 ? -16.515 7.650   8.759   1.00 56.61  ? 170 SER A CA  1 
ATOM   1306 C C   . SER A 1 170 ? -16.174 9.135   8.714   1.00 62.48  ? 170 SER A C   1 
ATOM   1307 O O   . SER A 1 170 ? -16.972 9.957   8.256   1.00 64.56  ? 170 SER A O   1 
ATOM   1308 C CB  . SER A 1 170 ? -16.568 7.186   10.219  1.00 61.55  ? 170 SER A CB  1 
ATOM   1309 O OG  . SER A 1 170 ? -15.877 5.953   10.407  1.00 62.55  ? 170 SER A OG  1 
ATOM   1310 N N   . SER A 1 171 ? -14.961 9.446   9.162   1.00 67.53  ? 171 SER A N   1 
ATOM   1311 C CA  . SER A 1 171 ? -14.295 10.756  8.980   1.00 70.89  ? 171 SER A CA  1 
ATOM   1312 C C   . SER A 1 171 ? -14.714 11.560  7.746   1.00 69.06  ? 171 SER A C   1 
ATOM   1313 O O   . SER A 1 171 ? -15.068 12.727  7.861   1.00 74.31  ? 171 SER A O   1 
ATOM   1314 C CB  . SER A 1 171 ? -12.782 10.526  8.918   1.00 71.69  ? 171 SER A CB  1 
ATOM   1315 O OG  . SER A 1 171 ? -12.462 9.253   9.472   1.00 79.02  ? 171 SER A OG  1 
ATOM   1316 N N   . PHE A 1 172 ? -14.706 10.923  6.579   1.00 65.22  ? 172 PHE A N   1 
ATOM   1317 C CA  . PHE A 1 172 ? -14.895 11.626  5.295   1.00 68.24  ? 172 PHE A CA  1 
ATOM   1318 C C   . PHE A 1 172 ? -16.359 12.039  4.967   1.00 77.91  ? 172 PHE A C   1 
ATOM   1319 O O   . PHE A 1 172 ? -17.268 11.192  4.988   1.00 73.67  ? 172 PHE A O   1 
ATOM   1320 C CB  . PHE A 1 172 ? -14.293 10.786  4.153   1.00 59.38  ? 172 PHE A CB  1 
ATOM   1321 C CG  . PHE A 1 172 ? -12.774 10.595  4.242   1.00 58.69  ? 172 PHE A CG  1 
ATOM   1322 C CD1 . PHE A 1 172 ? -12.012 11.052  5.345   1.00 55.89  ? 172 PHE A CD1 1 
ATOM   1323 C CD2 . PHE A 1 172 ? -12.095 9.949   3.205   1.00 53.54  ? 172 PHE A CD2 1 
ATOM   1324 C CE1 . PHE A 1 172 ? -10.645 10.867  5.392   1.00 51.62  ? 172 PHE A CE1 1 
ATOM   1325 C CE2 . PHE A 1 172 ? -10.725 9.768   3.261   1.00 50.65  ? 172 PHE A CE2 1 
ATOM   1326 C CZ  . PHE A 1 172 ? -9.998  10.229  4.352   1.00 48.64  ? 172 PHE A CZ  1 
ATOM   1327 N N   . ALA A 1 173 ? -16.544 13.346  4.670   1.00 89.26  ? 173 ALA A N   1 
ATOM   1328 C CA  . ALA A 1 173 ? -17.840 13.987  4.310   1.00 84.49  ? 173 ALA A CA  1 
ATOM   1329 C C   . ALA A 1 173 ? -17.797 14.556  2.885   1.00 78.82  ? 173 ALA A C   1 
ATOM   1330 O O   . ALA A 1 173 ? -18.497 14.082  1.990   1.00 69.54  ? 173 ALA A O   1 
ATOM   1331 C CB  . ALA A 1 173 ? -18.182 15.105  5.298   1.00 78.85  ? 173 ALA A CB  1 
HETATM 1332 C C1  . EDO B 2 .   ? 14.663  -15.456 -4.922  1.00 51.49  ? 201 EDO A C1  1 
HETATM 1333 O O1  . EDO B 2 .   ? 14.856  -14.120 -5.389  1.00 43.63  ? 201 EDO A O1  1 
HETATM 1334 C C2  . EDO B 2 .   ? 14.725  -16.428 -6.088  1.00 56.48  ? 201 EDO A C2  1 
HETATM 1335 O O2  . EDO B 2 .   ? 13.409  -16.604 -6.583  1.00 59.18  ? 201 EDO A O2  1 
HETATM 1336 C C1  . EDO C 2 .   ? 11.606  -1.770  -8.369  1.00 47.29  ? 202 EDO A C1  1 
HETATM 1337 O O1  . EDO C 2 .   ? 12.822  -1.651  -9.104  1.00 54.17  ? 202 EDO A O1  1 
HETATM 1338 C C2  . EDO C 2 .   ? 11.538  -3.232  -7.971  1.00 44.75  ? 202 EDO A C2  1 
HETATM 1339 O O2  . EDO C 2 .   ? 11.179  -3.961  -9.145  1.00 43.27  ? 202 EDO A O2  1 
HETATM 1340 N N1  . GQP D 3 .   ? -11.929 4.746   -4.012  0.52 38.72  ? 203 GQP A N1  1 
HETATM 1341 C C4  . GQP D 3 .   ? -11.340 2.870   -5.174  0.52 35.23  ? 203 GQP A C4  1 
HETATM 1342 C C5  . GQP D 3 .   ? -11.144 3.598   -3.995  0.52 36.98  ? 203 GQP A C5  1 
HETATM 1343 C C6  . GQP D 3 .   ? -10.260 3.134   -3.020  0.52 34.70  ? 203 GQP A C6  1 
HETATM 1344 C C7  . GQP D 3 .   ? -12.555 4.697   -5.167  0.52 40.18  ? 203 GQP A C7  1 
HETATM 1345 C C8  . GQP D 3 .   ? -12.809 3.275   -7.251  0.52 45.22  ? 203 GQP A C8  1 
HETATM 1346 C C10 . GQP D 3 .   ? -10.995 2.054   -8.513  0.52 51.25  ? 203 GQP A C10 1 
HETATM 1347 C C13 . GQP D 3 .   ? -12.388 -0.324  -8.421  0.52 49.79  ? 203 GQP A C13 1 
HETATM 1348 C C1  . GQP D 3 .   ? -9.603  1.951   -3.259  0.52 33.95  ? 203 GQP A C1  1 
HETATM 1349 C C11 . GQP D 3 .   ? -10.442 0.919   -9.084  0.52 48.53  ? 203 GQP A C11 1 
HETATM 1350 C C12 . GQP D 3 .   ? -11.162 -0.236  -9.023  0.52 50.38  ? 203 GQP A C12 1 
HETATM 1351 C C14 . GQP D 3 .   ? -12.908 0.830   -7.853  0.52 48.51  ? 203 GQP A C14 1 
HETATM 1352 C C2  . GQP D 3 .   ? -9.816  1.232   -4.429  0.52 33.06  ? 203 GQP A C2  1 
HETATM 1353 C C3  . GQP D 3 .   ? -10.674 1.673   -5.412  0.52 34.71  ? 203 GQP A C3  1 
HETATM 1354 C C9  . GQP D 3 .   ? -12.228 2.030   -7.889  0.52 46.83  ? 203 GQP A C9  1 
HETATM 1355 F F1  . GQP D 3 .   ? -10.618 -1.347  -9.581  0.52 56.34  ? 203 GQP A F1  1 
HETATM 1356 N N2  . GQP D 3 .   ? -12.251 3.600   -5.930  0.52 39.40  ? 203 GQP A N2  1 
HETATM 1357 N N1  . GQP E 3 .   ? 19.549  -5.424  11.981  0.68 29.60  ? 204 GQP A N1  1 
HETATM 1358 C C4  . GQP E 3 .   ? 17.846  -3.975  11.541  0.68 32.78  ? 204 GQP A C4  1 
HETATM 1359 C C5  . GQP E 3 .   ? 18.169  -5.293  11.878  0.68 33.54  ? 204 GQP A C5  1 
HETATM 1360 C C6  . GQP E 3 .   ? 17.155  -6.231  12.052  0.68 31.59  ? 204 GQP A C6  1 
HETATM 1361 C C7  . GQP E 3 .   ? 20.021  -4.232  11.700  0.68 31.88  ? 204 GQP A C7  1 
HETATM 1362 C C8  . GQP E 3 .   ? 19.204  -1.905  11.118  0.68 32.28  ? 204 GQP A C8  1 
HETATM 1363 C C10 . GQP E 3 .   ? 18.133  -0.915  9.082   0.68 42.08  ? 204 GQP A C10 1 
HETATM 1364 C C13 . GQP E 3 .   ? 19.744  -2.440  7.415   0.68 36.86  ? 204 GQP A C13 1 
HETATM 1365 C C1  . GQP E 3 .   ? 15.865  -5.800  11.857  0.68 28.06  ? 204 GQP A C1  1 
HETATM 1366 C C11 . GQP E 3 .   ? 18.018  -0.790  7.709   0.68 45.54  ? 204 GQP A C11 1 
HETATM 1367 C C12 . GQP E 3 .   ? 18.823  -1.570  6.924   0.68 41.39  ? 204 GQP A C12 1 
HETATM 1368 C C14 . GQP E 3 .   ? 19.849  -2.548  8.788   0.68 37.48  ? 204 GQP A C14 1 
HETATM 1369 C C2  . GQP E 3 .   ? 15.570  -4.485  11.498  0.68 26.19  ? 204 GQP A C2  1 
HETATM 1370 C C3  . GQP E 3 .   ? 16.547  -3.534  11.360  0.68 27.47  ? 204 GQP A C3  1 
HETATM 1371 C C9  . GQP E 3 .   ? 19.070  -1.772  9.628   0.68 38.62  ? 204 GQP A C9  1 
HETATM 1372 F F1  . GQP E 3 .   ? 18.713  -1.447  5.578   0.68 48.26  ? 204 GQP A F1  1 
HETATM 1373 N N2  . GQP E 3 .   ? 19.054  -3.302  11.478  0.68 33.60  ? 204 GQP A N2  1 
HETATM 1374 O O   . HOH F 4 .   ? 19.683  -6.462  12.930  1.00 66.91  ? 301 HOH A O   1 
HETATM 1375 O O   . HOH F 4 .   ? -8.774  12.472  -2.396  1.00 40.60  ? 302 HOH A O   1 
HETATM 1376 O O   . HOH F 4 .   ? -3.347  -8.190  13.476  1.00 43.91  ? 303 HOH A O   1 
HETATM 1377 O O   . HOH F 4 .   ? -9.075  17.423  12.041  1.00 43.84  ? 304 HOH A O   1 
HETATM 1378 O O   . HOH F 4 .   ? 15.435  -4.927  13.587  1.00 134.90 ? 305 HOH A O   1 
HETATM 1379 O O   . HOH F 4 .   ? -3.232  -15.077 -12.246 1.00 54.30  ? 306 HOH A O   1 
HETATM 1380 O O   . HOH F 4 .   ? -17.447 -0.863  8.570   1.00 45.70  ? 307 HOH A O   1 
HETATM 1381 O O   . HOH F 4 .   ? -10.500 -3.559  10.843  1.00 31.04  ? 308 HOH A O   1 
HETATM 1382 O O   . HOH F 4 .   ? 3.591   8.829   10.919  1.00 47.13  ? 309 HOH A O   1 
HETATM 1383 O O   . HOH F 4 .   ? 15.415  1.979   3.397   1.00 41.88  ? 310 HOH A O   1 
HETATM 1384 O O   . HOH F 4 .   ? 4.268   9.488   -13.237 1.00 51.28  ? 311 HOH A O   1 
HETATM 1385 O O   . HOH F 4 .   ? -18.828 -1.862  0.014   1.00 36.35  ? 312 HOH A O   1 
HETATM 1386 O O   . HOH F 4 .   ? 7.037   -12.435 4.801   1.00 28.66  ? 313 HOH A O   1 
HETATM 1387 O O   . HOH F 4 .   ? 10.332  11.669  2.367   1.00 62.90  ? 314 HOH A O   1 
HETATM 1388 O O   . HOH F 4 .   ? 23.327  -1.465  -1.632  1.00 38.05  ? 315 HOH A O   1 
HETATM 1389 O O   . HOH F 4 .   ? 3.515   -8.315  8.546   1.00 40.27  ? 316 HOH A O   1 
HETATM 1390 O O   . HOH F 4 .   ? 15.374  -4.267  3.162   1.00 27.47  ? 317 HOH A O   1 
HETATM 1391 O O   . HOH F 4 .   ? 3.289   -8.088  -15.064 1.00 37.38  ? 318 HOH A O   1 
HETATM 1392 O O   . HOH F 4 .   ? 20.317  -0.049  -0.062  1.00 42.58  ? 319 HOH A O   1 
HETATM 1393 O O   . HOH F 4 .   ? 14.231  5.209   4.952   1.00 62.97  ? 320 HOH A O   1 
HETATM 1394 O O   . HOH F 4 .   ? 4.557   -2.736  -0.530  1.00 33.57  ? 321 HOH A O   1 
HETATM 1395 O O   . HOH F 4 .   ? -14.618 -0.626  6.403   1.00 26.82  ? 322 HOH A O   1 
HETATM 1396 O O   . HOH F 4 .   ? 10.891  -5.041  8.273   1.00 26.29  ? 323 HOH A O   1 
HETATM 1397 O O   . HOH F 4 .   ? 12.709  -6.046  -8.651  1.00 49.86  ? 324 HOH A O   1 
HETATM 1398 O O   . HOH F 4 .   ? -7.831  8.951   -8.824  1.00 81.73  ? 325 HOH A O   1 
HETATM 1399 O O   . HOH F 4 .   ? 14.321  4.256   -3.950  1.00 41.76  ? 326 HOH A O   1 
HETATM 1400 O O   . HOH F 4 .   ? 17.343  -10.462 6.635   1.00 30.35  ? 327 HOH A O   1 
HETATM 1401 O O   . HOH F 4 .   ? 7.476   -10.948 -15.802 1.00 40.40  ? 328 HOH A O   1 
HETATM 1402 O O   . HOH F 4 .   ? 15.051  -2.559  -7.976  1.00 51.33  ? 329 HOH A O   1 
HETATM 1403 O O   . HOH F 4 .   ? 9.236   -0.191  -10.682 1.00 42.92  ? 330 HOH A O   1 
HETATM 1404 O O   . HOH F 4 .   ? 2.459   9.533   -15.010 1.00 60.04  ? 331 HOH A O   1 
HETATM 1405 O O   . HOH F 4 .   ? -1.922  -6.590  11.454  1.00 59.10  ? 332 HOH A O   1 
HETATM 1406 O O   . HOH F 4 .   ? -13.431 7.483   0.100   1.00 35.99  ? 333 HOH A O   1 
HETATM 1407 O O   . HOH F 4 .   ? -15.128 -6.205  4.425   1.00 22.27  ? 334 HOH A O   1 
HETATM 1408 O O   . HOH F 4 .   ? 6.501   9.573   -6.419  1.00 36.36  ? 335 HOH A O   1 
HETATM 1409 O O   . HOH F 4 .   ? -5.352  1.107   8.472   1.00 23.44  ? 336 HOH A O   1 
HETATM 1410 O O   . HOH F 4 .   ? -1.914  10.847  -15.827 1.00 73.50  ? 337 HOH A O   1 
HETATM 1411 O O   . HOH F 4 .   ? -7.336  -13.400 -7.240  1.00 37.13  ? 338 HOH A O   1 
HETATM 1412 O O   . HOH F 4 .   ? 5.173   -2.410  14.610  1.00 36.25  ? 339 HOH A O   1 
HETATM 1413 O O   . HOH F 4 .   ? -4.226  11.846  -14.885 1.00 58.68  ? 340 HOH A O   1 
HETATM 1414 O O   . HOH F 4 .   ? 1.715   -4.853  10.487  1.00 33.01  ? 341 HOH A O   1 
HETATM 1415 O O   . HOH F 4 .   ? 2.820   3.793   13.456  1.00 50.30  ? 342 HOH A O   1 
HETATM 1416 O O   . HOH F 4 .   ? 19.107  -13.401 -0.811  1.00 56.78  ? 343 HOH A O   1 
HETATM 1417 O O   . HOH F 4 .   ? 8.328   1.687   6.572   1.00 35.39  ? 344 HOH A O   1 
HETATM 1418 O O   . HOH F 4 .   ? 5.842   5.301   10.706  1.00 32.32  ? 345 HOH A O   1 
HETATM 1419 O O   . HOH F 4 .   ? 13.290  7.983   -2.347  1.00 59.20  ? 346 HOH A O   1 
HETATM 1420 O O   . HOH F 4 .   ? -0.153  7.952   13.208  1.00 32.81  ? 347 HOH A O   1 
HETATM 1421 O O   . HOH F 4 .   ? -17.806 -11.601 4.470   1.00 25.23  ? 348 HOH A O   1 
HETATM 1422 O O   . HOH F 4 .   ? 14.936  -3.822  -5.261  1.00 25.10  ? 349 HOH A O   1 
HETATM 1423 O O   . HOH F 4 .   ? -9.383  3.671   12.860  1.00 35.44  ? 350 HOH A O   1 
HETATM 1424 O O   . HOH F 4 .   ? 16.087  -10.915 -5.146  1.00 52.26  ? 351 HOH A O   1 
HETATM 1425 O O   . HOH F 4 .   ? -15.308 -2.995  5.077   1.00 26.13  ? 352 HOH A O   1 
HETATM 1426 O O   . HOH F 4 .   ? -19.045 -7.992  11.280  1.00 61.43  ? 353 HOH A O   1 
HETATM 1427 O O   . HOH F 4 .   ? 17.601  -4.397  -4.761  1.00 38.81  ? 354 HOH A O   1 
HETATM 1428 O O   . HOH F 4 .   ? 19.583  -5.625  -6.210  1.00 27.60  ? 355 HOH A O   1 
HETATM 1429 O O   . HOH F 4 .   ? 6.671   0.402   -10.540 1.00 40.08  ? 356 HOH A O   1 
HETATM 1430 O O   . HOH F 4 .   ? -14.814 6.256   -1.824  1.00 37.70  ? 357 HOH A O   1 
HETATM 1431 O O   . HOH F 4 .   ? -19.546 3.381   2.610   1.00 27.10  ? 358 HOH A O   1 
HETATM 1432 O O   . HOH F 4 .   ? -3.844  14.180  -5.908  1.00 53.41  ? 359 HOH A O   1 
HETATM 1433 O O   . HOH F 4 .   ? 7.414   8.057   8.999   1.00 41.14  ? 360 HOH A O   1 
HETATM 1434 O O   . HOH F 4 .   ? 13.229  -1.360  4.251   1.00 29.19  ? 361 HOH A O   1 
HETATM 1435 O O   . HOH F 4 .   ? 9.394   -10.170 -10.607 1.00 44.20  ? 362 HOH A O   1 
HETATM 1436 O O   . HOH F 4 .   ? -3.354  2.958   8.887   1.00 21.84  ? 363 HOH A O   1 
HETATM 1437 O O   . HOH F 4 .   ? 2.538   -18.140 -14.341 1.00 50.17  ? 364 HOH A O   1 
HETATM 1438 O O   . HOH F 4 .   ? 10.449  -16.712 -10.515 1.00 41.77  ? 365 HOH A O   1 
HETATM 1439 O O   . HOH F 4 .   ? -0.801  -13.396 -18.743 1.00 64.86  ? 366 HOH A O   1 
HETATM 1440 O O   . HOH F 4 .   ? -2.194  -1.176  -10.721 1.00 43.93  ? 367 HOH A O   1 
HETATM 1441 O O   . HOH F 4 .   ? 18.132  -12.152 -2.435  1.00 51.61  ? 368 HOH A O   1 
HETATM 1442 O O   . HOH F 4 .   ? -4.649  -2.061  -10.678 1.00 57.24  ? 369 HOH A O   1 
HETATM 1443 O O   . HOH F 4 .   ? -5.724  1.116   15.969  1.00 66.48  ? 370 HOH A O   1 
HETATM 1444 O O   . HOH F 4 .   ? -1.068  -9.756  11.607  1.00 42.40  ? 371 HOH A O   1 
HETATM 1445 O O   . HOH F 4 .   ? 14.764  -11.058 7.181   1.00 39.85  ? 372 HOH A O   1 
HETATM 1446 O O   . HOH F 4 .   ? -11.068 9.318   -0.659  1.00 42.09  ? 373 HOH A O   1 
HETATM 1447 O O   . HOH F 4 .   ? -19.644 3.997   -2.377  1.00 60.70  ? 374 HOH A O   1 
HETATM 1448 O O   . HOH F 4 .   ? 4.223   -5.067  1.347   1.00 36.02  ? 375 HOH A O   1 
HETATM 1449 O O   . HOH F 4 .   ? 0.283   -9.685  3.038   1.00 32.63  ? 376 HOH A O   1 
HETATM 1450 O O   . HOH F 4 .   ? 1.883   -11.072 5.032   1.00 45.23  ? 377 HOH A O   1 
HETATM 1451 O O   . HOH F 4 .   ? 21.800  -1.571  11.436  1.00 67.29  ? 378 HOH A O   1 
HETATM 1452 O O   . HOH F 4 .   ? -3.040  -4.735  11.662  1.00 58.21  ? 379 HOH A O   1 
HETATM 1453 O O   . HOH F 4 .   ? 5.365   -19.706 -14.181 1.00 58.52  ? 380 HOH A O   1 
HETATM 1454 O O   . HOH F 4 .   ? -9.618  8.572   -8.254  1.00 52.38  ? 381 HOH A O   1 
HETATM 1455 O O   . HOH F 4 .   ? 5.621   -0.177  -12.728 1.00 47.22  ? 382 HOH A O   1 
HETATM 1456 O O   . HOH F 4 .   ? -17.860 8.161   -8.196  1.00 71.81  ? 383 HOH A O   1 
HETATM 1457 O O   . HOH F 4 .   ? 14.092  4.956   1.678   1.00 45.97  ? 384 HOH A O   1 
HETATM 1458 O O   . HOH F 4 .   ? 0.909   2.805   15.109  1.00 46.54  ? 385 HOH A O   1 
HETATM 1459 O O   . HOH F 4 .   ? 14.547  6.025   -1.416  1.00 54.58  ? 386 HOH A O   1 
HETATM 1460 O O   . HOH F 4 .   ? 3.358   14.855  2.710   1.00 55.92  ? 387 HOH A O   1 
HETATM 1461 O O   . HOH F 4 .   ? 14.017  -6.529  -6.964  1.00 40.88  ? 388 HOH A O   1 
# 
